data_8HWG
#
_entry.id   8HWG
#
_cell.length_a   1.00
_cell.length_b   1.00
_cell.length_c   1.00
_cell.angle_alpha   90.00
_cell.angle_beta   90.00
_cell.angle_gamma   90.00
#
_symmetry.space_group_name_H-M   'P 1'
#
loop_
_entity.id
_entity.type
_entity.pdbx_description
1 polymer 'Primase D5'
2 polymer "DNA (5'-D(P*TP*TP*TP*TP*TP*T)-3')"
3 non-polymer 'PHOSPHOTHIOPHOSPHORIC ACID-ADENYLATE ESTER'
4 non-polymer 'MAGNESIUM ION'
5 non-polymer "ADENOSINE-5'-DIPHOSPHATE"
#
loop_
_entity_poly.entity_id
_entity_poly.type
_entity_poly.pdbx_seq_one_letter_code
_entity_poly.pdbx_strand_id
1 'polypeptide(L)'
;MDAAIRGNDVIFVLKTIGVPSACRQNEDPRFVEAFKCDELERYIDNNPECTLFESLRDEEAYSIVRIFMDVDLDACLDEI
DYLTAIQDFIIEVSNCVARFAFTECGAIHENVIKSMRSNFSLTKSTNRDKTSFHIIFLDTYTTMDTLIAMKRTLLELSRS
SENPLTRSIDTAVYRRKTTLRVVGTRKNPNCDTIHVMQPPHDNIEDYLFTYVDMNNNSYYFSLQRRLEDLVPDKLWEPGF
ISFEDAIKRVSKIFINSIINFNDLDENNFTTVPLVIDYVTPCALCKKRSHKHPHQLSLENGAIRIYKTGNPHSCKVKIVP
LDGNKLFNIAQRILDTNSVLLTERGDHIVWINNSWKFNSEEPLITKLILSIRHQLPKEYSSELLCPRKRKTVEANIRDML
VDSVETDTYPDKLPFKNGVLDLVDGMFYSGDDAKKYTCTVSTGFKFDDTKFVEDSPEMEELMNIINDIQPLTDENKKNRE
LYEKTLSSCLCGATKGCLTFFFGETATGKSTTKRLLKSAIGDLFVETGQTILTDVLDKGPNPFIANMHLKRSVFCSELPD
FACSGSKKIRSDNIKKLTEPCVIGRPCFSNKINNRNHATIIIDTNYKPVFDRIDNALMRRIAVVRFRTHFSQPSGREAAE
NNDAYDKVKLLDEGLDGKIQNNRYRFAFLYLLVKWYKKYHIPIMKLYPTPEEIPDFAFYLKIGTLLVSSSVKHIPLMTDL
SKKGYILYDNVVTLPLTTFQQKISKYFNSRLFGHDIESFINRHKKFANVSDEYLQYIFIEDISSP
;
C,B,D,A,F,E
2 'polydeoxyribonucleotide' (DT)(DT)(DT)(DT)(DT)(DT) S
#
# COMPACT_ATOMS: atom_id res chain seq x y z
N GLY A 323 -28.67 -22.08 34.84
CA GLY A 323 -27.46 -22.06 35.65
C GLY A 323 -26.32 -21.33 34.98
N ASN A 324 -25.49 -22.09 34.25
CA ASN A 324 -24.36 -21.51 33.52
C ASN A 324 -23.42 -20.75 34.44
N LYS A 325 -22.68 -21.49 35.27
CA LYS A 325 -21.69 -20.84 36.13
C LYS A 325 -20.71 -19.99 35.33
N LEU A 326 -20.46 -20.35 34.06
CA LEU A 326 -19.64 -19.50 33.22
C LEU A 326 -20.32 -18.18 32.88
N PHE A 327 -21.65 -18.12 32.97
CA PHE A 327 -22.39 -16.87 32.83
C PHE A 327 -22.44 -16.08 34.13
N ASN A 328 -22.58 -16.78 35.26
CA ASN A 328 -22.56 -16.13 36.56
C ASN A 328 -21.19 -15.52 36.84
N ILE A 329 -20.11 -16.16 36.37
CA ILE A 329 -18.78 -15.59 36.54
C ILE A 329 -18.67 -14.26 35.80
N ALA A 330 -19.15 -14.23 34.55
CA ALA A 330 -19.13 -12.99 33.79
C ALA A 330 -19.97 -11.91 34.43
N GLN A 331 -21.15 -12.29 34.94
CA GLN A 331 -22.01 -11.32 35.61
C GLN A 331 -21.38 -10.80 36.90
N ARG A 332 -20.62 -11.64 37.61
CA ARG A 332 -19.94 -11.21 38.82
C ARG A 332 -18.77 -10.29 38.50
N ILE A 333 -18.03 -10.58 37.44
CA ILE A 333 -16.94 -9.70 37.03
C ILE A 333 -17.49 -8.35 36.58
N LEU A 334 -18.64 -8.35 35.89
CA LEU A 334 -19.21 -7.11 35.41
C LEU A 334 -19.74 -6.20 36.52
N ASP A 335 -19.89 -6.72 37.73
CA ASP A 335 -20.36 -5.90 38.85
C ASP A 335 -19.23 -5.21 39.61
N THR A 336 -17.99 -5.66 39.43
CA THR A 336 -16.85 -4.97 40.05
C THR A 336 -16.38 -3.78 39.24
N ASN A 337 -16.94 -3.57 38.04
CA ASN A 337 -16.57 -2.47 37.16
C ASN A 337 -15.07 -2.49 36.84
N SER A 338 -14.62 -3.65 36.36
CA SER A 338 -13.24 -3.87 36.00
C SER A 338 -13.01 -3.88 34.48
N VAL A 339 -14.07 -3.88 33.69
CA VAL A 339 -13.98 -3.80 32.24
C VAL A 339 -14.90 -2.68 31.77
N LEU A 340 -14.40 -1.82 30.89
CA LEU A 340 -15.19 -0.73 30.35
C LEU A 340 -14.97 -0.64 28.85
N LEU A 341 -15.94 -0.02 28.17
CA LEU A 341 -15.88 0.20 26.73
C LEU A 341 -15.78 1.69 26.46
N THR A 342 -14.78 2.09 25.67
CA THR A 342 -14.50 3.49 25.44
C THR A 342 -15.18 3.99 24.18
N GLU A 343 -15.08 5.30 23.94
CA GLU A 343 -15.73 5.94 22.80
C GLU A 343 -15.01 5.67 21.49
N ARG A 344 -13.73 5.31 21.52
CA ARG A 344 -13.00 4.95 20.32
C ARG A 344 -13.13 3.47 19.96
N GLY A 345 -13.80 2.69 20.79
CA GLY A 345 -13.98 1.27 20.54
C GLY A 345 -13.06 0.34 21.29
N ASP A 346 -12.25 0.84 22.20
CA ASP A 346 -11.34 0.00 22.97
C ASP A 346 -12.02 -0.52 24.23
N HIS A 347 -11.55 -1.67 24.69
CA HIS A 347 -11.96 -2.26 25.96
C HIS A 347 -10.82 -2.06 26.95
N ILE A 348 -11.07 -1.29 28.00
CA ILE A 348 -10.06 -1.01 29.02
C ILE A 348 -10.35 -1.86 30.24
N VAL A 349 -9.32 -2.50 30.77
CA VAL A 349 -9.43 -3.35 31.95
C VAL A 349 -8.58 -2.75 33.06
N TRP A 350 -8.82 -3.23 34.28
CA TRP A 350 -8.20 -2.69 35.48
C TRP A 350 -7.34 -3.77 36.11
N ILE A 351 -6.04 -3.75 35.79
CA ILE A 351 -5.09 -4.74 36.28
C ILE A 351 -3.96 -4.02 37.00
N ASN A 352 -3.64 -4.47 38.21
CA ASN A 352 -2.49 -3.98 38.97
C ASN A 352 -2.55 -2.47 39.19
N ASN A 353 -3.71 -1.97 39.61
CA ASN A 353 -3.91 -0.56 39.89
C ASN A 353 -3.63 0.32 38.67
N SER A 354 -4.13 -0.12 37.51
CA SER A 354 -3.88 0.60 36.27
C SER A 354 -4.93 0.20 35.24
N TRP A 355 -5.37 1.16 34.44
CA TRP A 355 -6.24 0.90 33.30
C TRP A 355 -5.39 0.66 32.07
N LYS A 356 -5.51 -0.53 31.48
CA LYS A 356 -4.69 -0.92 30.34
C LYS A 356 -5.58 -1.35 29.17
N PHE A 357 -5.02 -1.26 27.97
CA PHE A 357 -5.70 -1.75 26.79
C PHE A 357 -4.67 -2.06 25.71
N ASN A 358 -5.10 -2.80 24.70
CA ASN A 358 -4.25 -3.19 23.58
C ASN A 358 -5.16 -3.40 22.37
N SER A 359 -5.09 -2.46 21.42
CA SER A 359 -6.06 -2.45 20.33
C SER A 359 -5.99 -3.69 19.46
N GLU A 360 -4.78 -4.20 19.19
CA GLU A 360 -4.63 -5.36 18.33
C GLU A 360 -5.04 -6.64 19.06
N GLU A 361 -4.64 -6.80 20.31
CA GLU A 361 -4.98 -7.98 21.11
C GLU A 361 -5.76 -7.57 22.35
N PRO A 362 -7.09 -7.71 22.35
CA PRO A 362 -7.86 -7.35 23.55
C PRO A 362 -7.51 -8.25 24.73
N LEU A 363 -7.03 -7.62 25.80
CA LEU A 363 -6.54 -8.33 26.98
C LEU A 363 -7.59 -8.39 28.08
N ILE A 364 -8.74 -8.96 27.74
CA ILE A 364 -9.78 -9.21 28.75
C ILE A 364 -9.50 -10.52 29.48
N THR A 365 -8.94 -11.52 28.79
CA THR A 365 -8.65 -12.80 29.42
C THR A 365 -7.53 -12.69 30.44
N LYS A 366 -6.63 -11.73 30.27
CA LYS A 366 -5.65 -11.42 31.31
C LYS A 366 -6.36 -11.04 32.60
N LEU A 367 -7.35 -10.15 32.51
CA LEU A 367 -8.11 -9.77 33.69
C LEU A 367 -8.91 -10.95 34.24
N ILE A 368 -9.47 -11.77 33.36
CA ILE A 368 -10.24 -12.92 33.83
C ILE A 368 -9.35 -13.86 34.64
N LEU A 369 -8.12 -14.07 34.19
CA LEU A 369 -7.21 -14.93 34.95
C LEU A 369 -6.72 -14.27 36.23
N SER A 370 -6.47 -12.96 36.21
CA SER A 370 -5.90 -12.29 37.37
C SER A 370 -6.92 -11.96 38.44
N ILE A 371 -8.22 -12.11 38.16
CA ILE A 371 -9.27 -11.74 39.11
C ILE A 371 -9.82 -12.95 39.86
N ARG A 372 -9.37 -14.16 39.53
CA ARG A 372 -9.98 -15.37 40.07
C ARG A 372 -9.82 -15.49 41.57
N HIS A 373 -8.83 -14.82 42.17
CA HIS A 373 -8.65 -14.92 43.62
C HIS A 373 -9.76 -14.23 44.39
N GLN A 374 -10.55 -13.37 43.76
CA GLN A 374 -11.67 -12.71 44.40
C GLN A 374 -12.99 -13.45 44.22
N LEU A 375 -13.01 -14.50 43.40
CA LEU A 375 -14.19 -15.32 43.23
C LEU A 375 -14.19 -16.46 44.25
N PRO A 376 -15.36 -17.02 44.57
CA PRO A 376 -15.42 -18.13 45.52
C PRO A 376 -14.67 -19.35 45.01
N LYS A 377 -14.57 -20.34 45.89
CA LYS A 377 -13.73 -21.52 45.61
C LYS A 377 -14.25 -22.29 44.40
N GLU A 378 -15.56 -22.47 44.28
CA GLU A 378 -16.11 -23.28 43.20
C GLU A 378 -16.02 -22.58 41.85
N TYR A 379 -15.80 -21.27 41.83
CA TYR A 379 -15.74 -20.53 40.59
C TYR A 379 -14.31 -20.36 40.08
N SER A 380 -13.37 -20.13 40.98
CA SER A 380 -11.99 -19.85 40.56
C SER A 380 -11.29 -21.06 39.97
N SER A 381 -11.82 -22.26 40.19
CA SER A 381 -11.19 -23.46 39.62
C SER A 381 -11.46 -23.60 38.14
N GLU A 382 -12.56 -23.03 37.64
CA GLU A 382 -12.93 -23.17 36.24
C GLU A 382 -12.21 -22.19 35.32
N LEU A 383 -11.38 -21.31 35.87
CA LEU A 383 -10.70 -20.28 35.09
C LEU A 383 -9.24 -20.62 34.81
N LEU A 384 -8.86 -21.88 35.01
CA LEU A 384 -7.55 -22.38 34.62
C LEU A 384 -7.54 -23.00 33.23
N CYS A 385 -8.70 -23.15 32.61
CA CYS A 385 -8.78 -23.65 31.24
C CYS A 385 -8.81 -22.49 30.27
N PRO A 386 -7.96 -22.49 29.23
CA PRO A 386 -7.99 -21.39 28.25
C PRO A 386 -9.22 -21.37 27.36
N ARG A 387 -10.03 -22.43 27.38
CA ARG A 387 -11.26 -22.44 26.59
C ARG A 387 -12.44 -21.85 27.33
N LYS A 388 -12.47 -21.97 28.66
CA LYS A 388 -13.54 -21.40 29.44
C LYS A 388 -13.38 -19.90 29.62
N ARG A 389 -12.14 -19.41 29.62
CA ARG A 389 -11.90 -17.98 29.65
C ARG A 389 -12.45 -17.30 28.40
N LYS A 390 -12.39 -17.97 27.25
CA LYS A 390 -12.96 -17.40 26.03
C LYS A 390 -14.49 -17.32 26.12
N THR A 391 -15.13 -18.32 26.72
CA THR A 391 -16.57 -18.26 26.92
C THR A 391 -16.94 -17.10 27.84
N VAL A 392 -16.22 -16.95 28.95
CA VAL A 392 -16.48 -15.84 29.87
C VAL A 392 -16.28 -14.51 29.15
N GLU A 393 -15.24 -14.42 28.34
CA GLU A 393 -14.96 -13.17 27.61
C GLU A 393 -16.04 -12.86 26.59
N ALA A 394 -16.56 -13.88 25.91
CA ALA A 394 -17.66 -13.66 24.97
C ALA A 394 -18.90 -13.14 25.69
N ASN A 395 -19.21 -13.73 26.85
CA ASN A 395 -20.34 -13.23 27.63
C ASN A 395 -20.12 -11.78 28.05
N ILE A 396 -18.91 -11.45 28.51
CA ILE A 396 -18.61 -10.08 28.91
C ILE A 396 -18.75 -9.13 27.74
N ARG A 397 -18.29 -9.54 26.56
CA ARG A 397 -18.42 -8.72 25.36
C ARG A 397 -19.89 -8.44 25.06
N ASP A 398 -20.74 -9.47 25.14
CA ASP A 398 -22.15 -9.26 24.87
C ASP A 398 -22.85 -8.43 25.94
N MET A 399 -22.32 -8.39 27.16
CA MET A 399 -22.98 -7.63 28.22
C MET A 399 -22.79 -6.13 28.09
N LEU A 400 -21.63 -5.68 27.62
CA LEU A 400 -21.30 -4.25 27.60
C LEU A 400 -21.93 -3.59 26.39
N VAL A 401 -22.76 -2.57 26.62
CA VAL A 401 -23.46 -1.87 25.55
C VAL A 401 -23.11 -0.39 25.51
N ASP A 402 -23.11 0.29 26.65
CA ASP A 402 -22.91 1.73 26.70
C ASP A 402 -21.44 2.07 26.84
N SER A 403 -21.04 3.18 26.22
CA SER A 403 -19.66 3.65 26.24
C SER A 403 -19.47 4.66 27.38
N VAL A 404 -18.19 4.91 27.70
CA VAL A 404 -17.83 5.89 28.71
C VAL A 404 -16.72 6.77 28.14
N GLU A 405 -16.57 7.95 28.73
CA GLU A 405 -15.52 8.88 28.35
C GLU A 405 -14.39 8.83 29.36
N THR A 406 -13.16 8.86 28.86
CA THR A 406 -11.97 8.67 29.67
C THR A 406 -11.12 9.94 29.68
N ASP A 407 -10.24 10.03 30.68
CA ASP A 407 -9.27 11.10 30.80
C ASP A 407 -9.95 12.48 30.87
N THR A 408 -10.74 12.67 31.92
CA THR A 408 -11.46 13.91 32.14
C THR A 408 -10.98 14.69 33.35
N TYR A 409 -9.92 14.22 34.00
CA TYR A 409 -9.36 14.89 35.17
C TYR A 409 -8.00 15.46 34.81
N PRO A 410 -7.87 16.78 34.63
CA PRO A 410 -6.58 17.33 34.20
C PRO A 410 -5.55 17.49 35.32
N ASP A 411 -5.95 17.44 36.59
CA ASP A 411 -5.06 17.71 37.71
C ASP A 411 -4.61 16.44 38.42
N LYS A 412 -4.65 15.30 37.74
CA LYS A 412 -4.20 14.03 38.29
C LYS A 412 -3.06 13.49 37.44
N LEU A 413 -2.13 12.79 38.08
CA LEU A 413 -0.96 12.24 37.40
C LEU A 413 -0.96 10.72 37.56
N PRO A 414 -1.20 9.97 36.49
CA PRO A 414 -1.27 8.51 36.63
C PRO A 414 0.09 7.83 36.59
N PHE A 415 0.30 6.88 37.49
CA PHE A 415 1.49 6.05 37.53
C PHE A 415 1.10 4.61 37.21
N LYS A 416 2.08 3.70 37.34
CA LYS A 416 1.80 2.30 37.09
C LYS A 416 1.12 1.61 38.27
N ASN A 417 1.05 2.26 39.44
CA ASN A 417 0.44 1.62 40.60
C ASN A 417 -0.46 2.58 41.38
N GLY A 418 -0.88 3.68 40.78
CA GLY A 418 -1.74 4.61 41.48
C GLY A 418 -1.80 5.94 40.74
N VAL A 419 -2.45 6.90 41.39
CA VAL A 419 -2.66 8.24 40.83
C VAL A 419 -2.25 9.25 41.87
N LEU A 420 -1.42 10.22 41.49
CA LEU A 420 -0.98 11.29 42.36
C LEU A 420 -1.84 12.52 42.13
N ASP A 421 -2.37 13.08 43.22
CA ASP A 421 -3.20 14.27 43.16
C ASP A 421 -2.31 15.51 43.30
N LEU A 422 -2.30 16.35 42.28
CA LEU A 422 -1.41 17.51 42.26
C LEU A 422 -1.92 18.66 43.13
N VAL A 423 -3.18 18.63 43.54
CA VAL A 423 -3.72 19.70 44.38
C VAL A 423 -3.10 19.67 45.76
N ASP A 424 -2.98 18.49 46.38
CA ASP A 424 -2.49 18.37 47.74
C ASP A 424 -1.32 17.40 47.87
N GLY A 425 -0.82 16.84 46.77
CA GLY A 425 0.31 15.95 46.85
C GLY A 425 0.03 14.60 47.47
N MET A 426 -1.23 14.17 47.49
CA MET A 426 -1.61 12.89 48.05
C MET A 426 -1.63 11.82 46.96
N PHE A 427 -1.15 10.63 47.33
CA PHE A 427 -1.07 9.49 46.41
C PHE A 427 -2.21 8.53 46.70
N TYR A 428 -2.97 8.18 45.68
CA TYR A 428 -4.09 7.26 45.80
C TYR A 428 -3.76 5.94 45.14
N SER A 429 -4.23 4.85 45.74
CA SER A 429 -4.03 3.51 45.21
C SER A 429 -5.32 2.72 45.38
N GLY A 430 -5.44 1.64 44.61
CA GLY A 430 -6.62 0.82 44.72
C GLY A 430 -7.85 1.53 44.21
N ASP A 431 -9.00 1.18 44.80
CA ASP A 431 -10.28 1.71 44.35
C ASP A 431 -10.34 3.22 44.43
N ASP A 432 -9.57 3.85 45.31
CA ASP A 432 -9.52 5.30 45.36
C ASP A 432 -8.98 5.87 44.06
N ALA A 433 -7.91 5.28 43.53
CA ALA A 433 -7.35 5.71 42.25
C ALA A 433 -7.96 4.96 41.09
N LYS A 434 -9.29 4.90 41.07
CA LYS A 434 -10.01 4.19 40.02
C LYS A 434 -11.17 4.98 39.44
N LYS A 435 -11.75 5.93 40.18
CA LYS A 435 -12.79 6.78 39.62
C LYS A 435 -12.23 7.79 38.63
N TYR A 436 -10.93 8.04 38.66
CA TYR A 436 -10.25 8.79 37.61
C TYR A 436 -9.88 7.80 36.52
N THR A 437 -10.69 7.73 35.47
CA THR A 437 -10.48 6.74 34.41
C THR A 437 -9.38 7.23 33.46
N CYS A 438 -8.17 7.31 34.01
CA CYS A 438 -7.01 7.61 33.20
C CYS A 438 -6.61 6.37 32.38
N THR A 439 -6.22 6.60 31.13
CA THR A 439 -5.77 5.53 30.27
C THR A 439 -4.30 5.65 29.89
N VAL A 440 -3.63 6.73 30.28
CA VAL A 440 -2.22 6.91 30.04
C VAL A 440 -1.49 6.76 31.38
N SER A 441 -0.17 6.66 31.30
CA SER A 441 0.62 6.43 32.50
C SER A 441 2.08 6.77 32.21
N THR A 442 2.86 6.89 33.28
CA THR A 442 4.30 7.11 33.15
C THR A 442 5.07 5.84 32.83
N GLY A 443 4.51 4.67 33.13
CA GLY A 443 5.17 3.41 32.86
C GLY A 443 6.04 2.89 33.98
N PHE A 444 6.22 3.64 35.06
CA PHE A 444 7.00 3.18 36.20
C PHE A 444 6.21 3.42 37.48
N LYS A 445 6.66 2.79 38.55
CA LYS A 445 5.97 2.85 39.83
C LYS A 445 6.38 4.09 40.61
N PHE A 446 5.59 4.43 41.62
CA PHE A 446 5.80 5.60 42.46
C PHE A 446 6.34 5.14 43.80
N ASP A 447 7.53 5.60 44.16
CA ASP A 447 8.15 5.28 45.44
C ASP A 447 8.01 6.47 46.37
N ASP A 448 7.47 6.24 47.56
CA ASP A 448 7.23 7.31 48.51
C ASP A 448 8.44 7.62 49.38
N THR A 449 9.49 6.80 49.32
CA THR A 449 10.69 7.07 50.09
C THR A 449 11.67 7.97 49.34
N LYS A 450 11.62 7.99 48.02
CA LYS A 450 12.46 8.84 47.20
C LYS A 450 11.79 10.17 46.84
N PHE A 451 10.55 10.37 47.27
CA PHE A 451 9.79 11.59 46.99
C PHE A 451 9.94 12.62 48.10
N VAL A 452 11.11 12.68 48.74
CA VAL A 452 11.34 13.55 49.87
C VAL A 452 11.93 14.88 49.39
N GLU A 453 11.77 15.90 50.21
CA GLU A 453 12.26 17.24 49.88
C GLU A 453 13.77 17.35 50.01
N ASP A 454 14.37 16.63 50.95
CA ASP A 454 15.80 16.76 51.24
C ASP A 454 16.50 15.43 50.99
N SER A 455 17.54 15.46 50.16
CA SER A 455 18.36 14.28 49.88
C SER A 455 19.60 14.75 49.14
N PRO A 456 20.67 13.95 49.13
CA PRO A 456 21.85 14.33 48.33
C PRO A 456 21.54 14.50 46.86
N GLU A 457 20.68 13.64 46.30
CA GLU A 457 20.28 13.81 44.91
C GLU A 457 19.56 15.13 44.71
N MET A 458 18.75 15.55 45.69
CA MET A 458 18.03 16.81 45.56
C MET A 458 18.99 17.99 45.52
N GLU A 459 20.03 18.00 46.36
CA GLU A 459 20.96 19.11 46.34
C GLU A 459 21.81 19.11 45.08
N GLU A 460 22.20 17.93 44.59
CA GLU A 460 22.89 17.88 43.30
C GLU A 460 22.01 18.43 42.18
N LEU A 461 20.73 18.04 42.17
CA LEU A 461 19.83 18.50 41.13
C LEU A 461 19.62 20.00 41.20
N MET A 462 19.49 20.55 42.41
CA MET A 462 19.31 21.98 42.56
C MET A 462 20.56 22.73 42.09
N ASN A 463 21.74 22.19 42.40
CA ASN A 463 22.97 22.82 41.89
C ASN A 463 23.03 22.78 40.38
N ILE A 464 22.57 21.70 39.75
CA ILE A 464 22.56 21.63 38.29
C ILE A 464 21.60 22.67 37.71
N ILE A 465 20.39 22.73 38.25
CA ILE A 465 19.37 23.61 37.69
C ILE A 465 19.73 25.07 37.89
N ASN A 466 20.30 25.42 39.05
CA ASN A 466 20.73 26.79 39.27
C ASN A 466 21.93 27.17 38.41
N ASP A 467 22.63 26.20 37.83
CA ASP A 467 23.67 26.49 36.86
C ASP A 467 23.10 26.70 35.47
N ILE A 468 22.10 25.89 35.09
CA ILE A 468 21.48 26.08 33.79
C ILE A 468 20.72 27.41 33.73
N GLN A 469 19.95 27.72 34.78
CA GLN A 469 19.21 28.97 34.86
C GLN A 469 19.52 29.65 36.19
N PRO A 470 20.48 30.56 36.22
CA PRO A 470 20.89 31.16 37.50
C PRO A 470 19.81 32.03 38.12
N LEU A 471 19.86 32.12 39.45
CA LEU A 471 18.89 32.89 40.22
C LEU A 471 19.36 34.33 40.44
N THR A 472 19.76 35.01 39.37
CA THR A 472 20.10 36.42 39.46
C THR A 472 18.82 37.25 39.45
N ASP A 473 18.95 38.56 39.29
CA ASP A 473 17.78 39.42 39.25
C ASP A 473 17.38 39.81 37.83
N GLU A 474 18.36 39.93 36.92
CA GLU A 474 18.02 40.12 35.52
C GLU A 474 17.44 38.86 34.89
N ASN A 475 17.92 37.70 35.32
CA ASN A 475 17.37 36.41 34.88
C ASN A 475 16.30 35.96 35.87
N LYS A 476 15.21 36.72 35.89
CA LYS A 476 14.11 36.47 36.81
C LYS A 476 12.81 36.13 36.11
N LYS A 477 12.47 36.84 35.04
CA LYS A 477 11.32 36.45 34.22
C LYS A 477 11.61 35.19 33.44
N ASN A 478 12.85 35.05 32.96
CA ASN A 478 13.24 33.85 32.22
C ASN A 478 13.13 32.61 33.10
N ARG A 479 13.62 32.70 34.34
CA ARG A 479 13.51 31.57 35.26
C ARG A 479 12.05 31.23 35.56
N GLU A 480 11.22 32.25 35.73
CA GLU A 480 9.80 32.01 35.99
C GLU A 480 9.13 31.32 34.82
N LEU A 481 9.41 31.76 33.59
CA LEU A 481 8.85 31.10 32.42
C LEU A 481 9.33 29.66 32.30
N TYR A 482 10.62 29.44 32.56
CA TYR A 482 11.20 28.11 32.57
C TYR A 482 10.45 27.19 33.52
N GLU A 483 10.27 27.64 34.76
CA GLU A 483 9.57 26.82 35.76
C GLU A 483 8.11 26.60 35.39
N LYS A 484 7.45 27.64 34.87
CA LYS A 484 6.04 27.52 34.52
C LYS A 484 5.84 26.48 33.42
N THR A 485 6.68 26.52 32.38
CA THR A 485 6.55 25.55 31.30
C THR A 485 6.83 24.13 31.79
N LEU A 486 7.93 23.95 32.54
CA LEU A 486 8.28 22.62 32.99
C LEU A 486 7.23 22.04 33.92
N SER A 487 6.61 22.88 34.75
CA SER A 487 5.55 22.38 35.64
C SER A 487 4.25 22.14 34.89
N SER A 488 3.96 22.93 33.86
CA SER A 488 2.75 22.70 33.08
C SER A 488 2.84 21.45 32.23
N CYS A 489 4.04 20.92 32.02
CA CYS A 489 4.16 19.62 31.34
C CYS A 489 3.50 18.48 32.12
N LEU A 490 2.88 18.78 33.26
CA LEU A 490 2.22 17.79 34.11
C LEU A 490 0.71 17.76 33.95
N CYS A 491 0.11 18.83 33.45
CA CYS A 491 -1.34 18.97 33.42
C CYS A 491 -1.93 18.28 32.20
N GLY A 492 -3.03 17.55 32.41
CA GLY A 492 -3.70 16.86 31.34
C GLY A 492 -4.84 17.66 30.72
N ALA A 493 -4.53 18.88 30.28
CA ALA A 493 -5.48 19.76 29.63
C ALA A 493 -4.82 20.34 28.39
N THR A 494 -5.53 21.25 27.72
CA THR A 494 -5.04 21.85 26.48
C THR A 494 -4.40 23.20 26.75
N LYS A 495 -3.26 23.44 26.12
CA LYS A 495 -2.51 24.68 26.27
C LYS A 495 -2.35 25.34 24.91
N GLY A 496 -2.72 26.61 24.82
CA GLY A 496 -2.38 27.35 23.62
C GLY A 496 -1.11 28.16 23.80
N CYS A 497 0.03 27.56 23.42
CA CYS A 497 1.34 28.20 23.41
C CYS A 497 2.39 27.23 22.89
N LEU A 498 3.47 27.76 22.33
CA LEU A 498 4.47 26.97 21.62
C LEU A 498 5.88 27.40 22.01
N THR A 499 6.17 27.38 23.32
CA THR A 499 7.46 27.82 23.85
C THR A 499 8.64 27.31 23.05
N PHE A 500 9.60 28.20 22.82
CA PHE A 500 10.84 27.92 22.09
C PHE A 500 12.00 27.96 23.06
N PHE A 501 12.77 26.87 23.12
CA PHE A 501 14.02 26.84 23.90
C PHE A 501 15.14 27.32 23.01
N PHE A 502 15.57 28.56 23.19
CA PHE A 502 16.54 29.18 22.30
C PHE A 502 17.84 29.47 23.06
N GLY A 503 18.95 29.13 22.44
CA GLY A 503 20.26 29.35 23.03
C GLY A 503 21.33 28.85 22.09
N GLU A 504 22.58 29.13 22.46
CA GLU A 504 23.72 28.73 21.66
C GLU A 504 24.12 27.29 22.00
N THR A 505 25.28 26.87 21.51
CA THR A 505 25.72 25.50 21.70
C THR A 505 26.24 25.27 23.11
N ALA A 506 25.95 24.09 23.64
CA ALA A 506 26.35 23.67 24.99
C ALA A 506 25.86 24.67 26.05
N THR A 507 24.53 24.81 26.10
CA THR A 507 23.89 25.67 27.08
C THR A 507 22.94 24.92 28.01
N GLY A 508 22.60 23.67 27.70
CA GLY A 508 21.82 22.86 28.62
C GLY A 508 20.39 22.60 28.22
N LYS A 509 20.09 22.64 26.93
CA LYS A 509 18.73 22.40 26.46
C LYS A 509 18.42 20.91 26.42
N SER A 510 19.33 20.12 25.85
CA SER A 510 19.15 18.67 25.82
C SER A 510 19.19 18.08 27.22
N THR A 511 19.98 18.67 28.13
CA THR A 511 20.00 18.20 29.50
C THR A 511 18.64 18.38 30.17
N THR A 512 18.01 19.53 29.97
CA THR A 512 16.67 19.76 30.50
C THR A 512 15.68 18.78 29.88
N LYS A 513 15.78 18.55 28.57
CA LYS A 513 14.88 17.63 27.90
C LYS A 513 15.03 16.21 28.46
N ARG A 514 16.26 15.77 28.68
CA ARG A 514 16.49 14.43 29.21
C ARG A 514 16.04 14.32 30.67
N LEU A 515 16.20 15.38 31.46
CA LEU A 515 15.66 15.37 32.81
C LEU A 515 14.15 15.23 32.81
N LEU A 516 13.47 15.98 31.94
CA LEU A 516 12.01 15.86 31.85
C LEU A 516 11.60 14.48 31.38
N LYS A 517 12.33 13.92 30.42
CA LYS A 517 12.10 12.55 29.98
C LYS A 517 12.15 11.58 31.15
N SER A 518 13.24 11.63 31.92
CA SER A 518 13.40 10.75 33.07
C SER A 518 12.31 10.97 34.11
N ALA A 519 11.85 12.20 34.26
CA ALA A 519 10.84 12.48 35.29
C ALA A 519 9.47 11.95 34.90
N ILE A 520 9.02 12.17 33.66
CA ILE A 520 7.62 11.87 33.33
C ILE A 520 7.45 10.65 32.44
N GLY A 521 8.52 9.92 32.12
CA GLY A 521 8.35 8.59 31.55
C GLY A 521 7.62 8.57 30.23
N ASP A 522 6.52 7.81 30.20
CA ASP A 522 5.77 7.52 28.97
C ASP A 522 4.87 8.65 28.51
N LEU A 523 4.62 9.65 29.35
CA LEU A 523 3.81 10.80 28.94
C LEU A 523 4.61 11.78 28.10
N PHE A 524 5.82 11.40 27.69
CA PHE A 524 6.73 12.23 26.92
C PHE A 524 6.92 11.59 25.55
N VAL A 525 6.82 12.39 24.49
CA VAL A 525 7.08 11.92 23.15
C VAL A 525 7.91 12.96 22.40
N GLU A 526 8.71 12.49 21.45
CA GLU A 526 9.51 13.33 20.60
C GLU A 526 9.15 13.03 19.15
N THR A 527 8.72 14.05 18.42
CA THR A 527 8.25 13.90 17.05
C THR A 527 9.22 14.58 16.09
N GLY A 528 8.92 14.46 14.80
CA GLY A 528 9.71 15.08 13.78
C GLY A 528 9.34 16.53 13.55
N GLN A 529 10.07 17.16 12.64
CA GLN A 529 9.86 18.56 12.32
C GLN A 529 8.83 18.78 11.22
N THR A 530 8.33 17.71 10.60
CA THR A 530 7.32 17.86 9.57
C THR A 530 5.98 18.34 10.11
N ILE A 531 5.78 18.26 11.44
CA ILE A 531 4.57 18.81 12.04
C ILE A 531 4.55 20.33 12.01
N LEU A 532 5.66 20.96 11.62
CA LEU A 532 5.75 22.41 11.57
C LEU A 532 5.90 22.96 10.16
N THR A 533 6.30 22.15 9.19
CA THR A 533 6.57 22.63 7.84
C THR A 533 5.76 21.93 6.77
N ASP A 534 5.05 20.86 7.08
CA ASP A 534 4.24 20.13 6.12
C ASP A 534 2.76 20.26 6.48
N VAL A 535 1.91 19.62 5.67
CA VAL A 535 0.49 19.53 5.98
C VAL A 535 0.26 18.30 6.84
N LEU A 536 -0.86 18.32 7.58
CA LEU A 536 -1.17 17.24 8.50
C LEU A 536 -2.26 16.31 7.99
N ASP A 537 -2.69 16.45 6.73
CA ASP A 537 -3.86 15.74 6.26
C ASP A 537 -3.69 15.05 4.91
N LYS A 538 -2.53 15.12 4.28
CA LYS A 538 -2.30 14.44 3.00
C LYS A 538 -1.83 13.02 3.29
N GLY A 539 -2.78 12.09 3.35
CA GLY A 539 -2.46 10.70 3.61
C GLY A 539 -2.18 10.46 5.09
N PRO A 540 -1.69 9.26 5.40
CA PRO A 540 -1.38 8.95 6.80
C PRO A 540 -0.21 9.75 7.32
N ASN A 541 -0.22 10.00 8.63
CA ASN A 541 0.82 10.79 9.28
C ASN A 541 0.97 10.31 10.72
N PRO A 542 1.74 9.26 10.95
CA PRO A 542 1.98 8.79 12.32
C PRO A 542 2.80 9.76 13.16
N PHE A 543 3.48 10.73 12.54
CA PHE A 543 4.22 11.72 13.31
C PHE A 543 3.30 12.66 14.08
N ILE A 544 2.07 12.84 13.63
CA ILE A 544 1.11 13.68 14.33
C ILE A 544 0.08 12.88 15.10
N ALA A 545 -0.25 11.66 14.65
CA ALA A 545 -1.23 10.83 15.34
C ALA A 545 -0.68 10.15 16.58
N ASN A 546 0.62 10.26 16.83
CA ASN A 546 1.24 9.66 18.01
C ASN A 546 1.23 10.60 19.21
N MET A 547 0.76 11.83 19.04
CA MET A 547 0.64 12.79 20.14
C MET A 547 -0.72 12.74 20.82
N HIS A 548 -1.43 11.62 20.70
CA HIS A 548 -2.74 11.48 21.33
C HIS A 548 -2.57 11.25 22.82
N LEU A 549 -3.10 12.18 23.62
CA LEU A 549 -3.09 12.12 25.09
C LEU A 549 -1.68 12.17 25.67
N LYS A 550 -0.70 12.67 24.92
CA LYS A 550 0.63 12.90 25.47
C LYS A 550 0.68 14.29 26.09
N ARG A 551 1.31 14.39 27.26
CA ARG A 551 1.35 15.64 27.99
C ARG A 551 2.56 16.49 27.68
N SER A 552 3.50 16.00 26.86
CA SER A 552 4.65 16.79 26.46
C SER A 552 5.16 16.27 25.13
N VAL A 553 5.43 17.19 24.20
CA VAL A 553 5.91 16.86 22.87
C VAL A 553 7.14 17.71 22.56
N PHE A 554 8.20 17.08 22.10
CA PHE A 554 9.44 17.77 21.74
C PHE A 554 9.70 17.65 20.25
N CYS A 555 10.30 18.70 19.69
CA CYS A 555 10.62 18.82 18.27
C CYS A 555 12.05 19.32 18.10
N SER A 556 12.97 18.63 18.74
CA SER A 556 14.32 19.13 18.98
C SER A 556 15.06 19.48 17.70
N GLU A 557 15.88 20.52 17.80
CA GLU A 557 16.93 20.87 16.83
C GLU A 557 16.34 21.18 15.45
N LEU A 558 15.57 22.25 15.44
CA LEU A 558 15.09 22.85 14.21
C LEU A 558 16.24 23.44 13.41
N PRO A 559 16.22 23.35 12.09
CA PRO A 559 17.35 23.80 11.27
C PRO A 559 17.37 25.32 11.11
N ASP A 560 18.30 25.78 10.28
CA ASP A 560 18.47 27.20 9.98
C ASP A 560 17.67 27.59 8.74
N PHE A 561 17.04 28.76 8.79
CA PHE A 561 16.19 29.23 7.71
C PHE A 561 16.83 30.30 6.85
N ALA A 562 18.03 30.76 7.20
CA ALA A 562 18.70 31.78 6.38
C ALA A 562 19.20 31.20 5.06
N CYS A 563 19.52 29.91 5.03
CA CYS A 563 20.01 29.29 3.82
C CYS A 563 18.88 29.12 2.80
N SER A 564 19.26 28.84 1.56
CA SER A 564 18.33 28.60 0.48
C SER A 564 18.02 27.10 0.41
N GLY A 565 16.75 26.77 0.20
CA GLY A 565 16.31 25.39 0.24
C GLY A 565 15.69 24.96 1.55
N SER A 566 15.44 25.89 2.47
CA SER A 566 14.86 25.58 3.77
C SER A 566 13.43 26.09 3.81
N LYS A 567 12.51 25.22 4.22
CA LYS A 567 11.12 25.64 4.37
C LYS A 567 10.96 26.50 5.63
N LYS A 568 9.92 27.32 5.62
CA LYS A 568 9.59 28.15 6.77
C LYS A 568 8.52 27.47 7.62
N ILE A 569 8.36 27.97 8.84
CA ILE A 569 7.34 27.45 9.74
C ILE A 569 5.99 28.00 9.30
N ARG A 570 5.04 27.10 9.06
CA ARG A 570 3.71 27.51 8.61
C ARG A 570 2.87 27.97 9.80
N SER A 571 2.29 29.16 9.69
CA SER A 571 1.49 29.69 10.78
C SER A 571 0.20 28.91 10.97
N ASP A 572 -0.35 28.34 9.90
CA ASP A 572 -1.55 27.52 10.03
C ASP A 572 -1.28 26.28 10.87
N ASN A 573 -0.09 25.67 10.70
CA ASN A 573 0.26 24.54 11.55
C ASN A 573 0.37 24.95 13.02
N ILE A 574 0.82 26.17 13.29
CA ILE A 574 0.85 26.66 14.66
C ILE A 574 -0.57 26.83 15.20
N LYS A 575 -1.47 27.37 14.37
CA LYS A 575 -2.85 27.58 14.83
C LYS A 575 -3.57 26.25 15.05
N LYS A 576 -3.26 25.23 14.27
CA LYS A 576 -3.90 23.92 14.45
C LYS A 576 -3.41 23.20 15.69
N LEU A 577 -2.16 23.43 16.09
CA LEU A 577 -1.54 22.68 17.18
C LEU A 577 -1.89 23.22 18.56
N THR A 578 -2.73 24.26 18.65
CA THR A 578 -3.18 24.77 19.95
C THR A 578 -4.67 24.56 20.15
N GLU A 579 -5.32 23.80 19.30
CA GLU A 579 -6.72 23.42 19.37
C GLU A 579 -6.88 22.14 20.20
N PRO A 580 -8.04 21.95 20.83
CA PRO A 580 -8.26 20.73 21.63
C PRO A 580 -8.26 19.44 20.82
N CYS A 581 -8.45 19.52 19.50
CA CYS A 581 -8.48 18.34 18.66
C CYS A 581 -7.68 18.59 17.40
N VAL A 582 -6.76 17.70 17.08
CA VAL A 582 -5.90 17.80 15.90
C VAL A 582 -6.28 16.70 14.93
N ILE A 583 -6.33 17.04 13.64
CA ILE A 583 -6.77 16.12 12.60
C ILE A 583 -5.56 15.44 11.98
N GLY A 584 -5.61 14.11 11.92
CA GLY A 584 -4.53 13.32 11.37
C GLY A 584 -4.71 11.84 11.67
N ARG A 585 -4.30 10.97 10.75
CA ARG A 585 -4.57 9.54 10.90
C ARG A 585 -3.30 8.73 10.74
N PRO A 586 -3.22 7.58 11.41
CA PRO A 586 -2.08 6.68 11.22
C PRO A 586 -2.25 5.80 9.99
N CYS A 587 -1.34 4.86 9.79
CA CYS A 587 -1.44 3.93 8.68
C CYS A 587 -2.53 2.90 8.95
N PHE A 588 -3.29 2.57 7.90
CA PHE A 588 -4.36 1.58 7.93
C PHE A 588 -5.44 1.91 8.96
N SER A 589 -5.67 3.19 9.24
CA SER A 589 -6.64 3.60 10.25
C SER A 589 -7.68 4.51 9.62
N ASN A 590 -8.91 4.42 10.15
CA ASN A 590 -10.02 5.24 9.70
C ASN A 590 -10.40 6.31 10.70
N LYS A 591 -9.63 6.47 11.77
CA LYS A 591 -9.94 7.41 12.85
C LYS A 591 -9.16 8.70 12.63
N ILE A 592 -9.87 9.81 12.43
CA ILE A 592 -9.21 11.09 12.26
C ILE A 592 -9.65 12.06 13.36
N ASN A 593 -9.04 11.93 14.54
CA ASN A 593 -9.22 12.87 15.65
C ASN A 593 -8.28 12.52 16.78
N ASN A 594 -7.52 13.48 17.27
CA ASN A 594 -6.61 13.27 18.38
C ASN A 594 -6.87 14.30 19.45
N ARG A 595 -6.61 13.93 20.69
CA ARG A 595 -6.85 14.79 21.84
C ARG A 595 -5.54 15.48 22.22
N ASN A 596 -5.55 16.81 22.17
CA ASN A 596 -4.35 17.60 22.38
C ASN A 596 -4.25 17.99 23.85
N HIS A 597 -3.35 17.33 24.57
CA HIS A 597 -3.05 17.64 25.96
C HIS A 597 -1.61 18.07 26.15
N ALA A 598 -0.91 18.38 25.06
CA ALA A 598 0.54 18.43 25.05
C ALA A 598 1.08 19.84 25.25
N THR A 599 2.20 19.93 25.95
CA THR A 599 3.02 21.12 25.96
C THR A 599 4.11 20.93 24.90
N ILE A 600 4.04 21.72 23.83
CA ILE A 600 4.96 21.58 22.72
C ILE A 600 6.12 22.53 22.91
N ILE A 601 7.34 21.99 22.87
CA ILE A 601 8.57 22.78 23.02
C ILE A 601 9.45 22.50 21.82
N ILE A 602 9.93 23.56 21.17
CA ILE A 602 10.84 23.46 20.04
C ILE A 602 12.20 23.90 20.54
N ASP A 603 13.15 22.95 20.57
CA ASP A 603 14.51 23.21 21.02
C ASP A 603 15.30 23.64 19.80
N THR A 604 15.63 24.93 19.72
CA THR A 604 16.24 25.48 18.52
C THR A 604 17.53 26.22 18.85
N ASN A 605 18.38 26.34 17.84
CA ASN A 605 19.63 27.06 17.96
C ASN A 605 19.65 28.38 17.21
N TYR A 606 18.75 28.58 16.27
CA TYR A 606 18.57 29.84 15.56
C TYR A 606 17.16 30.35 15.79
N LYS A 607 17.00 31.66 15.64
CA LYS A 607 15.68 32.26 15.83
C LYS A 607 14.72 31.79 14.75
N PRO A 608 13.49 31.44 15.11
CA PRO A 608 12.55 30.92 14.11
C PRO A 608 12.16 31.97 13.08
N VAL A 609 11.94 31.50 11.86
CA VAL A 609 11.45 32.34 10.76
C VAL A 609 10.11 31.76 10.31
N PHE A 610 9.08 32.60 10.33
CA PHE A 610 7.72 32.15 10.09
C PHE A 610 7.26 32.50 8.68
N ASP A 611 6.23 31.78 8.24
CA ASP A 611 5.67 32.00 6.91
C ASP A 611 4.94 33.34 6.83
N ARG A 612 4.21 33.70 7.88
CA ARG A 612 3.50 34.97 7.92
C ARG A 612 3.36 35.39 9.38
N ILE A 613 3.31 36.70 9.60
CA ILE A 613 3.21 37.27 10.94
C ILE A 613 1.92 38.06 11.02
N ASP A 614 1.12 37.78 12.06
CA ASP A 614 -0.09 38.54 12.34
C ASP A 614 -0.35 38.44 13.84
N ASN A 615 -1.42 39.10 14.28
CA ASN A 615 -1.75 39.13 15.70
C ASN A 615 -2.21 37.77 16.21
N ALA A 616 -2.71 36.90 15.33
CA ALA A 616 -3.11 35.56 15.74
C ALA A 616 -1.94 34.63 15.95
N LEU A 617 -0.82 34.88 15.27
CA LEU A 617 0.36 34.04 15.46
C LEU A 617 1.15 34.45 16.70
N MET A 618 1.29 35.75 16.93
CA MET A 618 2.04 36.24 18.08
C MET A 618 1.34 36.00 19.40
N ARG A 619 0.10 35.48 19.36
CA ARG A 619 -0.68 35.19 20.55
C ARG A 619 -0.44 33.79 21.09
N ARG A 620 0.46 33.01 20.46
CA ARG A 620 0.64 31.62 20.81
C ARG A 620 2.11 31.22 20.88
N ILE A 621 3.02 32.17 21.06
CA ILE A 621 4.44 31.89 20.98
C ILE A 621 5.16 32.55 22.15
N ALA A 622 6.01 31.78 22.83
CA ALA A 622 6.85 32.26 23.92
C ALA A 622 8.26 31.74 23.72
N VAL A 623 9.23 32.40 24.34
CA VAL A 623 10.64 32.09 24.17
C VAL A 623 11.33 32.04 25.53
N VAL A 624 12.15 31.02 25.74
CA VAL A 624 12.99 30.89 26.93
C VAL A 624 14.44 30.82 26.47
N ARG A 625 15.27 31.71 27.01
CA ARG A 625 16.66 31.82 26.59
C ARG A 625 17.59 31.03 27.49
N PHE A 626 18.65 30.49 26.90
CA PHE A 626 19.69 29.76 27.61
C PHE A 626 21.02 30.47 27.36
N ARG A 627 21.66 30.94 28.43
CA ARG A 627 22.81 31.82 28.30
C ARG A 627 23.93 31.44 29.26
N THR A 628 24.21 30.15 29.38
CA THR A 628 25.31 29.66 30.21
C THR A 628 26.04 28.57 29.44
N HIS A 629 27.35 28.76 29.24
CA HIS A 629 28.15 27.82 28.46
C HIS A 629 28.86 26.85 29.38
N PHE A 630 28.99 25.60 28.93
CA PHE A 630 29.73 24.56 29.65
C PHE A 630 30.86 24.10 28.75
N SER A 631 32.10 24.40 29.16
CA SER A 631 33.25 24.22 28.29
C SER A 631 34.26 23.26 28.91
N GLN A 632 35.03 22.63 28.04
CA GLN A 632 36.23 21.93 28.46
C GLN A 632 37.31 22.94 28.84
N PRO A 633 38.27 22.55 29.68
CA PRO A 633 39.29 23.51 30.12
C PRO A 633 40.11 24.09 28.98
N SER A 634 40.16 23.41 27.83
CA SER A 634 40.93 23.92 26.70
C SER A 634 40.28 25.19 26.13
N GLY A 635 39.03 25.09 25.69
CA GLY A 635 38.39 26.20 25.03
C GLY A 635 37.61 27.12 25.95
N ARG A 636 38.06 27.20 27.21
CA ARG A 636 37.38 28.06 28.18
C ARG A 636 37.54 29.54 27.86
N GLU A 637 38.69 29.93 27.32
CA GLU A 637 38.98 31.35 27.13
C GLU A 637 38.22 31.94 25.95
N ALA A 638 38.06 31.17 24.87
CA ALA A 638 37.35 31.69 23.70
C ALA A 638 35.86 31.89 23.97
N ALA A 639 35.32 31.19 24.97
CA ALA A 639 33.90 31.33 25.29
C ALA A 639 33.61 32.64 26.01
N GLU A 640 34.50 33.07 26.90
CA GLU A 640 34.29 34.31 27.65
C GLU A 640 34.38 35.55 26.77
N ASN A 641 34.90 35.43 25.55
CA ASN A 641 34.88 36.53 24.60
C ASN A 641 33.58 36.62 23.82
N ASN A 642 32.89 35.49 23.66
CA ASN A 642 31.61 35.47 22.97
C ASN A 642 30.56 36.24 23.76
N ASP A 643 29.69 36.96 23.05
CA ASP A 643 28.61 37.70 23.66
C ASP A 643 27.32 36.89 23.72
N ALA A 644 27.34 35.64 23.27
CA ALA A 644 26.18 34.77 23.34
C ALA A 644 26.05 34.06 24.68
N TYR A 645 27.00 34.26 25.59
CA TYR A 645 26.96 33.64 26.90
C TYR A 645 27.08 34.71 27.97
N ASP A 646 26.47 34.45 29.12
CA ASP A 646 26.58 35.31 30.28
C ASP A 646 27.36 34.65 31.42
N LYS A 647 27.76 33.38 31.24
CA LYS A 647 28.42 32.62 32.28
C LYS A 647 29.10 31.43 31.62
N VAL A 648 30.23 31.03 32.17
CA VAL A 648 30.97 29.87 31.69
C VAL A 648 31.28 28.97 32.87
N LYS A 649 31.08 27.66 32.68
CA LYS A 649 31.33 26.67 33.71
C LYS A 649 32.08 25.49 33.10
N LEU A 650 32.44 24.55 33.95
CA LEU A 650 33.23 23.39 33.55
C LEU A 650 32.30 22.24 33.21
N LEU A 651 32.49 21.66 32.02
CA LEU A 651 31.68 20.53 31.59
C LEU A 651 31.88 19.35 32.53
N ASP A 652 30.78 18.70 32.90
CA ASP A 652 30.83 17.47 33.68
C ASP A 652 30.66 16.27 32.75
N GLU A 653 31.65 15.38 32.76
CA GLU A 653 31.66 14.25 31.85
C GLU A 653 30.75 13.11 32.29
N GLY A 654 30.42 13.02 33.57
CA GLY A 654 29.62 11.92 34.06
C GLY A 654 28.21 12.31 34.46
N LEU A 655 27.66 13.34 33.81
CA LEU A 655 26.32 13.81 34.13
C LEU A 655 25.26 13.12 33.28
N ASP A 656 25.50 13.01 31.97
CA ASP A 656 24.51 12.40 31.10
C ASP A 656 24.29 10.93 31.43
N GLY A 657 25.36 10.22 31.82
CA GLY A 657 25.20 8.84 32.26
C GLY A 657 24.40 8.73 33.54
N LYS A 658 24.60 9.67 34.48
CA LYS A 658 23.80 9.68 35.69
C LYS A 658 22.33 9.94 35.38
N ILE A 659 22.05 10.86 34.45
CA ILE A 659 20.68 11.16 34.08
C ILE A 659 20.04 9.96 33.39
N GLN A 660 20.78 9.29 32.51
CA GLN A 660 20.27 8.12 31.81
C GLN A 660 19.94 6.98 32.76
N ASN A 661 20.47 7.01 33.98
CA ASN A 661 20.20 5.98 34.98
C ASN A 661 19.07 6.35 35.92
N ASN A 662 18.29 7.38 35.57
CA ASN A 662 17.15 7.82 36.38
C ASN A 662 17.57 8.12 37.82
N ARG A 663 18.74 8.75 37.97
CA ARG A 663 19.23 9.09 39.31
C ARG A 663 18.38 10.21 39.92
N TYR A 664 18.01 11.19 39.12
CA TYR A 664 17.20 12.33 39.57
C TYR A 664 15.75 12.21 39.16
N ARG A 665 15.22 10.99 39.09
CA ARG A 665 13.87 10.79 38.58
C ARG A 665 12.81 11.33 39.52
N PHE A 666 13.00 11.16 40.83
CA PHE A 666 12.00 11.60 41.79
C PHE A 666 12.29 12.97 42.39
N ALA A 667 13.56 13.39 42.43
CA ALA A 667 13.87 14.75 42.84
C ALA A 667 13.27 15.76 41.88
N PHE A 668 13.43 15.52 40.57
CA PHE A 668 12.84 16.42 39.58
C PHE A 668 11.32 16.38 39.62
N LEU A 669 10.74 15.20 39.88
CA LEU A 669 9.29 15.11 40.01
C LEU A 669 8.78 15.93 41.19
N TYR A 670 9.47 15.84 42.33
CA TYR A 670 9.10 16.65 43.48
C TYR A 670 9.21 18.13 43.18
N LEU A 671 10.27 18.53 42.48
CA LEU A 671 10.44 19.92 42.09
C LEU A 671 9.31 20.40 41.20
N LEU A 672 8.94 19.59 40.21
CA LEU A 672 7.87 19.96 39.29
C LEU A 672 6.53 20.08 39.99
N VAL A 673 6.25 19.17 40.93
CA VAL A 673 4.99 19.26 41.68
C VAL A 673 4.98 20.50 42.55
N LYS A 674 6.12 20.83 43.16
CA LYS A 674 6.20 22.04 43.97
C LYS A 674 5.96 23.29 43.15
N TRP A 675 6.51 23.35 41.93
CA TRP A 675 6.24 24.49 41.05
C TRP A 675 4.79 24.52 40.59
N TYR A 676 4.21 23.35 40.33
CA TYR A 676 2.82 23.29 39.89
C TYR A 676 1.88 23.85 40.94
N LYS A 677 2.08 23.47 42.20
CA LYS A 677 1.29 24.13 43.24
C LYS A 677 1.95 25.42 43.69
N LYS A 678 2.45 26.19 42.73
CA LYS A 678 2.83 27.58 42.89
C LYS A 678 2.39 28.46 41.73
N TYR A 679 2.27 27.90 40.52
CA TYR A 679 1.89 28.69 39.35
C TYR A 679 0.52 28.33 38.78
N HIS A 680 0.12 27.06 38.81
CA HIS A 680 -1.02 26.60 38.05
C HIS A 680 -2.16 26.10 38.91
N ILE A 681 -2.15 26.35 40.21
CA ILE A 681 -3.13 25.70 41.10
C ILE A 681 -4.52 26.33 41.04
N PRO A 682 -4.70 27.67 40.89
CA PRO A 682 -6.08 28.15 40.70
C PRO A 682 -6.58 27.90 39.29
N ILE A 683 -5.76 28.22 38.29
CA ILE A 683 -6.09 28.08 36.88
C ILE A 683 -4.81 27.77 36.12
N MET A 684 -4.85 26.73 35.29
CA MET A 684 -3.69 26.32 34.51
C MET A 684 -3.78 27.00 33.14
N LYS A 685 -2.84 27.90 32.86
CA LYS A 685 -2.87 28.66 31.61
C LYS A 685 -1.46 29.16 31.28
N LEU A 686 -1.15 29.20 29.99
CA LEU A 686 0.15 29.65 29.50
C LEU A 686 -0.03 30.97 28.73
N TYR A 687 1.00 31.81 28.79
CA TYR A 687 0.91 33.15 28.21
C TYR A 687 2.06 33.40 27.25
N PRO A 688 1.82 34.16 26.18
CA PRO A 688 2.87 34.43 25.19
C PRO A 688 3.79 35.56 25.63
N THR A 689 4.97 35.57 25.01
CA THR A 689 5.98 36.61 25.20
C THR A 689 6.37 37.13 23.82
N PRO A 690 5.57 38.03 23.23
CA PRO A 690 5.84 38.47 21.85
C PRO A 690 7.03 39.41 21.72
N GLU A 691 7.62 39.89 22.81
CA GLU A 691 8.72 40.84 22.73
C GLU A 691 10.05 40.18 22.38
N GLU A 692 10.15 38.86 22.45
CA GLU A 692 11.43 38.18 22.30
C GLU A 692 11.76 37.92 20.83
N ILE A 693 10.78 37.48 20.05
CA ILE A 693 11.02 37.09 18.66
C ILE A 693 11.25 38.34 17.82
N PRO A 694 12.40 38.44 17.12
CA PRO A 694 12.70 39.55 16.21
C PRO A 694 11.97 39.43 14.87
N GLY B 323 -39.91 -28.34 15.84
CA GLY B 323 -38.83 -29.10 15.23
C GLY B 323 -37.47 -28.52 15.52
N ASN B 324 -37.45 -27.34 16.13
CA ASN B 324 -36.21 -26.65 16.46
C ASN B 324 -36.53 -25.55 17.46
N LYS B 325 -35.75 -25.50 18.54
CA LYS B 325 -35.96 -24.48 19.57
C LYS B 325 -35.25 -23.17 19.19
N LEU B 326 -33.99 -23.27 18.80
CA LEU B 326 -33.22 -22.09 18.41
C LEU B 326 -33.73 -21.44 17.13
N PHE B 327 -34.55 -22.15 16.35
CA PHE B 327 -35.20 -21.57 15.18
C PHE B 327 -36.46 -20.81 15.54
N ASN B 328 -37.25 -21.34 16.47
CA ASN B 328 -38.42 -20.61 16.97
C ASN B 328 -38.01 -19.36 17.72
N ILE B 329 -36.89 -19.41 18.44
CA ILE B 329 -36.39 -18.20 19.11
C ILE B 329 -36.08 -17.12 18.08
N ALA B 330 -35.39 -17.49 17.00
CA ALA B 330 -35.06 -16.52 15.96
C ALA B 330 -36.32 -16.00 15.27
N GLN B 331 -37.31 -16.89 15.08
CA GLN B 331 -38.58 -16.46 14.49
C GLN B 331 -39.28 -15.42 15.34
N ARG B 332 -39.33 -15.65 16.65
CA ARG B 332 -39.97 -14.69 17.55
C ARG B 332 -39.22 -13.37 17.57
N ILE B 333 -37.89 -13.42 17.62
CA ILE B 333 -37.11 -12.18 17.59
C ILE B 333 -37.34 -11.43 16.28
N LEU B 334 -37.47 -12.15 15.17
CA LEU B 334 -37.80 -11.50 13.91
C LEU B 334 -39.19 -10.85 13.95
N ASP B 335 -40.16 -11.53 14.55
CA ASP B 335 -41.49 -10.94 14.70
C ASP B 335 -41.48 -9.69 15.56
N THR B 336 -40.53 -9.59 16.50
CA THR B 336 -40.42 -8.39 17.31
C THR B 336 -40.07 -7.15 16.49
N ASN B 337 -39.40 -7.33 15.35
CA ASN B 337 -38.96 -6.23 14.48
C ASN B 337 -37.89 -5.37 15.14
N SER B 338 -36.90 -6.04 15.75
CA SER B 338 -35.77 -5.36 16.37
C SER B 338 -34.50 -5.41 15.54
N VAL B 339 -34.50 -6.17 14.44
CA VAL B 339 -33.36 -6.25 13.53
C VAL B 339 -33.84 -5.90 12.14
N LEU B 340 -33.05 -5.11 11.42
CA LEU B 340 -33.41 -4.68 10.08
C LEU B 340 -32.16 -4.75 9.20
N LEU B 341 -32.37 -4.54 7.90
CA LEU B 341 -31.30 -4.54 6.92
C LEU B 341 -31.43 -3.29 6.08
N THR B 342 -30.42 -2.42 6.13
CA THR B 342 -30.47 -1.17 5.38
C THR B 342 -30.05 -1.40 3.94
N GLU B 343 -30.36 -0.42 3.09
CA GLU B 343 -29.96 -0.53 1.66
C GLU B 343 -28.43 -0.54 1.58
N ARG B 344 -27.76 0.25 2.42
CA ARG B 344 -26.31 0.32 2.37
C ARG B 344 -25.67 -1.04 2.62
N GLY B 345 -26.31 -1.88 3.42
CA GLY B 345 -25.80 -3.21 3.68
C GLY B 345 -25.50 -3.47 5.14
N ASP B 346 -25.97 -2.60 6.02
CA ASP B 346 -25.72 -2.74 7.44
C ASP B 346 -26.86 -3.52 8.11
N HIS B 347 -26.73 -3.72 9.42
CA HIS B 347 -27.58 -4.61 10.20
C HIS B 347 -28.02 -3.93 11.50
N ILE B 348 -28.60 -2.73 11.37
CA ILE B 348 -29.03 -1.98 12.55
C ILE B 348 -29.94 -2.82 13.43
N VAL B 349 -29.79 -2.65 14.75
CA VAL B 349 -30.62 -3.33 15.74
C VAL B 349 -31.14 -2.31 16.73
N TRP B 350 -32.26 -2.65 17.38
CA TRP B 350 -32.94 -1.75 18.31
C TRP B 350 -32.70 -2.22 19.73
N ILE B 351 -31.79 -1.56 20.43
CA ILE B 351 -31.46 -1.91 21.81
C ILE B 351 -31.29 -0.62 22.60
N ASN B 352 -31.88 -0.59 23.80
CA ASN B 352 -31.78 0.57 24.70
C ASN B 352 -32.36 1.84 24.07
N ASN B 353 -33.53 1.71 23.45
CA ASN B 353 -34.26 2.85 22.87
C ASN B 353 -33.41 3.59 21.83
N SER B 354 -32.74 2.82 20.97
CA SER B 354 -31.91 3.44 19.95
C SER B 354 -31.58 2.43 18.88
N TRP B 355 -31.54 2.88 17.62
CA TRP B 355 -31.06 2.07 16.52
C TRP B 355 -29.54 2.20 16.43
N LYS B 356 -28.83 1.08 16.50
CA LYS B 356 -27.38 1.09 16.53
C LYS B 356 -26.84 0.08 15.52
N PHE B 357 -25.63 0.34 15.04
CA PHE B 357 -24.96 -0.57 14.12
C PHE B 357 -23.45 -0.37 14.22
N ASN B 358 -22.72 -1.43 13.90
CA ASN B 358 -21.26 -1.39 13.89
C ASN B 358 -20.76 -2.52 13.02
N SER B 359 -20.19 -2.17 11.86
CA SER B 359 -19.65 -3.19 10.95
C SER B 359 -18.40 -3.86 11.50
N GLU B 360 -17.56 -3.09 12.19
CA GLU B 360 -16.35 -3.62 12.82
C GLU B 360 -16.66 -4.42 14.08
N GLU B 361 -17.92 -4.44 14.51
CA GLU B 361 -18.34 -5.10 15.73
C GLU B 361 -19.82 -5.47 15.60
N PRO B 362 -20.16 -6.54 14.89
CA PRO B 362 -21.56 -6.95 14.78
C PRO B 362 -22.18 -7.16 16.16
N LEU B 363 -23.41 -6.71 16.31
CA LEU B 363 -24.09 -6.68 17.61
C LEU B 363 -25.51 -7.21 17.49
N ILE B 364 -25.66 -8.34 16.79
CA ILE B 364 -26.93 -9.05 16.85
C ILE B 364 -26.99 -9.92 18.10
N THR B 365 -25.86 -10.47 18.55
CA THR B 365 -25.83 -11.27 19.76
C THR B 365 -26.04 -10.42 21.01
N LYS B 366 -25.65 -9.14 20.98
CA LYS B 366 -26.01 -8.23 22.06
C LYS B 366 -27.52 -8.11 22.18
N LEU B 367 -28.21 -8.00 21.05
CA LEU B 367 -29.67 -7.91 21.07
C LEU B 367 -30.29 -9.24 21.49
N ILE B 368 -29.71 -10.36 21.06
CA ILE B 368 -30.22 -11.67 21.45
C ILE B 368 -30.15 -11.83 22.97
N LEU B 369 -29.01 -11.46 23.55
CA LEU B 369 -28.87 -11.58 24.99
C LEU B 369 -29.72 -10.56 25.75
N SER B 370 -29.92 -9.37 25.19
CA SER B 370 -30.68 -8.35 25.90
C SER B 370 -32.18 -8.57 25.84
N ILE B 371 -32.67 -9.39 24.92
CA ILE B 371 -34.09 -9.54 24.68
C ILE B 371 -34.66 -10.80 25.33
N ARG B 372 -33.83 -11.58 26.02
CA ARG B 372 -34.29 -12.85 26.57
C ARG B 372 -35.37 -12.69 27.63
N HIS B 373 -35.47 -11.50 28.24
CA HIS B 373 -36.48 -11.31 29.28
C HIS B 373 -37.89 -11.34 28.71
N GLN B 374 -38.06 -10.91 27.46
CA GLN B 374 -39.35 -10.96 26.79
C GLN B 374 -39.53 -12.26 26.01
N LEU B 375 -39.26 -13.37 26.69
CA LEU B 375 -39.41 -14.70 26.13
C LEU B 375 -39.86 -15.62 27.24
N PRO B 376 -40.54 -16.73 26.92
CA PRO B 376 -40.92 -17.69 27.98
C PRO B 376 -39.69 -18.24 28.70
N LYS B 377 -39.91 -18.79 29.89
CA LYS B 377 -38.78 -19.26 30.70
C LYS B 377 -38.04 -20.40 30.02
N GLU B 378 -38.74 -21.28 29.32
CA GLU B 378 -38.07 -22.39 28.66
C GLU B 378 -37.21 -21.95 27.48
N TYR B 379 -37.38 -20.72 26.98
CA TYR B 379 -36.57 -20.21 25.89
C TYR B 379 -35.45 -19.29 26.36
N SER B 380 -35.64 -18.58 27.47
CA SER B 380 -34.66 -17.60 27.93
C SER B 380 -33.44 -18.24 28.57
N SER B 381 -33.54 -19.47 29.07
CA SER B 381 -32.41 -20.14 29.69
C SER B 381 -31.44 -20.75 28.68
N GLU B 382 -31.86 -20.90 27.42
CA GLU B 382 -30.99 -21.42 26.38
C GLU B 382 -30.09 -20.34 25.78
N LEU B 383 -30.33 -19.08 26.10
CA LEU B 383 -29.59 -17.97 25.53
C LEU B 383 -28.44 -17.50 26.41
N LEU B 384 -28.16 -18.22 27.50
CA LEU B 384 -27.01 -17.90 28.34
C LEU B 384 -25.72 -18.49 27.81
N CYS B 385 -25.77 -19.33 26.78
CA CYS B 385 -24.61 -19.93 26.15
C CYS B 385 -24.16 -19.07 24.97
N PRO B 386 -22.90 -18.62 24.95
CA PRO B 386 -22.41 -17.88 23.78
C PRO B 386 -22.41 -18.69 22.50
N ARG B 387 -22.30 -20.01 22.59
CA ARG B 387 -22.33 -20.85 21.40
C ARG B 387 -23.74 -20.98 20.82
N LYS B 388 -24.76 -20.97 21.69
CA LYS B 388 -26.14 -21.08 21.22
C LYS B 388 -26.69 -19.77 20.69
N ARG B 389 -26.09 -18.64 21.04
CA ARG B 389 -26.51 -17.36 20.49
C ARG B 389 -26.09 -17.19 19.04
N LYS B 390 -24.97 -17.76 18.64
CA LYS B 390 -24.50 -17.67 17.26
C LYS B 390 -25.39 -18.47 16.30
N THR B 391 -25.97 -19.57 16.74
CA THR B 391 -26.96 -20.28 15.92
C THR B 391 -28.18 -19.41 15.64
N VAL B 392 -28.68 -18.74 16.67
CA VAL B 392 -29.82 -17.84 16.49
C VAL B 392 -29.44 -16.69 15.58
N GLU B 393 -28.23 -16.15 15.72
CA GLU B 393 -27.79 -15.06 14.86
C GLU B 393 -27.69 -15.52 13.40
N ALA B 394 -27.20 -16.74 13.17
CA ALA B 394 -27.13 -17.26 11.81
C ALA B 394 -28.52 -17.42 11.20
N ASN B 395 -29.46 -17.95 11.98
CA ASN B 395 -30.83 -18.08 11.49
C ASN B 395 -31.43 -16.72 11.15
N ILE B 396 -31.20 -15.73 12.03
CA ILE B 396 -31.72 -14.39 11.78
C ILE B 396 -31.12 -13.81 10.51
N ARG B 397 -29.81 -13.99 10.32
CA ARG B 397 -29.17 -13.48 9.11
C ARG B 397 -29.74 -14.14 7.86
N ASP B 398 -30.07 -15.43 7.95
CA ASP B 398 -30.66 -16.10 6.79
C ASP B 398 -32.10 -15.63 6.54
N MET B 399 -32.80 -15.21 7.58
CA MET B 399 -34.22 -14.86 7.44
C MET B 399 -34.46 -13.49 6.83
N LEU B 400 -33.46 -12.61 6.79
CA LEU B 400 -33.64 -11.23 6.35
C LEU B 400 -33.28 -11.13 4.88
N VAL B 401 -34.30 -11.00 4.03
CA VAL B 401 -34.11 -11.05 2.59
C VAL B 401 -34.23 -9.66 1.98
N ASP B 402 -35.14 -8.84 2.51
CA ASP B 402 -35.43 -7.53 1.94
C ASP B 402 -34.81 -6.43 2.79
N SER B 403 -34.66 -5.27 2.18
CA SER B 403 -33.99 -4.13 2.79
C SER B 403 -34.92 -2.93 2.88
N VAL B 404 -34.69 -2.09 3.89
CA VAL B 404 -35.53 -0.93 4.16
C VAL B 404 -34.66 0.33 4.11
N GLU B 405 -35.34 1.47 4.00
CA GLU B 405 -34.67 2.76 3.91
C GLU B 405 -34.79 3.51 5.23
N THR B 406 -33.67 4.09 5.66
CA THR B 406 -33.54 4.69 6.98
C THR B 406 -33.33 6.19 6.87
N ASP B 407 -33.57 6.88 7.99
CA ASP B 407 -33.29 8.31 8.14
C ASP B 407 -34.04 9.13 7.09
N THR B 408 -35.36 9.04 7.14
CA THR B 408 -36.22 9.72 6.18
C THR B 408 -36.99 10.89 6.78
N TYR B 409 -36.80 11.18 8.05
CA TYR B 409 -37.48 12.31 8.70
C TYR B 409 -36.48 13.40 9.01
N PRO B 410 -36.56 14.57 8.39
CA PRO B 410 -35.54 15.60 8.60
C PRO B 410 -35.67 16.34 9.92
N ASP B 411 -36.88 16.43 10.47
CA ASP B 411 -37.14 17.27 11.64
C ASP B 411 -37.33 16.46 12.92
N LYS B 412 -36.57 15.37 13.06
CA LYS B 412 -36.54 14.59 14.29
C LYS B 412 -35.11 14.53 14.79
N LEU B 413 -34.89 14.86 16.06
CA LEU B 413 -33.55 14.84 16.63
C LEU B 413 -33.39 13.63 17.53
N PRO B 414 -32.54 12.66 17.18
CA PRO B 414 -32.41 11.46 18.02
C PRO B 414 -31.35 11.58 19.10
N PHE B 415 -31.70 11.15 20.30
CA PHE B 415 -30.81 11.10 21.43
C PHE B 415 -30.50 9.65 21.77
N LYS B 416 -29.78 9.44 22.88
CA LYS B 416 -29.46 8.09 23.31
C LYS B 416 -30.68 7.34 23.82
N ASN B 417 -31.74 8.05 24.21
CA ASN B 417 -32.89 7.42 24.86
C ASN B 417 -34.20 7.99 24.35
N GLY B 418 -34.29 8.28 23.06
CA GLY B 418 -35.53 8.73 22.49
C GLY B 418 -35.31 9.65 21.30
N VAL B 419 -36.41 10.24 20.85
CA VAL B 419 -36.43 11.13 19.69
C VAL B 419 -37.22 12.37 20.06
N LEU B 420 -36.67 13.55 19.76
CA LEU B 420 -37.31 14.82 20.05
C LEU B 420 -37.89 15.38 18.76
N ASP B 421 -39.18 15.72 18.79
CA ASP B 421 -39.85 16.30 17.65
C ASP B 421 -39.64 17.81 17.64
N LEU B 422 -39.13 18.33 16.54
CA LEU B 422 -38.74 19.73 16.49
C LEU B 422 -39.87 20.69 16.17
N VAL B 423 -41.03 20.19 15.78
CA VAL B 423 -42.15 21.07 15.44
C VAL B 423 -43.02 21.40 16.66
N ASP B 424 -43.13 20.49 17.62
CA ASP B 424 -43.97 20.72 18.80
C ASP B 424 -43.21 20.65 20.10
N GLY B 425 -41.99 20.11 20.11
CA GLY B 425 -41.22 20.00 21.33
C GLY B 425 -41.51 18.80 22.19
N MET B 426 -42.21 17.80 21.66
CA MET B 426 -42.51 16.58 22.39
C MET B 426 -41.30 15.65 22.39
N PHE B 427 -41.28 14.72 23.33
CA PHE B 427 -40.24 13.71 23.42
C PHE B 427 -40.88 12.34 23.42
N TYR B 428 -40.39 11.45 22.56
CA TYR B 428 -40.91 10.09 22.43
C TYR B 428 -39.87 9.07 22.86
N SER B 429 -40.35 7.95 23.39
CA SER B 429 -39.50 6.84 23.78
C SER B 429 -40.22 5.54 23.44
N GLY B 430 -39.49 4.43 23.52
CA GLY B 430 -40.11 3.14 23.24
C GLY B 430 -40.55 3.05 21.79
N ASP B 431 -41.66 2.35 21.57
CA ASP B 431 -42.16 2.14 20.22
C ASP B 431 -42.62 3.43 19.55
N ASP B 432 -42.80 4.52 20.31
CA ASP B 432 -43.07 5.81 19.71
C ASP B 432 -41.86 6.39 19.00
N ALA B 433 -40.66 6.08 19.48
CA ALA B 433 -39.44 6.53 18.84
C ALA B 433 -38.86 5.51 17.87
N LYS B 434 -39.39 4.29 17.85
CA LYS B 434 -38.88 3.28 16.93
C LYS B 434 -39.35 3.50 15.50
N LYS B 435 -40.52 4.12 15.31
CA LYS B 435 -41.06 4.29 13.97
C LYS B 435 -40.20 5.21 13.10
N TYR B 436 -39.45 6.12 13.70
CA TYR B 436 -38.48 6.92 12.99
C TYR B 436 -37.14 6.20 13.01
N THR B 437 -36.75 5.60 11.89
CA THR B 437 -35.52 4.82 11.82
C THR B 437 -34.32 5.76 11.74
N CYS B 438 -34.08 6.46 12.85
CA CYS B 438 -32.94 7.36 12.98
C CYS B 438 -31.73 6.56 13.46
N THR B 439 -30.79 6.31 12.56
CA THR B 439 -29.63 5.48 12.85
C THR B 439 -28.47 6.24 13.47
N VAL B 440 -28.59 7.56 13.61
CA VAL B 440 -27.57 8.38 14.24
C VAL B 440 -28.11 8.87 15.58
N SER B 441 -27.24 9.49 16.37
CA SER B 441 -27.61 9.92 17.71
C SER B 441 -26.62 10.98 18.19
N THR B 442 -27.03 11.70 19.23
CA THR B 442 -26.13 12.65 19.88
C THR B 442 -25.12 11.95 20.77
N GLY B 443 -25.47 10.79 21.32
CA GLY B 443 -24.59 10.05 22.17
C GLY B 443 -24.89 10.19 23.66
N PHE B 444 -25.66 11.20 24.05
CA PHE B 444 -26.01 11.41 25.44
C PHE B 444 -27.52 11.37 25.60
N LYS B 445 -27.97 11.36 26.84
CA LYS B 445 -29.37 11.25 27.18
C LYS B 445 -30.02 12.63 27.26
N PHE B 446 -31.35 12.64 27.09
CA PHE B 446 -32.12 13.87 27.14
C PHE B 446 -32.71 14.03 28.54
N ASP B 447 -32.31 15.09 29.24
CA ASP B 447 -32.82 15.39 30.56
C ASP B 447 -33.85 16.51 30.46
N ASP B 448 -35.09 16.20 30.85
CA ASP B 448 -36.16 17.18 30.78
C ASP B 448 -36.13 18.17 31.94
N THR B 449 -35.53 17.80 33.07
CA THR B 449 -35.39 18.73 34.18
C THR B 449 -34.43 19.87 33.88
N LYS B 450 -33.61 19.74 32.83
CA LYS B 450 -32.67 20.78 32.44
C LYS B 450 -33.06 21.50 31.16
N PHE B 451 -33.94 20.91 30.35
CA PHE B 451 -34.39 21.51 29.09
C PHE B 451 -35.48 22.55 29.37
N VAL B 452 -35.11 23.55 30.17
CA VAL B 452 -36.04 24.57 30.63
C VAL B 452 -35.52 25.93 30.20
N GLU B 453 -36.40 26.93 30.30
CA GLU B 453 -36.12 28.28 29.83
C GLU B 453 -35.58 29.20 30.91
N ASP B 454 -36.05 29.07 32.15
CA ASP B 454 -35.61 29.91 33.25
C ASP B 454 -34.60 29.14 34.09
N SER B 455 -33.37 29.65 34.15
CA SER B 455 -32.29 29.03 34.91
C SER B 455 -31.10 29.97 34.89
N PRO B 456 -30.22 29.88 35.91
CA PRO B 456 -28.99 30.70 35.86
C PRO B 456 -28.14 30.42 34.65
N GLU B 457 -28.08 29.16 34.21
CA GLU B 457 -27.30 28.82 33.01
C GLU B 457 -27.82 29.54 31.79
N MET B 458 -29.14 29.61 31.64
CA MET B 458 -29.72 30.31 30.50
C MET B 458 -29.35 31.79 30.53
N GLU B 459 -29.38 32.40 31.72
CA GLU B 459 -29.05 33.82 31.85
C GLU B 459 -27.58 34.10 31.58
N GLU B 460 -26.68 33.20 31.97
CA GLU B 460 -25.27 33.39 31.60
C GLU B 460 -25.05 33.18 30.11
N LEU B 461 -25.72 32.18 29.54
CA LEU B 461 -25.54 31.89 28.12
C LEU B 461 -26.06 33.02 27.25
N MET B 462 -27.17 33.63 27.65
CA MET B 462 -27.69 34.77 26.89
C MET B 462 -26.70 35.93 26.87
N ASN B 463 -26.06 36.19 28.02
CA ASN B 463 -25.05 37.25 28.07
C ASN B 463 -23.85 36.92 27.20
N ILE B 464 -23.40 35.66 27.23
CA ILE B 464 -22.27 35.26 26.38
C ILE B 464 -22.61 35.48 24.91
N ILE B 465 -23.78 35.01 24.49
CA ILE B 465 -24.16 35.10 23.08
C ILE B 465 -24.38 36.55 22.66
N ASN B 466 -24.97 37.37 23.54
CA ASN B 466 -25.14 38.78 23.21
C ASN B 466 -23.83 39.54 23.20
N ASP B 467 -22.82 39.07 23.93
CA ASP B 467 -21.49 39.66 23.79
C ASP B 467 -20.88 39.29 22.45
N ILE B 468 -20.98 38.03 22.04
CA ILE B 468 -20.40 37.62 20.77
C ILE B 468 -21.09 38.32 19.60
N GLN B 469 -22.42 38.36 19.61
CA GLN B 469 -23.20 39.03 18.58
C GLN B 469 -24.18 40.00 19.24
N PRO B 470 -23.86 41.29 19.29
CA PRO B 470 -24.73 42.24 19.98
C PRO B 470 -26.05 42.47 19.25
N LEU B 471 -27.07 42.79 20.05
CA LEU B 471 -28.44 42.99 19.55
C LEU B 471 -28.69 44.45 19.17
N THR B 472 -27.84 45.01 18.33
CA THR B 472 -27.99 46.39 17.89
C THR B 472 -28.73 46.41 16.56
N ASP B 473 -28.80 47.58 15.92
CA ASP B 473 -29.59 47.75 14.71
C ASP B 473 -28.80 47.68 13.42
N GLU B 474 -27.48 47.87 13.46
CA GLU B 474 -26.64 47.62 12.30
C GLU B 474 -26.06 46.22 12.30
N ASN B 475 -26.28 45.45 13.36
CA ASN B 475 -25.91 44.05 13.43
C ASN B 475 -27.15 43.17 13.54
N LYS B 476 -28.18 43.51 12.76
CA LYS B 476 -29.43 42.77 12.78
C LYS B 476 -29.47 41.66 11.75
N LYS B 477 -29.13 41.97 10.48
CA LYS B 477 -29.10 40.94 9.46
C LYS B 477 -28.00 39.91 9.75
N ASN B 478 -26.85 40.37 10.23
CA ASN B 478 -25.78 39.46 10.61
C ASN B 478 -26.21 38.53 11.73
N ARG B 479 -26.89 39.08 12.74
CA ARG B 479 -27.40 38.26 13.84
C ARG B 479 -28.41 37.24 13.34
N GLU B 480 -29.30 37.67 12.43
CA GLU B 480 -30.31 36.74 11.91
C GLU B 480 -29.66 35.61 11.13
N LEU B 481 -28.65 35.91 10.30
CA LEU B 481 -27.95 34.87 9.55
C LEU B 481 -27.21 33.93 10.49
N TYR B 482 -26.59 34.49 11.54
CA TYR B 482 -25.92 33.68 12.55
C TYR B 482 -26.89 32.68 13.17
N GLU B 483 -28.07 33.16 13.60
CA GLU B 483 -29.04 32.28 14.22
C GLU B 483 -29.59 31.25 13.25
N LYS B 484 -29.83 31.65 12.00
CA LYS B 484 -30.31 30.71 10.99
C LYS B 484 -29.31 29.57 10.77
N THR B 485 -28.05 29.93 10.57
CA THR B 485 -27.02 28.93 10.34
C THR B 485 -26.86 28.00 11.54
N LEU B 486 -26.88 28.56 12.75
CA LEU B 486 -26.71 27.72 13.93
C LEU B 486 -27.89 26.78 14.13
N SER B 487 -29.11 27.26 13.89
CA SER B 487 -30.28 26.42 14.09
C SER B 487 -30.49 25.39 12.98
N SER B 488 -29.91 25.61 11.80
CA SER B 488 -30.04 24.61 10.74
C SER B 488 -29.29 23.32 11.04
N CYS B 489 -28.41 23.31 12.04
CA CYS B 489 -27.61 22.13 12.36
C CYS B 489 -28.41 21.02 13.01
N LEU B 490 -29.70 21.23 13.27
CA LEU B 490 -30.56 20.19 13.82
C LEU B 490 -31.33 19.43 12.76
N CYS B 491 -31.43 19.97 11.55
CA CYS B 491 -32.24 19.39 10.48
C CYS B 491 -31.42 18.35 9.72
N GLY B 492 -32.03 17.18 9.50
CA GLY B 492 -31.38 16.11 8.77
C GLY B 492 -31.70 16.11 7.29
N ALA B 493 -31.48 17.25 6.63
CA ALA B 493 -31.71 17.39 5.20
C ALA B 493 -30.45 17.97 4.56
N THR B 494 -30.50 18.17 3.25
CA THR B 494 -29.36 18.66 2.49
C THR B 494 -29.46 20.17 2.35
N LYS B 495 -28.41 20.87 2.74
CA LYS B 495 -28.33 22.31 2.59
C LYS B 495 -27.54 22.66 1.34
N GLY B 496 -27.85 23.82 0.77
CA GLY B 496 -27.25 24.22 -0.48
C GLY B 496 -26.29 25.39 -0.40
N CYS B 497 -25.77 25.64 0.79
CA CYS B 497 -24.85 26.76 1.01
C CYS B 497 -23.71 26.33 1.92
N LEU B 498 -22.55 26.95 1.71
CA LEU B 498 -21.43 26.87 2.63
C LEU B 498 -21.28 28.21 3.33
N THR B 499 -21.03 28.16 4.64
CA THR B 499 -20.95 29.36 5.46
C THR B 499 -19.54 29.58 5.95
N PHE B 500 -19.09 30.83 5.90
CA PHE B 500 -17.79 31.22 6.44
C PHE B 500 -17.97 32.02 7.71
N PHE B 501 -17.23 31.65 8.74
CA PHE B 501 -17.16 32.41 9.99
C PHE B 501 -15.93 33.29 9.90
N PHE B 502 -16.12 34.55 9.49
CA PHE B 502 -15.01 35.44 9.22
C PHE B 502 -14.90 36.48 10.31
N GLY B 503 -13.69 36.64 10.84
CA GLY B 503 -13.43 37.64 11.87
C GLY B 503 -11.95 37.69 12.14
N GLU B 504 -11.58 38.59 13.04
CA GLU B 504 -10.19 38.72 13.44
C GLU B 504 -9.92 37.85 14.66
N THR B 505 -8.76 38.00 15.26
CA THR B 505 -8.38 37.14 16.37
C THR B 505 -9.19 37.49 17.63
N ALA B 506 -9.45 36.46 18.43
CA ALA B 506 -10.16 36.59 19.71
C ALA B 506 -11.51 37.28 19.53
N THR B 507 -12.34 36.68 18.66
CA THR B 507 -13.66 37.22 18.36
C THR B 507 -14.81 36.32 18.78
N GLY B 508 -14.55 35.06 19.12
CA GLY B 508 -15.58 34.16 19.60
C GLY B 508 -16.00 33.05 18.67
N LYS B 509 -15.24 32.79 17.60
CA LYS B 509 -15.63 31.74 16.66
C LYS B 509 -15.45 30.35 17.26
N SER B 510 -14.29 30.12 17.90
CA SER B 510 -14.05 28.83 18.53
C SER B 510 -15.01 28.59 19.69
N THR B 511 -15.40 29.65 20.39
CA THR B 511 -16.41 29.52 21.44
C THR B 511 -17.73 29.04 20.88
N THR B 512 -18.15 29.60 19.75
CA THR B 512 -19.38 29.15 19.09
C THR B 512 -19.26 27.69 18.67
N LYS B 513 -18.11 27.31 18.11
CA LYS B 513 -17.91 25.92 17.70
C LYS B 513 -18.01 24.98 18.90
N ARG B 514 -17.38 25.33 20.02
CA ARG B 514 -17.40 24.45 21.18
C ARG B 514 -18.79 24.38 21.82
N LEU B 515 -19.52 25.50 21.84
CA LEU B 515 -20.88 25.47 22.34
C LEU B 515 -21.76 24.55 21.49
N LEU B 516 -21.66 24.68 20.16
CA LEU B 516 -22.45 23.82 19.29
C LEU B 516 -22.06 22.36 19.43
N LYS B 517 -20.76 22.09 19.60
CA LYS B 517 -20.30 20.73 19.77
C LYS B 517 -20.88 20.11 21.04
N SER B 518 -20.80 20.84 22.15
CA SER B 518 -21.39 20.33 23.39
C SER B 518 -22.90 20.22 23.29
N ALA B 519 -23.54 21.00 22.42
CA ALA B 519 -24.99 20.91 22.29
C ALA B 519 -25.43 19.69 21.51
N ILE B 520 -24.79 19.41 20.37
CA ILE B 520 -25.28 18.35 19.47
C ILE B 520 -24.43 17.09 19.50
N GLY B 521 -23.42 17.00 20.38
CA GLY B 521 -22.80 15.71 20.64
C GLY B 521 -22.17 15.07 19.41
N ASP B 522 -22.58 13.84 19.13
CA ASP B 522 -21.98 13.00 18.10
C ASP B 522 -22.53 13.27 16.70
N LEU B 523 -23.44 14.23 16.56
CA LEU B 523 -23.90 14.66 15.25
C LEU B 523 -23.00 15.73 14.65
N PHE B 524 -21.85 15.98 15.28
CA PHE B 524 -20.91 17.03 14.91
C PHE B 524 -19.60 16.38 14.51
N VAL B 525 -18.96 16.89 13.45
CA VAL B 525 -17.69 16.35 13.01
C VAL B 525 -16.78 17.49 12.57
N GLU B 526 -15.47 17.26 12.75
CA GLU B 526 -14.45 18.19 12.30
C GLU B 526 -13.49 17.44 11.38
N THR B 527 -13.31 17.96 10.18
CA THR B 527 -12.44 17.33 9.19
C THR B 527 -11.32 18.30 8.84
N GLY B 528 -10.49 17.90 7.87
CA GLY B 528 -9.35 18.69 7.46
C GLY B 528 -9.64 19.59 6.26
N GLN B 529 -8.62 20.31 5.84
CA GLN B 529 -8.72 21.23 4.72
C GLN B 529 -8.57 20.53 3.37
N THR B 530 -8.38 19.21 3.36
CA THR B 530 -8.31 18.49 2.09
C THR B 530 -9.67 18.32 1.42
N ILE B 531 -10.77 18.57 2.14
CA ILE B 531 -12.07 18.58 1.47
C ILE B 531 -12.29 19.83 0.65
N LEU B 532 -11.42 20.83 0.78
CA LEU B 532 -11.53 22.08 0.05
C LEU B 532 -10.51 22.22 -1.06
N THR B 533 -9.25 21.86 -0.81
CA THR B 533 -8.18 21.95 -1.82
C THR B 533 -7.52 20.58 -1.93
N ASP B 534 -8.15 19.69 -2.70
CA ASP B 534 -7.68 18.34 -3.02
C ASP B 534 -8.74 17.68 -3.91
N VAL B 535 -8.42 16.47 -4.37
CA VAL B 535 -9.37 15.63 -5.11
C VAL B 535 -9.99 14.64 -4.13
N LEU B 536 -11.32 14.49 -4.20
CA LEU B 536 -12.04 13.68 -3.25
C LEU B 536 -12.24 12.23 -3.70
N ASP B 537 -11.70 11.83 -4.86
CA ASP B 537 -12.01 10.53 -5.43
C ASP B 537 -10.86 9.55 -5.44
N LYS B 538 -9.62 10.01 -5.26
CA LYS B 538 -8.46 9.13 -5.38
C LYS B 538 -8.26 8.33 -4.10
N GLY B 539 -8.35 7.01 -4.21
CA GLY B 539 -8.02 6.12 -3.12
C GLY B 539 -8.96 6.25 -1.95
N PRO B 540 -8.59 5.65 -0.82
CA PRO B 540 -9.40 5.80 0.40
C PRO B 540 -9.27 7.20 0.97
N ASN B 541 -10.42 7.81 1.27
CA ASN B 541 -10.46 9.16 1.83
C ASN B 541 -11.39 9.16 3.04
N PRO B 542 -10.87 8.81 4.21
CA PRO B 542 -11.70 8.81 5.43
C PRO B 542 -12.01 10.20 5.97
N PHE B 543 -11.47 11.25 5.37
CA PHE B 543 -11.85 12.61 5.72
C PHE B 543 -13.15 13.05 5.07
N ILE B 544 -13.61 12.34 4.03
CA ILE B 544 -14.87 12.63 3.38
C ILE B 544 -15.91 11.57 3.69
N ALA B 545 -15.48 10.37 4.05
CA ALA B 545 -16.39 9.28 4.39
C ALA B 545 -16.79 9.27 5.85
N ASN B 546 -16.20 10.15 6.67
CA ASN B 546 -16.58 10.23 8.08
C ASN B 546 -17.75 11.15 8.30
N MET B 547 -18.05 12.04 7.37
CA MET B 547 -19.21 12.91 7.45
C MET B 547 -20.41 12.31 6.70
N HIS B 548 -20.75 11.07 7.03
CA HIS B 548 -21.91 10.40 6.47
C HIS B 548 -23.04 10.45 7.49
N LEU B 549 -24.14 11.12 7.12
CA LEU B 549 -25.33 11.35 7.93
C LEU B 549 -25.09 12.32 9.08
N LYS B 550 -23.91 12.94 9.16
CA LYS B 550 -23.65 13.97 10.15
C LYS B 550 -24.38 15.26 9.78
N ARG B 551 -24.79 16.00 10.79
CA ARG B 551 -25.57 17.21 10.60
C ARG B 551 -24.77 18.49 10.74
N SER B 552 -23.47 18.39 11.04
CA SER B 552 -22.62 19.56 11.14
C SER B 552 -21.18 19.18 10.87
N VAL B 553 -20.55 19.90 9.96
CA VAL B 553 -19.15 19.71 9.61
C VAL B 553 -18.44 21.04 9.81
N PHE B 554 -17.31 21.00 10.50
CA PHE B 554 -16.52 22.20 10.74
C PHE B 554 -15.13 22.07 10.13
N CYS B 555 -14.63 23.16 9.58
CA CYS B 555 -13.26 23.26 9.13
C CYS B 555 -12.68 24.57 9.65
N SER B 556 -11.42 24.53 10.08
CA SER B 556 -10.84 25.63 10.83
C SER B 556 -9.42 25.93 10.37
N GLU B 557 -8.98 27.14 10.72
CA GLU B 557 -7.61 27.61 10.52
C GLU B 557 -7.16 27.47 9.07
N LEU B 558 -7.84 28.22 8.20
CA LEU B 558 -7.43 28.28 6.81
C LEU B 558 -6.16 29.11 6.67
N PRO B 559 -5.24 28.71 5.80
CA PRO B 559 -4.04 29.51 5.55
C PRO B 559 -4.38 30.76 4.75
N ASP B 560 -3.41 31.67 4.71
CA ASP B 560 -3.54 32.87 3.89
C ASP B 560 -3.26 32.51 2.43
N PHE B 561 -4.21 32.83 1.55
CA PHE B 561 -4.09 32.47 0.15
C PHE B 561 -3.49 33.56 -0.71
N ALA B 562 -3.58 34.82 -0.29
CA ALA B 562 -2.99 35.92 -1.06
C ALA B 562 -1.47 35.85 -1.10
N CYS B 563 -0.85 35.04 -0.25
CA CYS B 563 0.59 34.88 -0.23
C CYS B 563 0.99 33.76 -1.20
N SER B 564 2.23 33.30 -1.09
CA SER B 564 2.77 32.26 -1.96
C SER B 564 2.81 30.93 -1.22
N GLY B 565 2.94 29.86 -2.00
CA GLY B 565 3.00 28.52 -1.44
C GLY B 565 1.68 27.94 -1.02
N SER B 566 0.58 28.62 -1.29
CA SER B 566 -0.74 28.19 -0.85
C SER B 566 -1.54 27.62 -2.02
N LYS B 567 -2.44 26.70 -1.71
CA LYS B 567 -3.34 26.13 -2.69
C LYS B 567 -4.69 26.83 -2.58
N LYS B 568 -5.19 27.34 -3.70
CA LYS B 568 -6.47 28.02 -3.68
C LYS B 568 -7.60 27.03 -3.45
N ILE B 569 -8.74 27.55 -3.00
CA ILE B 569 -9.91 26.71 -2.78
C ILE B 569 -10.46 26.25 -4.12
N ARG B 570 -10.55 24.94 -4.30
CA ARG B 570 -11.04 24.38 -5.55
C ARG B 570 -12.53 24.65 -5.69
N SER B 571 -12.91 25.37 -6.75
CA SER B 571 -14.29 25.80 -6.91
C SER B 571 -15.24 24.66 -7.22
N ASP B 572 -14.74 23.52 -7.68
CA ASP B 572 -15.60 22.36 -7.92
C ASP B 572 -15.83 21.53 -6.67
N ASN B 573 -14.90 21.56 -5.72
CA ASN B 573 -15.15 20.92 -4.43
C ASN B 573 -16.35 21.56 -3.73
N ILE B 574 -16.49 22.88 -3.85
CA ILE B 574 -17.65 23.56 -3.29
C ILE B 574 -18.94 23.07 -3.91
N LYS B 575 -18.95 22.85 -5.23
CA LYS B 575 -20.14 22.37 -5.90
C LYS B 575 -20.45 20.91 -5.57
N LYS B 576 -19.42 20.10 -5.36
CA LYS B 576 -19.65 18.70 -4.99
C LYS B 576 -20.20 18.56 -3.58
N LEU B 577 -19.83 19.46 -2.68
CA LEU B 577 -20.21 19.34 -1.27
C LEU B 577 -21.65 19.75 -1.00
N THR B 578 -22.33 20.38 -1.95
CA THR B 578 -23.71 20.80 -1.77
C THR B 578 -24.70 19.85 -2.42
N GLU B 579 -24.24 18.73 -2.95
CA GLU B 579 -25.11 17.75 -3.57
C GLU B 579 -25.67 16.79 -2.54
N PRO B 580 -26.80 16.15 -2.82
CA PRO B 580 -27.38 15.21 -1.84
C PRO B 580 -26.49 14.02 -1.50
N CYS B 581 -25.55 13.66 -2.36
CA CYS B 581 -24.63 12.56 -2.05
C CYS B 581 -23.23 12.94 -2.51
N VAL B 582 -22.23 12.42 -1.79
CA VAL B 582 -20.83 12.71 -2.05
C VAL B 582 -20.10 11.39 -2.29
N ILE B 583 -19.23 11.37 -3.29
CA ILE B 583 -18.53 10.16 -3.70
C ILE B 583 -17.19 10.10 -2.96
N GLY B 584 -17.03 9.08 -2.12
CA GLY B 584 -15.81 8.86 -1.38
C GLY B 584 -15.90 7.60 -0.52
N ARG B 585 -14.78 6.91 -0.31
CA ARG B 585 -14.82 5.65 0.40
C ARG B 585 -13.70 5.60 1.44
N PRO B 586 -13.93 4.90 2.56
CA PRO B 586 -12.87 4.71 3.55
C PRO B 586 -11.97 3.53 3.24
N CYS B 587 -11.07 3.20 4.17
CA CYS B 587 -10.16 2.07 4.00
C CYS B 587 -10.91 0.75 4.17
N PHE B 588 -10.60 -0.20 3.28
CA PHE B 588 -11.18 -1.55 3.31
C PHE B 588 -12.70 -1.52 3.17
N SER B 589 -13.19 -0.81 2.15
CA SER B 589 -14.63 -0.76 1.93
C SER B 589 -14.92 -0.41 0.48
N ASN B 590 -16.07 -0.88 0.00
CA ASN B 590 -16.52 -0.65 -1.37
C ASN B 590 -17.60 0.41 -1.49
N LYS B 591 -18.15 0.89 -0.37
CA LYS B 591 -19.24 1.85 -0.40
C LYS B 591 -18.69 3.22 -0.77
N ILE B 592 -19.11 3.73 -1.93
CA ILE B 592 -18.53 4.95 -2.49
C ILE B 592 -19.51 6.12 -2.47
N ASN B 593 -20.66 5.97 -1.81
CA ASN B 593 -21.65 7.03 -1.77
C ASN B 593 -22.03 7.32 -0.32
N ASN B 594 -21.93 8.61 0.06
CA ASN B 594 -22.27 9.06 1.40
C ASN B 594 -23.41 10.07 1.31
N ARG B 595 -24.35 9.97 2.24
CA ARG B 595 -25.51 10.86 2.26
C ARG B 595 -25.17 12.16 2.97
N ASN B 596 -25.47 13.28 2.32
CA ASN B 596 -25.11 14.60 2.80
C ASN B 596 -26.30 15.21 3.55
N HIS B 597 -26.16 15.33 4.86
CA HIS B 597 -27.16 15.98 5.71
C HIS B 597 -26.60 17.17 6.46
N ALA B 598 -25.41 17.62 6.11
CA ALA B 598 -24.58 18.44 6.98
C ALA B 598 -24.65 19.92 6.62
N THR B 599 -24.54 20.76 7.65
CA THR B 599 -24.23 22.17 7.51
C THR B 599 -22.73 22.32 7.63
N ILE B 600 -22.11 22.85 6.58
CA ILE B 600 -20.65 22.97 6.53
C ILE B 600 -20.28 24.40 6.88
N ILE B 601 -19.45 24.55 7.91
CA ILE B 601 -19.00 25.86 8.37
C ILE B 601 -17.48 25.89 8.35
N ILE B 602 -16.94 26.95 7.75
CA ILE B 602 -15.50 27.16 7.62
C ILE B 602 -15.17 28.43 8.38
N ASP B 603 -14.51 28.27 9.54
CA ASP B 603 -14.06 29.48 10.28
C ASP B 603 -12.69 29.88 9.73
N THR B 604 -12.38 31.18 9.76
CA THR B 604 -11.16 31.68 9.13
C THR B 604 -10.81 33.06 9.67
N ASN B 605 -9.57 33.44 9.41
CA ASN B 605 -9.07 34.76 9.77
C ASN B 605 -8.89 35.67 8.56
N TYR B 606 -9.01 35.12 7.35
CA TYR B 606 -8.82 35.86 6.12
C TYR B 606 -9.93 35.51 5.14
N LYS B 607 -10.18 36.42 4.21
CA LYS B 607 -11.22 36.19 3.22
C LYS B 607 -10.80 35.07 2.27
N PRO B 608 -11.72 34.19 1.90
CA PRO B 608 -11.36 33.05 1.04
C PRO B 608 -10.97 33.50 -0.35
N VAL B 609 -10.04 32.76 -0.95
CA VAL B 609 -9.59 32.99 -2.32
C VAL B 609 -9.86 31.71 -3.11
N PHE B 610 -10.62 31.83 -4.18
CA PHE B 610 -11.08 30.68 -4.94
C PHE B 610 -10.27 30.51 -6.22
N ASP B 611 -10.41 29.33 -6.83
CA ASP B 611 -9.74 29.04 -8.10
C ASP B 611 -10.30 29.90 -9.22
N ARG B 612 -11.63 29.93 -9.35
CA ARG B 612 -12.29 30.71 -10.39
C ARG B 612 -13.65 31.17 -9.87
N ILE B 613 -14.03 32.38 -10.25
CA ILE B 613 -15.27 33.01 -9.81
C ILE B 613 -16.30 32.89 -10.93
N ASP B 614 -17.50 32.42 -10.55
CA ASP B 614 -18.59 32.23 -11.54
C ASP B 614 -19.92 32.30 -10.80
N ASN B 615 -21.01 32.56 -11.52
CA ASN B 615 -22.33 32.65 -10.91
C ASN B 615 -22.74 31.34 -10.25
N ALA B 616 -22.14 30.22 -10.63
CA ALA B 616 -22.46 28.95 -10.01
C ALA B 616 -21.81 28.79 -8.64
N LEU B 617 -20.84 29.66 -8.32
CA LEU B 617 -20.17 29.61 -7.03
C LEU B 617 -20.77 30.59 -6.04
N MET B 618 -21.10 31.79 -6.49
CA MET B 618 -21.61 32.83 -5.60
C MET B 618 -23.03 32.56 -5.13
N ARG B 619 -23.72 31.57 -5.68
CA ARG B 619 -25.04 31.17 -5.20
C ARG B 619 -24.96 30.08 -4.15
N ARG B 620 -23.76 29.79 -3.63
CA ARG B 620 -23.58 28.74 -2.63
C ARG B 620 -22.76 29.21 -1.42
N ILE B 621 -22.60 30.51 -1.23
CA ILE B 621 -21.65 31.02 -0.24
C ILE B 621 -22.31 32.10 0.60
N ALA B 622 -22.17 31.99 1.91
CA ALA B 622 -22.64 32.99 2.86
C ALA B 622 -21.54 33.28 3.88
N VAL B 623 -21.52 34.51 4.38
CA VAL B 623 -20.50 34.97 5.31
C VAL B 623 -21.19 35.64 6.49
N VAL B 624 -20.77 35.31 7.71
CA VAL B 624 -21.19 36.01 8.91
C VAL B 624 -19.93 36.53 9.61
N ARG B 625 -20.02 37.75 10.14
CA ARG B 625 -18.87 38.47 10.65
C ARG B 625 -18.85 38.50 12.17
N PHE B 626 -17.65 38.45 12.74
CA PHE B 626 -17.43 38.54 14.17
C PHE B 626 -16.60 39.78 14.46
N ARG B 627 -17.15 40.70 15.26
CA ARG B 627 -16.54 42.01 15.42
C ARG B 627 -16.36 42.44 16.88
N THR B 628 -16.45 41.52 17.83
CA THR B 628 -16.23 41.83 19.23
C THR B 628 -14.91 41.22 19.68
N HIS B 629 -14.11 42.03 20.38
CA HIS B 629 -12.77 41.63 20.80
C HIS B 629 -12.73 41.44 22.31
N PHE B 630 -12.14 40.33 22.74
CA PHE B 630 -11.98 40.01 24.16
C PHE B 630 -10.49 40.01 24.48
N SER B 631 -10.05 40.99 25.25
CA SER B 631 -8.62 41.21 25.47
C SER B 631 -8.34 41.35 26.96
N GLN B 632 -7.08 41.07 27.32
CA GLN B 632 -6.61 41.27 28.67
C GLN B 632 -6.50 42.77 28.96
N PRO B 633 -6.51 43.16 30.24
CA PRO B 633 -6.46 44.58 30.57
C PRO B 633 -5.18 45.29 30.15
N SER B 634 -4.16 44.56 29.73
CA SER B 634 -2.91 45.20 29.30
C SER B 634 -2.94 45.63 27.84
N GLY B 635 -3.66 44.91 26.98
CA GLY B 635 -3.76 45.26 25.58
C GLY B 635 -5.06 45.91 25.15
N ARG B 636 -5.94 46.28 26.09
CA ARG B 636 -7.22 46.87 25.72
C ARG B 636 -7.05 48.23 25.05
N GLU B 637 -6.10 49.04 25.53
CA GLU B 637 -5.92 50.39 24.99
C GLU B 637 -5.53 50.36 23.52
N ALA B 638 -4.65 49.42 23.13
CA ALA B 638 -4.20 49.33 21.75
C ALA B 638 -5.25 48.71 20.83
N ALA B 639 -6.31 48.12 21.37
CA ALA B 639 -7.32 47.47 20.55
C ALA B 639 -8.45 48.42 20.15
N GLU B 640 -8.72 49.45 20.95
CA GLU B 640 -9.75 50.42 20.59
C GLU B 640 -9.38 51.26 19.38
N ASN B 641 -8.13 51.22 18.95
CA ASN B 641 -7.67 51.97 17.79
C ASN B 641 -7.70 51.14 16.51
N ASN B 642 -8.22 49.92 16.58
CA ASN B 642 -8.30 49.03 15.43
C ASN B 642 -9.68 49.12 14.80
N ASP B 643 -9.74 49.22 13.48
CA ASP B 643 -10.99 49.32 12.75
C ASP B 643 -11.57 47.95 12.43
N ALA B 644 -10.95 46.87 12.89
CA ALA B 644 -11.47 45.53 12.71
C ALA B 644 -12.43 45.10 13.82
N TYR B 645 -12.59 45.92 14.85
CA TYR B 645 -13.49 45.61 15.95
C TYR B 645 -14.48 46.76 16.14
N ASP B 646 -15.65 46.42 16.68
CA ASP B 646 -16.66 47.40 17.02
C ASP B 646 -16.94 47.46 18.51
N LYS B 647 -16.29 46.62 19.31
CA LYS B 647 -16.48 46.55 20.74
C LYS B 647 -15.30 45.77 21.32
N VAL B 648 -14.93 46.10 22.55
CA VAL B 648 -13.86 45.41 23.26
C VAL B 648 -14.38 45.03 24.63
N LYS B 649 -14.63 43.74 24.84
CA LYS B 649 -15.04 43.23 26.13
C LYS B 649 -13.81 42.76 26.91
N LEU B 650 -14.03 42.08 28.02
CA LEU B 650 -12.95 41.62 28.89
C LEU B 650 -12.92 40.10 28.89
N LEU B 651 -11.72 39.52 28.72
CA LEU B 651 -11.58 38.08 28.62
C LEU B 651 -11.94 37.40 29.93
N ASP B 652 -12.68 36.31 29.84
CA ASP B 652 -13.00 35.47 30.99
C ASP B 652 -12.15 34.20 30.91
N GLU B 653 -11.30 33.99 31.92
CA GLU B 653 -10.37 32.86 31.88
C GLU B 653 -11.06 31.53 32.16
N GLY B 654 -12.12 31.53 32.95
CA GLY B 654 -12.77 30.31 33.35
C GLY B 654 -13.90 29.83 32.46
N LEU B 655 -14.15 30.51 31.33
CA LEU B 655 -15.24 30.10 30.45
C LEU B 655 -14.87 28.89 29.60
N ASP B 656 -13.62 28.82 29.14
CA ASP B 656 -13.19 27.71 28.30
C ASP B 656 -13.33 26.38 29.02
N GLY B 657 -13.03 26.34 30.31
CA GLY B 657 -13.16 25.13 31.08
C GLY B 657 -14.57 24.85 31.51
N LYS B 658 -15.39 25.90 31.62
CA LYS B 658 -16.79 25.72 31.93
C LYS B 658 -17.57 25.11 30.78
N ILE B 659 -17.23 25.46 29.53
CA ILE B 659 -17.88 24.83 28.39
C ILE B 659 -17.42 23.38 28.19
N GLN B 660 -16.15 23.08 28.48
CA GLN B 660 -15.64 21.72 28.32
C GLN B 660 -16.40 20.74 29.21
N ASN B 661 -16.89 21.19 30.35
CA ASN B 661 -17.62 20.35 31.29
C ASN B 661 -19.11 20.28 30.99
N ASN B 662 -19.52 20.74 29.81
CA ASN B 662 -20.91 20.64 29.36
C ASN B 662 -21.88 21.32 30.33
N ARG B 663 -21.62 22.60 30.59
CA ARG B 663 -22.49 23.36 31.48
C ARG B 663 -23.68 23.93 30.73
N TYR B 664 -23.42 24.64 29.63
CA TYR B 664 -24.48 25.23 28.82
C TYR B 664 -24.88 24.32 27.66
N ARG B 665 -25.18 23.06 27.96
CA ARG B 665 -25.56 22.12 26.91
C ARG B 665 -27.06 22.17 26.63
N PHE B 666 -27.89 21.96 27.65
CA PHE B 666 -29.33 21.97 27.44
C PHE B 666 -29.87 23.39 27.27
N ALA B 667 -29.20 24.38 27.85
CA ALA B 667 -29.57 25.76 27.59
C ALA B 667 -29.37 26.12 26.12
N PHE B 668 -28.21 25.78 25.56
CA PHE B 668 -27.97 26.05 24.16
C PHE B 668 -28.86 25.21 23.25
N LEU B 669 -29.16 23.98 23.65
CA LEU B 669 -30.11 23.18 22.88
C LEU B 669 -31.49 23.80 22.86
N TYR B 670 -31.94 24.33 24.01
CA TYR B 670 -33.23 25.02 24.06
C TYR B 670 -33.22 26.25 23.16
N LEU B 671 -32.13 27.02 23.18
CA LEU B 671 -32.02 28.18 22.31
C LEU B 671 -32.07 27.78 20.84
N LEU B 672 -31.36 26.71 20.48
CA LEU B 672 -31.34 26.25 19.09
C LEU B 672 -32.73 25.83 18.64
N VAL B 673 -33.46 25.10 19.49
CA VAL B 673 -34.81 24.67 19.11
C VAL B 673 -35.73 25.88 18.98
N LYS B 674 -35.58 26.86 19.87
CA LYS B 674 -36.41 28.06 19.79
C LYS B 674 -36.17 28.81 18.48
N TRP B 675 -34.91 28.92 18.06
CA TRP B 675 -34.62 29.56 16.77
C TRP B 675 -35.12 28.73 15.60
N TYR B 676 -35.04 27.40 15.71
CA TYR B 676 -35.49 26.54 14.63
C TYR B 676 -36.98 26.71 14.38
N LYS B 677 -37.79 26.65 15.44
CA LYS B 677 -39.21 26.88 15.20
C LYS B 677 -39.49 28.37 15.20
N LYS B 678 -38.61 29.12 14.53
CA LYS B 678 -38.84 30.49 14.11
C LYS B 678 -38.32 30.78 12.71
N TYR B 679 -37.31 30.04 12.24
CA TYR B 679 -36.75 30.27 10.92
C TYR B 679 -36.99 29.14 9.93
N HIS B 680 -37.25 27.91 10.38
CA HIS B 680 -37.21 26.75 9.50
C HIS B 680 -38.45 25.87 9.57
N ILE B 681 -39.58 26.37 10.05
CA ILE B 681 -40.75 25.50 10.20
C ILE B 681 -41.46 25.28 8.86
N PRO B 682 -41.82 26.33 8.08
CA PRO B 682 -42.45 26.04 6.78
C PRO B 682 -41.52 25.29 5.86
N ILE B 683 -40.35 25.87 5.59
CA ILE B 683 -39.32 25.26 4.76
C ILE B 683 -37.96 25.59 5.35
N MET B 684 -37.04 24.64 5.20
CA MET B 684 -35.66 24.82 5.64
C MET B 684 -34.81 25.05 4.40
N LYS B 685 -34.30 26.27 4.25
CA LYS B 685 -33.45 26.61 3.12
C LYS B 685 -32.44 27.68 3.56
N LEU B 686 -31.22 27.57 3.03
CA LEU B 686 -30.15 28.51 3.32
C LEU B 686 -29.84 29.34 2.09
N TYR B 687 -29.63 30.64 2.29
CA TYR B 687 -29.47 31.59 1.21
C TYR B 687 -28.07 32.18 1.18
N PRO B 688 -27.57 32.56 0.01
CA PRO B 688 -26.22 33.10 -0.09
C PRO B 688 -26.16 34.61 0.11
N THR B 689 -24.98 35.08 0.51
CA THR B 689 -24.68 36.51 0.65
C THR B 689 -23.43 36.80 -0.17
N PRO B 690 -23.58 37.11 -1.45
CA PRO B 690 -22.40 37.37 -2.30
C PRO B 690 -21.82 38.77 -2.18
N GLU B 691 -22.23 39.55 -1.19
CA GLU B 691 -21.76 40.92 -1.04
C GLU B 691 -20.63 41.00 -0.02
N GLY C 323 -5.82 -28.33 40.01
CA GLY C 323 -6.94 -28.77 39.19
C GLY C 323 -6.61 -28.74 37.71
N ASN C 324 -5.37 -28.39 37.40
CA ASN C 324 -4.90 -28.34 36.02
C ASN C 324 -3.43 -28.68 36.00
N LYS C 325 -3.02 -29.54 35.08
CA LYS C 325 -1.61 -29.89 34.97
C LYS C 325 -0.90 -29.07 33.91
N LEU C 326 -1.59 -28.77 32.80
CA LEU C 326 -1.03 -27.85 31.81
C LEU C 326 -0.92 -26.43 32.33
N PHE C 327 -1.62 -26.07 33.39
CA PHE C 327 -1.42 -24.80 34.06
C PHE C 327 -0.25 -24.82 35.02
N ASN C 328 -0.03 -25.95 35.70
CA ASN C 328 1.16 -26.07 36.55
C ASN C 328 2.43 -26.08 35.71
N ILE C 329 2.40 -26.71 34.54
CA ILE C 329 3.54 -26.67 33.63
C ILE C 329 3.86 -25.22 33.27
N ALA C 330 2.83 -24.46 32.91
CA ALA C 330 3.04 -23.07 32.51
C ALA C 330 3.57 -22.23 33.67
N GLN C 331 3.04 -22.44 34.87
CA GLN C 331 3.53 -21.71 36.03
C GLN C 331 5.00 -22.02 36.33
N ARG C 332 5.36 -23.31 36.24
CA ARG C 332 6.75 -23.70 36.46
C ARG C 332 7.66 -23.08 35.42
N ILE C 333 7.24 -23.06 34.16
CA ILE C 333 8.04 -22.42 33.12
C ILE C 333 8.20 -20.94 33.41
N LEU C 334 7.10 -20.27 33.79
CA LEU C 334 7.14 -18.84 34.06
C LEU C 334 8.00 -18.50 35.26
N ASP C 335 8.21 -19.43 36.18
CA ASP C 335 9.07 -19.18 37.32
C ASP C 335 10.55 -19.28 37.00
N THR C 336 10.91 -19.73 35.80
CA THR C 336 12.31 -19.76 35.38
C THR C 336 12.74 -18.51 34.62
N ASN C 337 11.81 -17.59 34.35
CA ASN C 337 12.10 -16.32 33.70
C ASN C 337 12.75 -16.52 32.34
N SER C 338 12.16 -17.38 31.52
CA SER C 338 12.64 -17.64 30.17
C SER C 338 11.79 -16.98 29.09
N VAL C 339 10.66 -16.36 29.44
CA VAL C 339 9.86 -15.59 28.52
C VAL C 339 9.66 -14.20 29.12
N LEU C 340 9.80 -13.18 28.28
CA LEU C 340 9.62 -11.81 28.74
C LEU C 340 8.84 -11.02 27.69
N LEU C 341 8.18 -9.96 28.17
CA LEU C 341 7.44 -9.02 27.33
C LEU C 341 8.15 -7.68 27.35
N THR C 342 8.31 -7.07 26.17
CA THR C 342 9.13 -5.88 26.02
C THR C 342 8.27 -4.65 25.76
N GLU C 343 8.93 -3.49 25.76
CA GLU C 343 8.22 -2.22 25.58
C GLU C 343 7.69 -2.08 24.16
N ARG C 344 8.43 -2.62 23.17
CA ARG C 344 7.95 -2.58 21.80
C ARG C 344 6.77 -3.51 21.57
N GLY C 345 6.48 -4.41 22.52
CA GLY C 345 5.31 -5.25 22.44
C GLY C 345 5.55 -6.69 22.03
N ASP C 346 6.83 -7.06 21.93
CA ASP C 346 7.17 -8.43 21.45
C ASP C 346 7.54 -9.34 22.61
N HIS C 347 7.53 -10.65 22.38
CA HIS C 347 7.88 -11.65 23.37
C HIS C 347 9.26 -12.18 23.06
N ILE C 348 10.16 -12.15 24.04
CA ILE C 348 11.52 -12.63 23.88
C ILE C 348 11.71 -13.88 24.71
N VAL C 349 12.39 -14.88 24.14
CA VAL C 349 12.59 -16.17 24.77
C VAL C 349 14.09 -16.45 24.83
N TRP C 350 14.47 -17.33 25.76
CA TRP C 350 15.87 -17.64 26.04
C TRP C 350 16.13 -19.08 25.62
N ILE C 351 16.53 -19.26 24.36
CA ILE C 351 16.91 -20.56 23.82
C ILE C 351 18.36 -20.50 23.40
N ASN C 352 19.13 -21.54 23.75
CA ASN C 352 20.51 -21.71 23.29
C ASN C 352 21.39 -20.53 23.71
N ASN C 353 21.20 -20.06 24.94
CA ASN C 353 22.02 -19.00 25.53
C ASN C 353 21.96 -17.71 24.70
N SER C 354 20.74 -17.30 24.35
CA SER C 354 20.54 -16.02 23.68
C SER C 354 19.06 -15.68 23.73
N TRP C 355 18.76 -14.39 23.83
CA TRP C 355 17.40 -13.90 23.77
C TRP C 355 17.02 -13.72 22.30
N LYS C 356 16.04 -14.49 21.84
CA LYS C 356 15.60 -14.43 20.46
C LYS C 356 14.14 -14.05 20.39
N PHE C 357 13.74 -13.43 19.27
CA PHE C 357 12.34 -13.09 19.06
C PHE C 357 12.08 -13.00 17.57
N ASN C 358 10.80 -13.15 17.21
CA ASN C 358 10.36 -13.05 15.83
C ASN C 358 9.01 -12.35 15.84
N SER C 359 8.95 -11.18 15.19
CA SER C 359 7.74 -10.36 15.24
C SER C 359 6.56 -11.06 14.58
N GLU C 360 6.79 -11.67 13.41
CA GLU C 360 5.68 -12.23 12.64
C GLU C 360 5.09 -13.45 13.34
N GLU C 361 5.96 -14.35 13.81
CA GLU C 361 5.50 -15.57 14.48
C GLU C 361 6.21 -15.71 15.82
N PRO C 362 5.46 -15.77 16.92
CA PRO C 362 6.09 -15.93 18.24
C PRO C 362 6.88 -17.23 18.35
N LEU C 363 7.84 -17.20 19.27
CA LEU C 363 8.78 -18.30 19.48
C LEU C 363 8.57 -18.97 20.83
N ILE C 364 7.38 -18.85 21.41
CA ILE C 364 7.14 -19.41 22.74
C ILE C 364 7.12 -20.93 22.68
N THR C 365 6.50 -21.51 21.65
CA THR C 365 6.36 -22.96 21.58
C THR C 365 7.71 -23.65 21.35
N LYS C 366 8.62 -22.99 20.63
CA LYS C 366 9.98 -23.50 20.53
C LYS C 366 10.62 -23.60 21.91
N LEU C 367 10.44 -22.57 22.75
CA LEU C 367 10.97 -22.62 24.10
C LEU C 367 10.29 -23.70 24.92
N ILE C 368 8.99 -23.89 24.74
CA ILE C 368 8.27 -24.91 25.49
C ILE C 368 8.82 -26.29 25.16
N LEU C 369 9.08 -26.56 23.87
CA LEU C 369 9.68 -27.83 23.49
C LEU C 369 11.11 -27.95 23.99
N SER C 370 11.86 -26.85 24.03
CA SER C 370 13.27 -26.92 24.41
C SER C 370 13.47 -27.08 25.91
N ILE C 371 12.61 -26.46 26.74
CA ILE C 371 12.78 -26.45 28.19
C ILE C 371 12.16 -27.70 28.78
N ARG C 372 11.76 -28.63 27.91
CA ARG C 372 11.03 -29.82 28.35
C ARG C 372 11.87 -30.67 29.31
N HIS C 373 13.19 -30.68 29.14
CA HIS C 373 14.02 -31.58 29.95
C HIS C 373 14.10 -31.14 31.40
N GLN C 374 14.02 -29.84 31.67
CA GLN C 374 14.13 -29.35 33.03
C GLN C 374 12.91 -29.69 33.88
N LEU C 375 11.79 -30.01 33.26
CA LEU C 375 10.58 -30.36 33.99
C LEU C 375 10.64 -31.81 34.46
N PRO C 376 9.85 -32.16 35.47
CA PRO C 376 9.73 -33.58 35.87
C PRO C 376 9.21 -34.47 34.75
N LYS C 377 9.22 -35.78 34.98
CA LYS C 377 8.98 -36.74 33.90
C LYS C 377 7.53 -36.70 33.43
N GLU C 378 6.59 -36.75 34.37
CA GLU C 378 5.18 -36.75 34.01
C GLU C 378 4.75 -35.41 33.41
N TYR C 379 5.49 -34.34 33.69
CA TYR C 379 5.23 -33.05 33.05
C TYR C 379 5.89 -32.93 31.70
N SER C 380 7.07 -33.52 31.54
CA SER C 380 7.80 -33.45 30.27
C SER C 380 7.21 -34.34 29.20
N SER C 381 6.58 -35.46 29.58
CA SER C 381 6.02 -36.35 28.58
C SER C 381 4.83 -35.75 27.85
N GLU C 382 4.19 -34.73 28.43
CA GLU C 382 3.01 -34.13 27.80
C GLU C 382 3.36 -33.11 26.72
N LEU C 383 4.58 -32.58 26.73
CA LEU C 383 4.96 -31.52 25.80
C LEU C 383 5.43 -32.06 24.46
N LEU C 384 5.21 -33.33 24.18
CA LEU C 384 5.48 -33.91 22.87
C LEU C 384 4.30 -33.80 21.93
N CYS C 385 3.19 -33.22 22.37
CA CYS C 385 2.00 -33.04 21.57
C CYS C 385 1.88 -31.59 21.15
N PRO C 386 1.79 -31.30 19.85
CA PRO C 386 1.66 -29.89 19.42
C PRO C 386 0.40 -29.22 19.92
N ARG C 387 -0.66 -29.99 20.17
CA ARG C 387 -1.93 -29.42 20.61
C ARG C 387 -1.92 -28.95 22.06
N LYS C 388 -1.04 -29.51 22.89
CA LYS C 388 -0.93 -29.09 24.28
C LYS C 388 0.08 -27.97 24.48
N ARG C 389 1.10 -27.88 23.63
CA ARG C 389 2.00 -26.74 23.65
C ARG C 389 1.31 -25.45 23.26
N LYS C 390 0.10 -25.53 22.69
CA LYS C 390 -0.69 -24.33 22.44
C LYS C 390 -1.50 -23.91 23.67
N THR C 391 -2.02 -24.87 24.43
CA THR C 391 -2.68 -24.55 25.69
C THR C 391 -1.68 -23.95 26.69
N VAL C 392 -0.49 -24.55 26.78
CA VAL C 392 0.55 -24.01 27.66
C VAL C 392 0.92 -22.59 27.24
N GLU C 393 1.04 -22.36 25.93
CA GLU C 393 1.38 -21.03 25.44
C GLU C 393 0.28 -20.02 25.74
N ALA C 394 -0.98 -20.44 25.62
CA ALA C 394 -2.09 -19.54 25.96
C ALA C 394 -2.03 -19.13 27.43
N ASN C 395 -1.80 -20.10 28.32
CA ASN C 395 -1.69 -19.75 29.73
C ASN C 395 -0.52 -18.80 29.98
N ILE C 396 0.64 -19.08 29.37
CA ILE C 396 1.81 -18.24 29.57
C ILE C 396 1.53 -16.82 29.08
N ARG C 397 0.89 -16.69 27.92
CA ARG C 397 0.53 -15.36 27.42
C ARG C 397 -0.38 -14.64 28.39
N ASP C 398 -1.32 -15.36 29.01
CA ASP C 398 -2.23 -14.71 29.95
C ASP C 398 -1.56 -14.29 31.25
N MET C 399 -0.51 -15.00 31.69
CA MET C 399 0.09 -14.61 32.96
C MET C 399 1.08 -13.45 32.86
N LEU C 400 1.56 -13.10 31.67
CA LEU C 400 2.56 -12.05 31.50
C LEU C 400 1.86 -10.71 31.32
N VAL C 401 1.92 -9.85 32.33
CA VAL C 401 1.17 -8.60 32.34
C VAL C 401 2.08 -7.39 32.15
N ASP C 402 3.19 -7.32 32.88
CA ASP C 402 4.05 -6.15 32.88
C ASP C 402 5.23 -6.34 31.92
N SER C 403 5.71 -5.22 31.40
CA SER C 403 6.81 -5.22 30.44
C SER C 403 8.13 -4.87 31.13
N VAL C 404 9.23 -5.08 30.41
CA VAL C 404 10.57 -4.87 30.94
C VAL C 404 11.39 -4.05 29.95
N GLU C 405 12.48 -3.49 30.46
CA GLU C 405 13.42 -2.72 29.65
C GLU C 405 14.53 -3.62 29.14
N THR C 406 15.04 -3.30 27.96
CA THR C 406 15.95 -4.17 27.22
C THR C 406 17.21 -3.39 26.85
N ASP C 407 18.35 -4.08 26.86
CA ASP C 407 19.62 -3.55 26.36
C ASP C 407 20.08 -2.33 27.15
N THR C 408 20.31 -2.54 28.45
CA THR C 408 20.66 -1.45 29.34
C THR C 408 22.09 -1.54 29.87
N TYR C 409 22.92 -2.41 29.31
CA TYR C 409 24.31 -2.55 29.74
C TYR C 409 25.24 -2.22 28.57
N PRO C 410 26.02 -1.13 28.65
CA PRO C 410 26.84 -0.76 27.50
C PRO C 410 28.05 -1.66 27.30
N ASP C 411 28.76 -2.01 28.37
CA ASP C 411 30.05 -2.71 28.25
C ASP C 411 29.88 -4.22 28.30
N LYS C 412 28.97 -4.75 27.49
CA LYS C 412 28.74 -6.18 27.38
C LYS C 412 28.58 -6.53 25.92
N LEU C 413 29.39 -7.45 25.41
CA LEU C 413 29.32 -7.81 24.01
C LEU C 413 28.61 -9.14 23.87
N PRO C 414 27.39 -9.19 23.35
CA PRO C 414 26.66 -10.45 23.24
C PRO C 414 27.00 -11.25 22.00
N PHE C 415 27.13 -12.56 22.19
CA PHE C 415 27.40 -13.52 21.13
C PHE C 415 26.21 -14.47 21.01
N LYS C 416 26.36 -15.49 20.16
CA LYS C 416 25.30 -16.46 19.99
C LYS C 416 25.23 -17.48 21.12
N ASN C 417 26.22 -17.50 22.02
CA ASN C 417 26.23 -18.47 23.11
C ASN C 417 26.72 -17.86 24.41
N GLY C 418 26.50 -16.56 24.61
CA GLY C 418 26.92 -15.91 25.83
C GLY C 418 27.40 -14.49 25.61
N VAL C 419 27.73 -13.78 26.68
CA VAL C 419 28.19 -12.40 26.57
C VAL C 419 29.60 -12.30 27.14
N LEU C 420 30.36 -11.35 26.60
CA LEU C 420 31.71 -11.08 27.03
C LEU C 420 31.74 -9.75 27.78
N ASP C 421 32.30 -9.77 28.98
CA ASP C 421 32.43 -8.57 29.80
C ASP C 421 33.65 -7.78 29.35
N LEU C 422 33.43 -6.55 28.91
CA LEU C 422 34.53 -5.73 28.43
C LEU C 422 35.34 -5.11 29.57
N VAL C 423 34.87 -5.22 30.81
CA VAL C 423 35.61 -4.67 31.94
C VAL C 423 36.85 -5.51 32.25
N ASP C 424 36.72 -6.84 32.21
CA ASP C 424 37.83 -7.73 32.55
C ASP C 424 38.13 -8.77 31.50
N GLY C 425 37.25 -9.00 30.53
CA GLY C 425 37.50 -10.00 29.52
C GLY C 425 36.98 -11.39 29.83
N MET C 426 36.09 -11.52 30.80
CA MET C 426 35.51 -12.81 31.15
C MET C 426 34.28 -13.09 30.29
N PHE C 427 34.10 -14.36 29.95
CA PHE C 427 33.00 -14.82 29.11
C PHE C 427 32.01 -15.59 29.97
N TYR C 428 30.76 -15.14 30.00
CA TYR C 428 29.70 -15.77 30.77
C TYR C 428 28.76 -16.55 29.85
N SER C 429 28.12 -17.55 30.41
CA SER C 429 27.07 -18.30 29.73
C SER C 429 26.04 -18.73 30.77
N GLY C 430 25.06 -19.51 30.32
CA GLY C 430 24.05 -20.01 31.25
C GLY C 430 23.22 -18.88 31.82
N ASP C 431 22.93 -18.95 33.11
CA ASP C 431 22.12 -17.94 33.78
C ASP C 431 22.90 -16.69 34.16
N ASP C 432 24.23 -16.73 34.08
CA ASP C 432 25.02 -15.52 34.31
C ASP C 432 24.92 -14.54 33.15
N ALA C 433 24.67 -15.03 31.94
CA ALA C 433 24.49 -14.15 30.79
C ALA C 433 23.04 -13.70 30.62
N LYS C 434 22.10 -14.33 31.32
CA LYS C 434 20.69 -14.03 31.15
C LYS C 434 20.28 -12.71 31.78
N LYS C 435 20.96 -12.27 32.84
CA LYS C 435 20.56 -11.04 33.51
C LYS C 435 20.81 -9.81 32.65
N TYR C 436 21.75 -9.89 31.71
CA TYR C 436 21.93 -8.84 30.71
C TYR C 436 21.01 -9.14 29.55
N THR C 437 19.85 -8.48 29.51
CA THR C 437 18.85 -8.73 28.48
C THR C 437 19.27 -8.06 27.18
N CYS C 438 20.25 -8.68 26.53
CA CYS C 438 20.77 -8.20 25.25
C CYS C 438 20.02 -8.91 24.12
N THR C 439 19.23 -8.16 23.37
CA THR C 439 18.42 -8.72 22.30
C THR C 439 19.12 -8.72 20.96
N VAL C 440 20.37 -8.27 20.89
CA VAL C 440 21.16 -8.30 19.68
C VAL C 440 22.36 -9.21 19.92
N SER C 441 23.00 -9.62 18.82
CA SER C 441 24.18 -10.46 18.94
C SER C 441 24.99 -10.35 17.65
N THR C 442 26.25 -10.78 17.74
CA THR C 442 27.12 -10.75 16.57
C THR C 442 26.73 -11.79 15.53
N GLY C 443 26.02 -12.84 15.92
CA GLY C 443 25.55 -13.85 15.00
C GLY C 443 26.37 -15.12 14.96
N PHE C 444 27.54 -15.15 15.59
CA PHE C 444 28.39 -16.34 15.59
C PHE C 444 28.74 -16.71 17.02
N LYS C 445 29.35 -17.87 17.17
CA LYS C 445 29.72 -18.42 18.47
C LYS C 445 31.10 -17.94 18.89
N PHE C 446 31.32 -17.87 20.19
CA PHE C 446 32.58 -17.40 20.75
C PHE C 446 33.50 -18.58 20.96
N ASP C 447 34.68 -18.53 20.35
CA ASP C 447 35.69 -19.59 20.48
C ASP C 447 36.73 -19.16 21.51
N ASP C 448 36.86 -19.96 22.58
CA ASP C 448 37.80 -19.63 23.63
C ASP C 448 39.25 -19.86 23.19
N THR C 449 39.50 -20.96 22.47
CA THR C 449 40.87 -21.34 22.13
C THR C 449 41.51 -20.43 21.10
N LYS C 450 40.74 -19.58 20.42
CA LYS C 450 41.30 -18.65 19.45
C LYS C 450 41.38 -17.22 19.94
N PHE C 451 40.77 -16.91 21.09
CA PHE C 451 40.81 -15.59 21.69
C PHE C 451 42.08 -15.42 22.53
N VAL C 452 43.23 -15.54 21.84
CA VAL C 452 44.54 -15.56 22.47
C VAL C 452 45.46 -14.58 21.75
N GLU C 453 46.56 -14.22 22.42
CA GLU C 453 47.51 -13.27 21.89
C GLU C 453 48.76 -13.94 21.32
N ASP C 454 48.79 -15.28 21.31
CA ASP C 454 49.94 -16.03 20.80
C ASP C 454 49.47 -16.91 19.66
N SER C 455 49.59 -16.41 18.43
CA SER C 455 49.16 -17.14 17.25
C SER C 455 49.88 -16.56 16.05
N PRO C 456 50.04 -17.34 14.97
CA PRO C 456 50.52 -16.75 13.71
C PRO C 456 49.55 -15.73 13.14
N GLU C 457 48.25 -15.97 13.32
CA GLU C 457 47.25 -15.03 12.81
C GLU C 457 47.41 -13.66 13.44
N MET C 458 47.66 -13.62 14.74
CA MET C 458 47.85 -12.33 15.41
C MET C 458 49.09 -11.62 14.91
N GLU C 459 50.16 -12.36 14.64
CA GLU C 459 51.36 -11.74 14.07
C GLU C 459 51.08 -11.14 12.70
N GLU C 460 50.39 -11.88 11.83
CA GLU C 460 50.03 -11.32 10.53
C GLU C 460 49.15 -10.09 10.67
N LEU C 461 48.16 -10.16 11.57
CA LEU C 461 47.24 -9.04 11.74
C LEU C 461 47.97 -7.80 12.27
N MET C 462 48.87 -7.99 13.23
CA MET C 462 49.64 -6.87 13.74
C MET C 462 50.52 -6.26 12.67
N ASN C 463 51.12 -7.09 11.81
CA ASN C 463 51.90 -6.55 10.70
C ASN C 463 51.02 -5.74 9.75
N ILE C 464 49.84 -6.26 9.42
CA ILE C 464 48.93 -5.56 8.51
C ILE C 464 48.54 -4.21 9.09
N ILE C 465 48.18 -4.19 10.37
CA ILE C 465 47.72 -2.95 11.00
C ILE C 465 48.87 -1.95 11.11
N ASN C 466 50.08 -2.44 11.44
CA ASN C 466 51.22 -1.54 11.55
C ASN C 466 51.68 -1.01 10.21
N ASP C 467 51.41 -1.71 9.11
CA ASP C 467 51.68 -1.11 7.80
C ASP C 467 50.58 -0.15 7.36
N ILE C 468 49.32 -0.41 7.72
CA ILE C 468 48.26 0.54 7.38
C ILE C 468 48.46 1.84 8.17
N GLN C 469 48.74 1.74 9.47
CA GLN C 469 48.92 2.90 10.34
C GLN C 469 50.23 2.74 11.10
N PRO C 470 51.33 3.28 10.57
CA PRO C 470 52.64 3.06 11.21
C PRO C 470 52.74 3.75 12.56
N LEU C 471 53.65 3.21 13.38
CA LEU C 471 53.86 3.67 14.74
C LEU C 471 54.92 4.77 14.84
N THR C 472 55.16 5.50 13.76
CA THR C 472 56.13 6.58 13.79
C THR C 472 55.63 7.71 14.69
N ASP C 473 56.57 8.50 15.20
CA ASP C 473 56.22 9.56 16.13
C ASP C 473 55.50 10.73 15.44
N GLU C 474 55.61 10.85 14.13
CA GLU C 474 54.86 11.85 13.38
C GLU C 474 53.44 11.39 13.06
N ASN C 475 53.10 10.15 13.42
CA ASN C 475 51.78 9.56 13.23
C ASN C 475 51.31 8.93 14.52
N LYS C 476 51.45 9.67 15.63
CA LYS C 476 51.09 9.15 16.94
C LYS C 476 49.68 9.53 17.36
N LYS C 477 49.28 10.79 17.18
CA LYS C 477 47.90 11.17 17.47
C LYS C 477 46.94 10.41 16.57
N ASN C 478 47.17 10.46 15.26
CA ASN C 478 46.28 9.80 14.31
C ASN C 478 46.07 8.34 14.69
N ARG C 479 47.16 7.60 14.85
CA ARG C 479 47.06 6.20 15.24
C ARG C 479 46.18 6.03 16.47
N GLU C 480 46.43 6.83 17.52
CA GLU C 480 45.62 6.73 18.72
C GLU C 480 44.15 6.92 18.40
N LEU C 481 43.82 7.98 17.67
CA LEU C 481 42.43 8.21 17.29
C LEU C 481 41.87 6.98 16.60
N TYR C 482 42.61 6.46 15.62
CA TYR C 482 42.27 5.22 14.95
C TYR C 482 41.81 4.18 15.97
N GLU C 483 42.70 3.82 16.89
CA GLU C 483 42.36 2.79 17.87
C GLU C 483 41.08 3.15 18.60
N LYS C 484 41.00 4.37 19.14
CA LYS C 484 39.82 4.76 19.90
C LYS C 484 38.56 4.50 19.09
N THR C 485 38.55 5.00 17.86
CA THR C 485 37.33 4.88 17.05
C THR C 485 36.94 3.43 16.89
N LEU C 486 37.90 2.57 16.55
CA LEU C 486 37.57 1.17 16.34
C LEU C 486 37.09 0.54 17.63
N SER C 487 37.76 0.84 18.75
CA SER C 487 37.36 0.26 20.02
C SER C 487 36.03 0.81 20.48
N SER C 488 35.55 1.88 19.85
CA SER C 488 34.24 2.41 20.20
C SER C 488 33.12 1.54 19.67
N CYS C 489 33.41 0.68 18.69
CA CYS C 489 32.35 -0.11 18.08
C CYS C 489 31.95 -1.30 18.90
N LEU C 490 32.41 -1.41 20.14
CA LEU C 490 32.02 -2.49 21.02
C LEU C 490 31.07 -2.05 22.13
N CYS C 491 30.90 -0.75 22.34
CA CYS C 491 30.09 -0.21 23.42
C CYS C 491 28.71 0.13 22.89
N GLY C 492 27.67 -0.40 23.55
CA GLY C 492 26.31 -0.15 23.15
C GLY C 492 25.71 1.07 23.82
N ALA C 493 26.30 2.24 23.54
CA ALA C 493 25.82 3.49 24.10
C ALA C 493 25.88 4.55 23.00
N THR C 494 25.34 5.72 23.29
CA THR C 494 25.25 6.77 22.29
C THR C 494 26.57 7.52 22.22
N LYS C 495 27.12 7.63 21.02
CA LYS C 495 28.33 8.38 20.76
C LYS C 495 27.97 9.70 20.07
N GLY C 496 28.52 10.79 20.57
CA GLY C 496 28.15 12.10 20.07
C GLY C 496 29.13 12.70 19.09
N CYS C 497 29.73 11.87 18.24
CA CYS C 497 30.69 12.35 17.27
C CYS C 497 30.66 11.46 16.04
N LEU C 498 30.91 12.06 14.88
CA LEU C 498 30.98 11.35 13.61
C LEU C 498 32.41 11.36 13.11
N THR C 499 32.84 10.27 12.49
CA THR C 499 34.24 10.15 12.09
C THR C 499 34.34 10.00 10.58
N PHE C 500 35.42 10.54 10.02
CA PHE C 500 35.73 10.44 8.61
C PHE C 500 37.01 9.64 8.41
N PHE C 501 36.98 8.71 7.47
CA PHE C 501 38.16 7.98 7.02
C PHE C 501 38.53 8.58 5.67
N PHE C 502 39.55 9.44 5.67
CA PHE C 502 39.90 10.23 4.49
C PHE C 502 41.30 9.85 4.02
N GLY C 503 41.40 9.48 2.75
CA GLY C 503 42.68 9.14 2.15
C GLY C 503 42.50 8.95 0.66
N GLU C 504 43.63 8.78 -0.03
CA GLU C 504 43.60 8.59 -1.47
C GLU C 504 43.31 7.12 -1.78
N THR C 505 43.43 6.75 -3.06
CA THR C 505 43.12 5.39 -3.46
C THR C 505 44.17 4.40 -2.96
N ALA C 506 43.73 3.17 -2.72
CA ALA C 506 44.59 2.07 -2.28
C ALA C 506 45.41 2.45 -1.05
N THR C 507 44.69 2.76 0.03
CA THR C 507 45.31 3.14 1.29
C THR C 507 44.94 2.26 2.47
N GLY C 508 43.82 1.53 2.41
CA GLY C 508 43.49 0.60 3.46
C GLY C 508 42.17 0.84 4.17
N LYS C 509 41.35 1.75 3.64
CA LYS C 509 40.09 2.07 4.29
C LYS C 509 39.10 0.90 4.20
N SER C 510 38.94 0.33 3.00
CA SER C 510 38.04 -0.81 2.83
C SER C 510 38.56 -2.03 3.58
N THR C 511 39.88 -2.20 3.66
CA THR C 511 40.44 -3.30 4.43
C THR C 511 40.08 -3.19 5.91
N THR C 512 40.18 -1.98 6.46
CA THR C 512 39.77 -1.77 7.84
C THR C 512 38.28 -2.02 8.02
N LYS C 513 37.46 -1.57 7.07
CA LYS C 513 36.02 -1.81 7.16
C LYS C 513 35.71 -3.30 7.18
N ARG C 514 36.34 -4.07 6.29
CA ARG C 514 36.09 -5.50 6.23
C ARG C 514 36.61 -6.23 7.46
N LEU C 515 37.76 -5.81 7.99
CA LEU C 515 38.24 -6.39 9.24
C LEU C 515 37.26 -6.16 10.38
N LEU C 516 36.74 -4.93 10.50
CA LEU C 516 35.78 -4.62 11.55
C LEU C 516 34.49 -5.42 11.38
N LYS C 517 34.01 -5.55 10.14
CA LYS C 517 32.81 -6.33 9.89
C LYS C 517 33.01 -7.79 10.29
N SER C 518 34.16 -8.37 9.90
CA SER C 518 34.46 -9.75 10.28
C SER C 518 34.56 -9.90 11.80
N ALA C 519 35.08 -8.87 12.48
CA ALA C 519 35.23 -8.98 13.93
C ALA C 519 33.90 -8.91 14.67
N ILE C 520 33.03 -7.97 14.29
CA ILE C 520 31.82 -7.73 15.09
C ILE C 520 30.55 -8.26 14.46
N GLY C 521 30.62 -8.98 13.35
CA GLY C 521 29.47 -9.74 12.89
C GLY C 521 28.24 -8.93 12.51
N ASP C 522 27.12 -9.24 13.16
CA ASP C 522 25.83 -8.67 12.80
C ASP C 522 25.51 -7.37 13.51
N LEU C 523 26.44 -6.86 14.32
CA LEU C 523 26.30 -5.54 14.92
C LEU C 523 26.81 -4.44 14.01
N PHE C 524 27.24 -4.79 12.81
CA PHE C 524 27.82 -3.88 11.83
C PHE C 524 26.81 -3.68 10.72
N VAL C 525 26.56 -2.44 10.33
CA VAL C 525 25.66 -2.17 9.21
C VAL C 525 26.28 -1.17 8.27
N GLU C 526 25.92 -1.28 7.00
CA GLU C 526 26.37 -0.38 5.95
C GLU C 526 25.14 0.31 5.38
N THR C 527 25.08 1.63 5.55
CA THR C 527 23.92 2.40 5.11
C THR C 527 24.24 3.12 3.81
N GLY C 528 23.27 3.89 3.34
CA GLY C 528 23.40 4.63 2.10
C GLY C 528 23.81 6.07 2.34
N GLN C 529 24.34 6.69 1.29
CA GLN C 529 24.72 8.09 1.34
C GLN C 529 23.52 8.98 1.65
N THR C 530 22.31 8.48 1.38
CA THR C 530 21.11 9.32 1.43
C THR C 530 20.87 9.92 2.81
N ILE C 531 21.31 9.30 3.89
CA ILE C 531 21.15 9.96 5.18
C ILE C 531 22.40 10.76 5.50
N LEU C 532 22.69 11.76 4.67
CA LEU C 532 23.63 12.82 5.00
C LEU C 532 23.13 14.09 4.35
N THR C 533 22.26 13.93 3.36
CA THR C 533 21.89 14.98 2.42
C THR C 533 20.40 15.11 2.18
N ASP C 534 19.58 14.18 2.64
CA ASP C 534 18.14 14.22 2.45
C ASP C 534 17.44 14.31 3.80
N VAL C 535 16.26 14.93 3.79
CA VAL C 535 15.47 15.05 5.01
C VAL C 535 15.04 13.66 5.48
N LEU C 536 14.96 13.49 6.80
CA LEU C 536 14.75 12.18 7.41
C LEU C 536 13.33 11.97 7.92
N ASP C 537 12.37 12.77 7.45
CA ASP C 537 11.00 12.69 7.97
C ASP C 537 9.92 12.56 6.89
N LYS C 538 10.20 12.91 5.64
CA LYS C 538 9.21 12.77 4.58
C LYS C 538 9.04 11.30 4.24
N GLY C 539 7.94 10.70 4.71
CA GLY C 539 7.61 9.34 4.36
C GLY C 539 8.54 8.33 5.01
N PRO C 540 8.51 7.09 4.51
CA PRO C 540 9.33 6.04 5.12
C PRO C 540 10.78 6.13 4.71
N ASN C 541 11.66 5.91 5.68
CA ASN C 541 13.11 5.91 5.45
C ASN C 541 13.71 4.66 6.07
N PRO C 542 13.72 3.55 5.35
CA PRO C 542 14.27 2.30 5.90
C PRO C 542 15.77 2.34 6.15
N PHE C 543 16.49 3.32 5.62
CA PHE C 543 17.92 3.44 5.89
C PHE C 543 18.20 3.93 7.31
N ILE C 544 17.29 4.70 7.89
CA ILE C 544 17.43 5.13 9.27
C ILE C 544 16.90 4.07 10.24
N ALA C 545 15.73 3.49 9.95
CA ALA C 545 15.12 2.53 10.84
C ALA C 545 15.88 1.21 10.91
N ASN C 546 16.84 0.98 10.03
CA ASN C 546 17.62 -0.25 10.06
C ASN C 546 18.80 -0.19 11.00
N MET C 547 19.25 1.01 11.38
CA MET C 547 20.35 1.17 12.33
C MET C 547 19.84 1.30 13.77
N HIS C 548 18.95 0.40 14.15
CA HIS C 548 18.36 0.36 15.47
C HIS C 548 19.13 -0.63 16.34
N LEU C 549 19.74 -0.14 17.41
CA LEU C 549 20.56 -0.90 18.34
C LEU C 549 21.84 -1.44 17.71
N LYS C 550 22.19 -1.01 16.50
CA LYS C 550 23.47 -1.37 15.91
C LYS C 550 24.59 -0.58 16.55
N ARG C 551 25.78 -1.16 16.56
CA ARG C 551 26.92 -0.56 17.24
C ARG C 551 27.98 0.00 16.28
N SER C 552 27.77 -0.10 14.97
CA SER C 552 28.68 0.52 14.02
C SER C 552 27.98 0.67 12.68
N VAL C 553 28.02 1.88 12.13
CA VAL C 553 27.35 2.22 10.88
C VAL C 553 28.37 2.83 9.94
N PHE C 554 28.52 2.22 8.76
CA PHE C 554 29.47 2.67 7.74
C PHE C 554 28.72 3.27 6.57
N CYS C 555 29.17 4.44 6.11
CA CYS C 555 28.65 5.07 4.91
C CYS C 555 29.81 5.28 3.95
N SER C 556 29.78 4.59 2.82
CA SER C 556 30.92 4.55 1.91
C SER C 556 30.60 5.27 0.60
N GLU C 557 31.68 5.60 -0.13
CA GLU C 557 31.60 6.24 -1.44
C GLU C 557 30.85 7.57 -1.38
N LEU C 558 31.44 8.50 -0.63
CA LEU C 558 30.98 9.87 -0.68
C LEU C 558 31.47 10.53 -1.96
N PRO C 559 30.58 11.04 -2.81
CA PRO C 559 31.02 11.64 -4.07
C PRO C 559 31.70 12.98 -3.87
N ASP C 560 32.15 13.59 -4.97
CA ASP C 560 32.70 14.93 -4.92
C ASP C 560 31.58 15.95 -4.91
N PHE C 561 31.71 16.95 -4.05
CA PHE C 561 30.68 17.97 -3.87
C PHE C 561 30.87 19.17 -4.79
N ALA C 562 31.87 19.13 -5.67
CA ALA C 562 32.09 20.19 -6.64
C ALA C 562 31.51 19.90 -8.01
N CYS C 563 31.40 18.62 -8.38
CA CYS C 563 30.93 18.26 -9.71
C CYS C 563 29.41 18.42 -9.80
N SER C 564 28.87 18.03 -10.95
CA SER C 564 27.45 18.20 -11.21
C SER C 564 26.62 17.21 -10.38
N GLY C 565 25.37 17.59 -10.15
CA GLY C 565 24.43 16.73 -9.44
C GLY C 565 24.82 16.40 -8.02
N SER C 566 25.68 17.21 -7.41
CA SER C 566 26.21 16.92 -6.08
C SER C 566 25.48 17.77 -5.05
N LYS C 567 24.92 17.11 -4.04
CA LYS C 567 24.31 17.79 -2.91
C LYS C 567 25.41 18.18 -1.93
N LYS C 568 25.02 18.65 -0.76
CA LYS C 568 25.95 18.99 0.31
C LYS C 568 25.49 18.32 1.60
N ILE C 569 26.43 18.14 2.52
CA ILE C 569 26.14 17.47 3.78
C ILE C 569 25.33 18.41 4.65
N ARG C 570 24.08 18.05 4.92
CA ARG C 570 23.20 18.86 5.73
C ARG C 570 23.72 18.91 7.17
N SER C 571 23.94 20.11 7.69
CA SER C 571 24.46 20.25 9.03
C SER C 571 23.47 19.79 10.10
N ASP C 572 22.16 19.86 9.83
CA ASP C 572 21.17 19.40 10.80
C ASP C 572 21.10 17.87 10.89
N ASN C 573 21.36 17.17 9.78
CA ASN C 573 21.38 15.71 9.85
C ASN C 573 22.52 15.22 10.73
N ILE C 574 23.67 15.88 10.68
CA ILE C 574 24.81 15.49 11.52
C ILE C 574 24.43 15.60 12.99
N LYS C 575 23.75 16.70 13.36
CA LYS C 575 23.32 16.88 14.72
C LYS C 575 22.19 15.93 15.13
N LYS C 576 21.31 15.58 14.19
CA LYS C 576 20.28 14.60 14.49
C LYS C 576 20.87 13.22 14.74
N LEU C 577 21.92 12.85 14.01
CA LEU C 577 22.53 11.54 14.21
C LEU C 577 23.59 11.57 15.31
N THR C 578 23.26 12.20 16.43
CA THR C 578 24.06 12.11 17.64
C THR C 578 23.20 11.96 18.90
N GLU C 579 21.91 12.21 18.80
CA GLU C 579 21.00 12.09 19.93
C GLU C 579 20.72 10.62 20.21
N PRO C 580 20.34 10.29 21.45
CA PRO C 580 20.06 8.88 21.79
C PRO C 580 18.84 8.31 21.09
N CYS C 581 18.02 9.13 20.45
CA CYS C 581 16.80 8.67 19.80
C CYS C 581 16.66 9.37 18.46
N VAL C 582 16.60 8.59 17.39
CA VAL C 582 16.44 9.14 16.05
C VAL C 582 15.01 8.91 15.58
N ILE C 583 14.51 9.84 14.77
CA ILE C 583 13.13 9.83 14.30
C ILE C 583 13.12 9.37 12.85
N GLY C 584 12.37 8.32 12.58
CA GLY C 584 12.28 7.76 11.25
C GLY C 584 11.57 6.42 11.27
N ARG C 585 10.79 6.12 10.24
CA ARG C 585 9.96 4.93 10.25
C ARG C 585 10.19 4.10 9.00
N PRO C 586 10.02 2.78 9.09
CA PRO C 586 10.09 1.95 7.89
C PRO C 586 8.79 1.97 7.10
N CYS C 587 8.69 1.16 6.06
CA CYS C 587 7.48 1.10 5.26
C CYS C 587 6.38 0.36 6.00
N PHE C 588 5.14 0.83 5.83
CA PHE C 588 3.95 0.22 6.43
C PHE C 588 4.07 0.11 7.94
N SER C 589 4.61 1.14 8.58
CA SER C 589 4.84 1.06 10.02
C SER C 589 4.52 2.39 10.67
N ASN C 590 4.15 2.32 11.96
CA ASN C 590 3.81 3.48 12.75
C ASN C 590 4.83 3.80 13.84
N LYS C 591 5.94 3.07 13.89
CA LYS C 591 6.98 3.30 14.90
C LYS C 591 7.95 4.34 14.39
N ILE C 592 8.11 5.44 15.14
CA ILE C 592 8.85 6.58 14.66
C ILE C 592 10.06 6.92 15.52
N ASN C 593 10.46 6.02 16.43
CA ASN C 593 11.61 6.27 17.30
C ASN C 593 12.52 5.06 17.32
N ASN C 594 13.81 5.31 17.11
CA ASN C 594 14.83 4.26 17.12
C ASN C 594 15.95 4.66 18.07
N ARG C 595 16.61 3.65 18.64
CA ARG C 595 17.69 3.85 19.60
C ARG C 595 19.03 3.97 18.88
N ASN C 596 19.85 4.91 19.35
CA ASN C 596 21.13 5.23 18.72
C ASN C 596 22.26 4.70 19.61
N HIS C 597 22.88 3.60 19.17
CA HIS C 597 24.02 3.01 19.86
C HIS C 597 25.23 2.92 18.96
N ALA C 598 25.24 3.62 17.84
CA ALA C 598 26.15 3.36 16.74
C ALA C 598 27.31 4.34 16.70
N THR C 599 28.44 3.86 16.20
CA THR C 599 29.57 4.69 15.81
C THR C 599 29.50 4.88 14.30
N ILE C 600 29.40 6.12 13.86
CA ILE C 600 29.14 6.43 12.46
C ILE C 600 30.43 6.87 11.80
N ILE C 601 30.85 6.10 10.80
CA ILE C 601 32.08 6.35 10.05
C ILE C 601 31.73 6.56 8.59
N ILE C 602 32.27 7.63 8.01
CA ILE C 602 32.09 7.96 6.60
C ILE C 602 33.42 7.72 5.90
N ASP C 603 33.44 6.76 4.99
CA ASP C 603 34.64 6.41 4.24
C ASP C 603 34.64 7.29 2.99
N THR C 604 35.50 8.30 2.98
CA THR C 604 35.48 9.26 1.89
C THR C 604 36.82 9.28 1.17
N ASN C 605 36.81 9.91 0.00
CA ASN C 605 38.01 10.12 -0.81
C ASN C 605 38.34 11.58 -1.03
N TYR C 606 37.41 12.50 -0.78
CA TYR C 606 37.64 13.93 -0.86
C TYR C 606 37.13 14.57 0.43
N LYS C 607 37.69 15.73 0.76
CA LYS C 607 37.31 16.40 1.99
C LYS C 607 35.83 16.80 1.95
N PRO C 608 35.08 16.58 3.04
CA PRO C 608 33.65 16.85 3.01
C PRO C 608 33.35 18.34 2.94
N VAL C 609 32.23 18.66 2.29
CA VAL C 609 31.75 20.03 2.16
C VAL C 609 30.35 20.09 2.77
N PHE C 610 30.14 21.06 3.65
CA PHE C 610 28.91 21.17 4.42
C PHE C 610 28.07 22.35 3.94
N ASP C 611 26.81 22.34 4.37
CA ASP C 611 25.90 23.44 4.05
C ASP C 611 26.33 24.73 4.73
N ARG C 612 26.36 24.73 6.05
CA ARG C 612 26.79 25.87 6.82
C ARG C 612 27.68 25.41 7.96
N ILE C 613 28.49 26.33 8.47
CA ILE C 613 29.47 26.02 9.49
C ILE C 613 29.19 26.86 10.72
N ASP C 614 29.16 26.23 11.88
CA ASP C 614 28.97 26.91 13.15
C ASP C 614 29.64 26.11 14.25
N ASN C 615 29.54 26.63 15.49
CA ASN C 615 30.15 25.96 16.62
C ASN C 615 29.50 24.63 16.96
N ALA C 616 28.21 24.46 16.66
CA ALA C 616 27.54 23.20 16.95
C ALA C 616 27.94 22.09 15.99
N LEU C 617 28.41 22.44 14.79
CA LEU C 617 28.98 21.46 13.87
C LEU C 617 30.47 21.26 14.12
N MET C 618 31.12 22.23 14.77
CA MET C 618 32.52 22.10 15.15
C MET C 618 32.80 20.90 16.03
N ARG C 619 31.90 20.62 16.98
CA ARG C 619 32.18 19.74 18.10
C ARG C 619 31.60 18.35 17.94
N ARG C 620 31.28 17.95 16.71
CA ARG C 620 30.74 16.61 16.46
C ARG C 620 31.44 15.93 15.30
N ILE C 621 32.64 16.38 14.94
CA ILE C 621 33.32 15.90 13.74
C ILE C 621 34.77 15.58 14.07
N ALA C 622 35.24 14.42 13.64
CA ALA C 622 36.62 13.98 13.77
C ALA C 622 37.09 13.38 12.44
N VAL C 623 38.40 13.33 12.25
CA VAL C 623 38.99 12.87 10.99
C VAL C 623 40.21 12.00 11.28
N VAL C 624 40.32 10.89 10.55
CA VAL C 624 41.47 10.00 10.58
C VAL C 624 42.09 9.97 9.19
N ARG C 625 43.41 9.99 9.12
CA ARG C 625 44.13 10.07 7.86
C ARG C 625 44.78 8.73 7.49
N PHE C 626 44.80 8.44 6.20
CA PHE C 626 45.38 7.22 5.66
C PHE C 626 46.40 7.61 4.60
N ARG C 627 47.70 7.50 4.92
CA ARG C 627 48.77 7.84 3.98
C ARG C 627 49.73 6.66 3.87
N THR C 628 49.36 5.68 3.03
CA THR C 628 50.22 4.53 2.77
C THR C 628 49.69 3.85 1.52
N HIS C 629 50.47 3.86 0.45
CA HIS C 629 50.01 3.30 -0.80
C HIS C 629 50.36 1.81 -0.91
N PHE C 630 49.59 1.11 -1.74
CA PHE C 630 49.69 -0.34 -1.90
C PHE C 630 49.70 -0.70 -3.37
N SER C 631 50.58 -0.07 -4.14
CA SER C 631 50.65 -0.30 -5.57
C SER C 631 51.44 -1.57 -5.89
N GLN C 632 51.01 -2.24 -6.95
CA GLN C 632 51.73 -3.37 -7.53
C GLN C 632 53.03 -2.87 -8.17
N PRO C 633 54.05 -3.73 -8.30
CA PRO C 633 55.37 -3.24 -8.70
C PRO C 633 55.46 -2.86 -10.17
N SER C 634 54.48 -2.11 -10.66
CA SER C 634 54.51 -1.53 -12.00
C SER C 634 54.28 -0.03 -11.98
N GLY C 635 53.38 0.45 -11.13
CA GLY C 635 53.16 1.88 -10.97
C GLY C 635 53.83 2.38 -9.72
N ARG C 636 54.85 1.65 -9.27
CA ARG C 636 55.52 1.99 -8.01
C ARG C 636 56.16 3.36 -8.08
N GLU C 637 56.84 3.67 -9.18
CA GLU C 637 57.52 4.95 -9.30
C GLU C 637 56.54 6.11 -9.40
N ALA C 638 55.46 5.93 -10.16
CA ALA C 638 54.45 6.98 -10.27
C ALA C 638 53.85 7.30 -8.91
N ALA C 639 53.60 6.28 -8.09
CA ALA C 639 53.13 6.49 -6.72
C ALA C 639 54.20 7.10 -5.83
N GLU C 640 55.47 6.76 -6.04
CA GLU C 640 56.56 7.44 -5.35
C GLU C 640 56.64 8.91 -5.73
N ASN C 641 56.07 9.29 -6.87
CA ASN C 641 56.04 10.68 -7.31
C ASN C 641 54.90 11.49 -6.72
N ASN C 642 54.00 10.87 -5.95
CA ASN C 642 52.82 11.56 -5.45
C ASN C 642 53.05 12.14 -4.06
N ASP C 643 52.37 13.25 -3.79
CA ASP C 643 52.53 13.95 -2.52
C ASP C 643 51.56 13.43 -1.45
N ALA C 644 50.61 12.59 -1.84
CA ALA C 644 49.57 12.16 -0.93
C ALA C 644 49.93 10.88 -0.17
N TYR C 645 51.08 10.28 -0.46
CA TYR C 645 51.48 9.05 0.19
C TYR C 645 52.77 9.26 0.96
N ASP C 646 52.96 8.44 1.98
CA ASP C 646 54.21 8.38 2.72
C ASP C 646 54.93 7.04 2.63
N LYS C 647 54.22 5.97 2.31
CA LYS C 647 54.81 4.67 2.07
C LYS C 647 54.18 4.07 0.82
N VAL C 648 54.97 3.31 0.06
CA VAL C 648 54.49 2.74 -1.19
C VAL C 648 54.61 1.23 -1.13
N LYS C 649 54.36 0.67 0.05
CA LYS C 649 54.52 -0.76 0.29
C LYS C 649 53.79 -1.60 -0.76
N LEU C 650 54.29 -2.83 -0.95
CA LEU C 650 53.80 -3.70 -2.01
C LEU C 650 52.41 -4.23 -1.71
N LEU C 651 51.61 -4.38 -2.77
CA LEU C 651 50.25 -4.92 -2.65
C LEU C 651 50.32 -6.42 -2.39
N ASP C 652 49.60 -6.89 -1.37
CA ASP C 652 49.39 -8.30 -1.18
C ASP C 652 48.12 -8.73 -1.92
N GLU C 653 48.25 -9.77 -2.74
CA GLU C 653 47.17 -10.16 -3.63
C GLU C 653 46.15 -11.07 -2.96
N GLY C 654 46.59 -11.97 -2.08
CA GLY C 654 45.71 -12.89 -1.39
C GLY C 654 45.16 -12.39 -0.06
N LEU C 655 45.43 -11.14 0.32
CA LEU C 655 44.97 -10.65 1.61
C LEU C 655 43.45 -10.55 1.66
N ASP C 656 42.83 -10.08 0.58
CA ASP C 656 41.38 -9.95 0.55
C ASP C 656 40.67 -11.28 0.54
N GLY C 657 41.39 -12.39 0.35
CA GLY C 657 40.77 -13.70 0.42
C GLY C 657 40.73 -14.22 1.84
N LYS C 658 41.80 -14.00 2.60
CA LYS C 658 41.84 -14.41 3.99
C LYS C 658 41.32 -13.32 4.92
N ILE C 659 40.19 -12.73 4.55
CA ILE C 659 39.45 -11.83 5.43
C ILE C 659 38.01 -12.31 5.44
N GLN C 660 37.45 -12.50 4.25
CA GLN C 660 36.09 -13.01 4.12
C GLN C 660 35.94 -14.44 4.62
N ASN C 661 37.05 -15.14 4.84
CA ASN C 661 37.02 -16.45 5.46
C ASN C 661 37.21 -16.38 6.98
N ASN C 662 37.17 -15.17 7.54
CA ASN C 662 37.22 -14.96 8.99
C ASN C 662 38.49 -15.54 9.60
N ARG C 663 39.61 -15.29 8.93
CA ARG C 663 40.89 -15.77 9.44
C ARG C 663 41.36 -14.94 10.63
N TYR C 664 41.16 -13.62 10.58
CA TYR C 664 41.60 -12.71 11.64
C TYR C 664 40.42 -12.23 12.49
N ARG C 665 39.41 -13.08 12.67
CA ARG C 665 38.23 -12.67 13.42
C ARG C 665 38.55 -12.45 14.90
N PHE C 666 39.02 -13.50 15.57
CA PHE C 666 39.24 -13.42 17.01
C PHE C 666 40.52 -12.68 17.37
N ALA C 667 41.52 -12.66 16.48
CA ALA C 667 42.70 -11.84 16.74
C ALA C 667 42.34 -10.37 16.77
N PHE C 668 41.54 -9.92 15.79
CA PHE C 668 41.08 -8.53 15.79
C PHE C 668 40.13 -8.27 16.96
N LEU C 669 39.33 -9.25 17.35
CA LEU C 669 38.50 -9.09 18.54
C LEU C 669 39.35 -8.85 19.79
N TYR C 670 40.41 -9.63 19.94
CA TYR C 670 41.30 -9.45 21.09
C TYR C 670 41.97 -8.07 21.06
N LEU C 671 42.40 -7.64 19.88
CA LEU C 671 42.99 -6.31 19.76
C LEU C 671 42.00 -5.22 20.14
N LEU C 672 40.76 -5.34 19.68
CA LEU C 672 39.74 -4.35 20.01
C LEU C 672 39.45 -4.32 21.50
N VAL C 673 39.40 -5.49 22.15
CA VAL C 673 39.14 -5.52 23.58
C VAL C 673 40.30 -4.89 24.35
N LYS C 674 41.54 -5.14 23.90
CA LYS C 674 42.69 -4.51 24.53
C LYS C 674 42.63 -2.99 24.42
N TRP C 675 42.30 -2.48 23.23
CA TRP C 675 42.18 -1.04 23.07
C TRP C 675 41.06 -0.47 23.91
N TYR C 676 39.94 -1.18 24.01
CA TYR C 676 38.83 -0.71 24.83
C TYR C 676 39.23 -0.62 26.29
N LYS C 677 39.94 -1.63 26.79
CA LYS C 677 40.45 -1.56 28.16
C LYS C 677 41.38 -0.37 28.33
N LYS C 678 42.20 -0.09 27.32
CA LYS C 678 43.16 1.00 27.42
C LYS C 678 42.48 2.38 27.43
N TYR C 679 41.38 2.55 26.68
CA TYR C 679 40.86 3.88 26.41
C TYR C 679 39.52 4.21 27.10
N HIS C 680 38.56 3.29 27.11
CA HIS C 680 37.18 3.65 27.44
C HIS C 680 36.70 3.02 28.74
N ILE C 681 37.59 2.68 29.65
CA ILE C 681 37.19 1.98 30.87
C ILE C 681 36.54 2.93 31.88
N PRO C 682 37.14 4.08 32.24
CA PRO C 682 36.43 5.00 33.14
C PRO C 682 35.10 5.48 32.56
N ILE C 683 35.16 6.14 31.41
CA ILE C 683 33.97 6.60 30.71
C ILE C 683 34.23 6.50 29.21
N MET C 684 33.19 6.13 28.46
CA MET C 684 33.28 6.08 27.00
C MET C 684 32.86 7.44 26.43
N LYS C 685 33.74 8.07 25.68
CA LYS C 685 33.45 9.38 25.13
C LYS C 685 34.42 9.68 23.99
N LEU C 686 33.88 10.19 22.88
CA LEU C 686 34.66 10.59 21.73
C LEU C 686 34.74 12.11 21.67
N TYR C 687 35.86 12.61 21.14
CA TYR C 687 36.11 14.04 21.09
C TYR C 687 36.37 14.50 19.66
N PRO C 688 35.99 15.73 19.33
CA PRO C 688 36.18 16.22 17.97
C PRO C 688 37.61 16.71 17.73
N THR C 689 37.98 16.74 16.44
CA THR C 689 39.28 17.22 16.00
C THR C 689 39.04 18.24 14.89
N PRO C 690 38.76 19.49 15.26
CA PRO C 690 38.39 20.49 14.24
C PRO C 690 39.56 21.07 13.48
N GLU C 691 40.80 20.80 13.88
CA GLU C 691 41.98 21.32 13.21
C GLU C 691 42.37 20.52 11.98
N GLU C 692 41.46 19.71 11.45
CA GLU C 692 41.75 18.84 10.32
C GLU C 692 40.91 19.13 9.09
N ILE C 693 40.03 20.12 9.14
CA ILE C 693 39.16 20.45 8.01
C ILE C 693 39.46 21.87 7.55
N PRO C 694 39.46 22.14 6.24
CA PRO C 694 39.85 23.48 5.75
C PRO C 694 38.88 24.57 6.19
N ASP C 695 37.58 24.36 5.95
CA ASP C 695 36.59 25.36 6.35
C ASP C 695 36.59 25.54 7.87
N PHE C 696 36.71 24.44 8.61
CA PHE C 696 36.74 24.54 10.06
C PHE C 696 37.98 25.32 10.51
N ALA C 697 39.11 25.11 9.84
CA ALA C 697 40.31 25.89 10.16
C ALA C 697 40.10 27.36 9.89
N PHE C 698 39.42 27.70 8.78
CA PHE C 698 39.13 29.10 8.49
C PHE C 698 38.26 29.72 9.57
N TYR C 699 37.21 29.01 9.99
CA TYR C 699 36.32 29.56 11.01
C TYR C 699 36.92 29.49 12.41
N LEU C 700 37.94 28.66 12.61
CA LEU C 700 38.52 28.48 13.94
C LEU C 700 39.20 29.76 14.45
N GLY D 323 -28.26 -42.89 0.32
CA GLY D 323 -27.01 -43.00 1.04
C GLY D 323 -26.55 -41.68 1.62
N ASN D 324 -27.09 -40.60 1.08
CA ASN D 324 -26.78 -39.25 1.54
C ASN D 324 -28.03 -38.39 1.39
N LYS D 325 -28.63 -38.00 2.52
CA LYS D 325 -29.83 -37.18 2.47
C LYS D 325 -29.52 -35.74 2.06
N LEU D 326 -28.45 -35.17 2.63
CA LEU D 326 -28.07 -33.80 2.31
C LEU D 326 -27.60 -33.62 0.87
N PHE D 327 -27.25 -34.71 0.19
CA PHE D 327 -26.91 -34.66 -1.22
C PHE D 327 -28.15 -34.76 -2.10
N ASN D 328 -29.12 -35.58 -1.70
CA ASN D 328 -30.38 -35.64 -2.42
C ASN D 328 -31.14 -34.32 -2.33
N ILE D 329 -31.08 -33.66 -1.18
CA ILE D 329 -31.71 -32.34 -1.05
C ILE D 329 -31.10 -31.36 -2.04
N ALA D 330 -29.77 -31.33 -2.10
CA ALA D 330 -29.07 -30.44 -3.02
C ALA D 330 -29.39 -30.77 -4.48
N GLN D 331 -29.50 -32.06 -4.78
CA GLN D 331 -29.90 -32.45 -6.14
C GLN D 331 -31.30 -31.99 -6.46
N ARG D 332 -32.21 -32.04 -5.49
CA ARG D 332 -33.57 -31.54 -5.71
C ARG D 332 -33.58 -30.05 -5.97
N ILE D 333 -32.83 -29.29 -5.17
CA ILE D 333 -32.78 -27.83 -5.35
C ILE D 333 -32.16 -27.47 -6.70
N LEU D 334 -31.28 -28.31 -7.23
CA LEU D 334 -30.65 -28.03 -8.51
C LEU D 334 -31.58 -28.26 -9.69
N ASP D 335 -32.71 -28.93 -9.49
CA ASP D 335 -33.67 -29.15 -10.57
C ASP D 335 -34.65 -27.99 -10.73
N THR D 336 -34.87 -27.22 -9.65
CA THR D 336 -35.76 -26.06 -9.74
C THR D 336 -35.15 -24.92 -10.55
N ASN D 337 -33.87 -25.02 -10.90
CA ASN D 337 -33.17 -23.98 -11.67
C ASN D 337 -33.23 -22.64 -10.96
N SER D 338 -33.19 -22.67 -9.63
CA SER D 338 -33.18 -21.46 -8.82
C SER D 338 -31.77 -20.94 -8.56
N VAL D 339 -30.74 -21.68 -8.91
CA VAL D 339 -29.35 -21.26 -8.77
C VAL D 339 -28.69 -21.38 -10.13
N LEU D 340 -27.93 -20.35 -10.50
CA LEU D 340 -27.18 -20.38 -11.75
C LEU D 340 -25.79 -19.81 -11.52
N LEU D 341 -24.84 -20.26 -12.34
CA LEU D 341 -23.47 -19.78 -12.31
C LEU D 341 -23.20 -19.00 -13.60
N THR D 342 -22.78 -17.75 -13.45
CA THR D 342 -22.47 -16.93 -14.61
C THR D 342 -21.02 -17.16 -15.02
N GLU D 343 -20.52 -16.35 -15.95
CA GLU D 343 -19.19 -16.57 -16.50
C GLU D 343 -18.07 -15.97 -15.65
N ARG D 344 -18.31 -14.85 -14.99
CA ARG D 344 -17.30 -14.31 -14.08
C ARG D 344 -17.17 -15.15 -12.82
N GLY D 345 -18.12 -16.02 -12.55
CA GLY D 345 -18.13 -16.79 -11.32
C GLY D 345 -19.22 -16.43 -10.34
N ASP D 346 -20.12 -15.52 -10.71
CA ASP D 346 -21.21 -15.13 -9.82
C ASP D 346 -22.21 -16.26 -9.68
N HIS D 347 -22.75 -16.41 -8.48
CA HIS D 347 -23.82 -17.36 -8.20
C HIS D 347 -25.09 -16.56 -8.00
N ILE D 348 -26.00 -16.63 -8.96
CA ILE D 348 -27.26 -15.90 -8.91
C ILE D 348 -28.35 -16.86 -8.43
N VAL D 349 -29.25 -16.35 -7.58
CA VAL D 349 -30.35 -17.13 -7.04
C VAL D 349 -31.66 -16.39 -7.29
N TRP D 350 -32.75 -17.15 -7.19
CA TRP D 350 -34.09 -16.65 -7.52
C TRP D 350 -34.95 -16.71 -6.27
N ILE D 351 -35.15 -15.57 -5.63
CA ILE D 351 -36.01 -15.45 -4.46
C ILE D 351 -36.84 -14.19 -4.59
N ASN D 352 -38.11 -14.27 -4.18
CA ASN D 352 -39.04 -13.14 -4.20
C ASN D 352 -39.22 -12.58 -5.61
N ASN D 353 -39.34 -13.48 -6.59
CA ASN D 353 -39.61 -13.11 -7.98
C ASN D 353 -38.55 -12.15 -8.53
N SER D 354 -37.28 -12.46 -8.29
CA SER D 354 -36.20 -11.66 -8.83
C SER D 354 -34.89 -12.42 -8.69
N TRP D 355 -34.06 -12.36 -9.74
CA TRP D 355 -32.71 -12.90 -9.67
C TRP D 355 -31.81 -11.92 -8.93
N LYS D 356 -30.91 -12.46 -8.11
CA LYS D 356 -30.05 -11.62 -7.28
C LYS D 356 -28.68 -12.25 -7.16
N PHE D 357 -27.66 -11.39 -7.04
CA PHE D 357 -26.32 -11.83 -6.72
C PHE D 357 -25.65 -10.80 -5.83
N ASN D 358 -24.87 -11.28 -4.87
CA ASN D 358 -24.14 -10.42 -3.94
C ASN D 358 -23.01 -11.24 -3.34
N SER D 359 -21.77 -10.85 -3.63
CA SER D 359 -20.63 -11.63 -3.15
C SER D 359 -20.47 -11.55 -1.63
N GLU D 360 -21.06 -10.56 -0.98
CA GLU D 360 -20.94 -10.43 0.47
C GLU D 360 -22.03 -11.19 1.21
N GLU D 361 -23.29 -10.89 0.90
CA GLU D 361 -24.39 -11.55 1.58
C GLU D 361 -24.45 -13.04 1.19
N PRO D 362 -24.88 -13.90 2.11
CA PRO D 362 -24.97 -15.34 1.79
C PRO D 362 -26.26 -15.70 1.05
N LEU D 363 -26.25 -15.54 -0.28
CA LEU D 363 -27.48 -15.68 -1.05
C LEU D 363 -27.93 -17.14 -1.14
N ILE D 364 -26.99 -18.08 -1.28
CA ILE D 364 -27.38 -19.47 -1.46
C ILE D 364 -28.01 -20.03 -0.19
N THR D 365 -27.45 -19.71 0.97
CA THR D 365 -28.04 -20.17 2.22
C THR D 365 -29.36 -19.46 2.54
N LYS D 366 -29.60 -18.29 1.97
CA LYS D 366 -30.92 -17.68 2.06
C LYS D 366 -31.92 -18.43 1.19
N LEU D 367 -31.53 -18.77 -0.04
CA LEU D 367 -32.43 -19.50 -0.92
C LEU D 367 -32.75 -20.88 -0.38
N ILE D 368 -31.76 -21.55 0.23
CA ILE D 368 -31.99 -22.88 0.78
C ILE D 368 -33.07 -22.83 1.86
N LEU D 369 -33.03 -21.81 2.72
CA LEU D 369 -34.04 -21.68 3.75
C LEU D 369 -35.38 -21.25 3.19
N SER D 370 -35.39 -20.41 2.14
CA SER D 370 -36.66 -19.95 1.59
C SER D 370 -37.37 -21.01 0.78
N ILE D 371 -36.63 -21.96 0.20
CA ILE D 371 -37.22 -22.97 -0.68
C ILE D 371 -37.64 -24.23 0.07
N ARG D 372 -37.45 -24.28 1.38
CA ARG D 372 -37.66 -25.51 2.13
C ARG D 372 -39.11 -25.99 2.11
N HIS D 373 -40.05 -25.13 1.72
CA HIS D 373 -41.45 -25.52 1.70
C HIS D 373 -41.82 -26.39 0.50
N GLN D 374 -41.18 -26.17 -0.66
CA GLN D 374 -41.44 -26.98 -1.85
C GLN D 374 -40.56 -28.23 -1.84
N LEU D 375 -40.64 -28.96 -0.73
CA LEU D 375 -39.86 -30.18 -0.53
C LEU D 375 -40.70 -31.12 0.31
N PRO D 376 -40.38 -32.42 0.30
CA PRO D 376 -41.06 -33.35 1.21
C PRO D 376 -40.83 -32.97 2.65
N LYS D 377 -41.74 -33.42 3.52
CA LYS D 377 -41.67 -33.09 4.94
C LYS D 377 -40.39 -33.62 5.57
N GLU D 378 -39.97 -34.84 5.23
CA GLU D 378 -38.76 -35.39 5.82
C GLU D 378 -37.52 -34.58 5.45
N TYR D 379 -37.50 -33.99 4.25
CA TYR D 379 -36.38 -33.14 3.86
C TYR D 379 -36.45 -31.77 4.52
N SER D 380 -37.66 -31.21 4.64
CA SER D 380 -37.81 -29.82 5.05
C SER D 380 -37.33 -29.59 6.48
N SER D 381 -37.61 -30.55 7.38
CA SER D 381 -37.25 -30.35 8.79
C SER D 381 -35.75 -30.33 9.02
N GLU D 382 -34.96 -30.91 8.10
CA GLU D 382 -33.52 -30.88 8.25
C GLU D 382 -32.92 -29.52 7.93
N LEU D 383 -33.60 -28.73 7.11
CA LEU D 383 -33.08 -27.44 6.67
C LEU D 383 -33.27 -26.33 7.69
N LEU D 384 -33.62 -26.67 8.94
CA LEU D 384 -33.74 -25.68 10.01
C LEU D 384 -32.45 -25.50 10.80
N CYS D 385 -31.39 -26.22 10.45
CA CYS D 385 -30.12 -26.13 11.15
C CYS D 385 -29.12 -25.36 10.32
N PRO D 386 -28.48 -24.33 10.87
CA PRO D 386 -27.51 -23.56 10.08
C PRO D 386 -26.29 -24.35 9.68
N ARG D 387 -25.95 -25.44 10.38
CA ARG D 387 -24.79 -26.24 10.01
C ARG D 387 -25.07 -27.12 8.80
N LYS D 388 -26.29 -27.66 8.70
CA LYS D 388 -26.65 -28.47 7.54
C LYS D 388 -26.88 -27.63 6.28
N ARG D 389 -27.39 -26.41 6.44
CA ARG D 389 -27.54 -25.48 5.33
C ARG D 389 -26.20 -25.08 4.72
N LYS D 390 -25.10 -25.30 5.41
CA LYS D 390 -23.78 -25.08 4.84
C LYS D 390 -23.28 -26.30 4.07
N THR D 391 -23.57 -27.51 4.54
CA THR D 391 -23.25 -28.71 3.77
C THR D 391 -24.01 -28.76 2.45
N VAL D 392 -25.31 -28.42 2.48
CA VAL D 392 -26.08 -28.42 1.24
C VAL D 392 -25.51 -27.42 0.24
N GLU D 393 -25.15 -26.22 0.70
CA GLU D 393 -24.57 -25.22 -0.20
C GLU D 393 -23.20 -25.63 -0.69
N ALA D 394 -22.39 -26.30 0.14
CA ALA D 394 -21.09 -26.79 -0.31
C ALA D 394 -21.26 -27.81 -1.42
N ASN D 395 -22.24 -28.72 -1.31
CA ASN D 395 -22.52 -29.63 -2.41
C ASN D 395 -22.99 -28.89 -3.65
N ILE D 396 -23.88 -27.90 -3.48
CA ILE D 396 -24.41 -27.16 -4.62
C ILE D 396 -23.29 -26.46 -5.39
N ARG D 397 -22.36 -25.85 -4.66
CA ARG D 397 -21.23 -25.21 -5.33
C ARG D 397 -20.37 -26.20 -6.12
N ASP D 398 -20.39 -27.47 -5.73
CA ASP D 398 -19.61 -28.49 -6.43
C ASP D 398 -20.35 -29.10 -7.61
N MET D 399 -21.68 -29.06 -7.63
CA MET D 399 -22.41 -29.56 -8.80
C MET D 399 -22.63 -28.49 -9.87
N LEU D 400 -22.14 -27.27 -9.69
CA LEU D 400 -22.32 -26.20 -10.68
C LEU D 400 -21.04 -26.10 -11.51
N VAL D 401 -21.03 -26.79 -12.64
CA VAL D 401 -19.85 -26.87 -13.48
C VAL D 401 -19.97 -26.02 -14.75
N ASP D 402 -21.18 -25.81 -15.27
CA ASP D 402 -21.38 -25.10 -16.52
C ASP D 402 -21.95 -23.71 -16.25
N SER D 403 -21.46 -22.73 -16.98
CA SER D 403 -21.91 -21.36 -16.87
C SER D 403 -22.95 -21.06 -17.95
N VAL D 404 -23.91 -20.21 -17.59
CA VAL D 404 -24.95 -19.78 -18.52
C VAL D 404 -24.77 -18.29 -18.78
N GLU D 405 -25.32 -17.83 -19.89
CA GLU D 405 -25.26 -16.42 -20.26
C GLU D 405 -26.55 -15.72 -19.84
N THR D 406 -26.41 -14.53 -19.28
CA THR D 406 -27.50 -13.80 -18.67
C THR D 406 -27.57 -12.38 -19.24
N ASP D 407 -28.72 -11.76 -19.06
CA ASP D 407 -28.95 -10.37 -19.47
C ASP D 407 -28.77 -10.19 -20.97
N THR D 408 -29.51 -11.00 -21.74
CA THR D 408 -29.41 -10.97 -23.20
C THR D 408 -30.54 -10.20 -23.87
N TYR D 409 -31.64 -9.96 -23.16
CA TYR D 409 -32.75 -9.20 -23.72
C TYR D 409 -32.55 -7.73 -23.43
N PRO D 410 -32.26 -6.89 -24.42
CA PRO D 410 -31.98 -5.48 -24.13
C PRO D 410 -33.22 -4.61 -23.96
N ASP D 411 -34.40 -5.11 -24.30
CA ASP D 411 -35.63 -4.32 -24.26
C ASP D 411 -36.60 -4.85 -23.20
N LYS D 412 -36.07 -5.19 -22.03
CA LYS D 412 -36.87 -5.58 -20.88
C LYS D 412 -36.42 -4.76 -19.68
N LEU D 413 -37.38 -4.28 -18.90
CA LEU D 413 -37.09 -3.49 -17.71
C LEU D 413 -37.40 -4.31 -16.47
N PRO D 414 -36.39 -4.71 -15.69
CA PRO D 414 -36.66 -5.55 -14.51
C PRO D 414 -37.04 -4.75 -13.28
N PHE D 415 -38.14 -5.13 -12.65
CA PHE D 415 -38.60 -4.51 -11.41
C PHE D 415 -38.40 -5.48 -10.25
N LYS D 416 -38.87 -5.09 -9.07
CA LYS D 416 -38.72 -5.92 -7.88
C LYS D 416 -39.66 -7.12 -7.87
N ASN D 417 -40.71 -7.10 -8.69
CA ASN D 417 -41.69 -8.19 -8.68
C ASN D 417 -42.03 -8.68 -10.08
N GLY D 418 -41.27 -8.27 -11.09
CA GLY D 418 -41.54 -8.69 -12.45
C GLY D 418 -40.73 -7.90 -13.44
N VAL D 419 -40.92 -8.25 -14.71
CA VAL D 419 -40.19 -7.66 -15.83
C VAL D 419 -41.21 -7.08 -16.81
N LEU D 420 -41.02 -5.82 -17.18
CA LEU D 420 -41.92 -5.12 -18.07
C LEU D 420 -41.32 -5.07 -19.48
N ASP D 421 -42.12 -5.45 -20.47
CA ASP D 421 -41.68 -5.43 -21.85
C ASP D 421 -41.89 -4.04 -22.44
N LEU D 422 -40.86 -3.49 -23.08
CA LEU D 422 -40.94 -2.14 -23.60
C LEU D 422 -41.60 -2.09 -24.98
N VAL D 423 -41.29 -3.03 -25.86
CA VAL D 423 -41.85 -3.04 -27.21
C VAL D 423 -43.28 -3.52 -27.25
N ASP D 424 -43.81 -4.04 -26.16
CA ASP D 424 -45.16 -4.56 -26.14
C ASP D 424 -46.02 -3.94 -25.05
N GLY D 425 -45.46 -3.72 -23.86
CA GLY D 425 -46.18 -3.09 -22.77
C GLY D 425 -46.71 -4.04 -21.70
N MET D 426 -46.57 -5.35 -21.90
CA MET D 426 -47.04 -6.30 -20.91
C MET D 426 -46.08 -6.39 -19.73
N PHE D 427 -46.61 -6.79 -18.58
CA PHE D 427 -45.84 -6.92 -17.35
C PHE D 427 -45.94 -8.35 -16.84
N TYR D 428 -44.92 -9.15 -17.11
CA TYR D 428 -44.86 -10.53 -16.62
C TYR D 428 -44.36 -10.56 -15.19
N SER D 429 -44.79 -11.58 -14.46
CA SER D 429 -44.41 -11.73 -13.06
C SER D 429 -44.37 -13.21 -12.70
N GLY D 430 -43.69 -13.53 -11.61
CA GLY D 430 -43.60 -14.91 -11.19
C GLY D 430 -42.74 -15.72 -12.15
N ASP D 431 -43.18 -16.95 -12.43
CA ASP D 431 -42.45 -17.82 -13.35
C ASP D 431 -42.43 -17.29 -14.77
N ASP D 432 -43.28 -16.31 -15.09
CA ASP D 432 -43.26 -15.72 -16.43
C ASP D 432 -42.04 -14.85 -16.66
N ALA D 433 -41.55 -14.18 -15.63
CA ALA D 433 -40.38 -13.32 -15.75
C ALA D 433 -39.07 -14.07 -15.53
N LYS D 434 -39.14 -15.34 -15.14
CA LYS D 434 -37.93 -16.12 -14.88
C LYS D 434 -37.18 -16.51 -16.14
N LYS D 435 -37.84 -16.45 -17.31
CA LYS D 435 -37.16 -16.81 -18.56
C LYS D 435 -36.05 -15.82 -18.88
N TYR D 436 -36.35 -14.53 -18.83
CA TYR D 436 -35.33 -13.51 -19.02
C TYR D 436 -34.52 -13.39 -17.74
N THR D 437 -33.28 -13.88 -17.75
CA THR D 437 -32.43 -13.82 -16.58
C THR D 437 -31.94 -12.38 -16.41
N CYS D 438 -32.82 -11.54 -15.86
CA CYS D 438 -32.51 -10.15 -15.58
C CYS D 438 -31.94 -10.07 -14.17
N THR D 439 -30.63 -9.98 -14.06
CA THR D 439 -29.93 -10.10 -12.78
C THR D 439 -29.89 -8.79 -12.00
N VAL D 440 -30.42 -7.70 -12.55
CA VAL D 440 -30.48 -6.43 -11.84
C VAL D 440 -31.95 -6.02 -11.70
N SER D 441 -32.19 -4.91 -11.02
CA SER D 441 -33.56 -4.48 -10.75
C SER D 441 -33.57 -3.00 -10.45
N THR D 442 -34.76 -2.40 -10.52
CA THR D 442 -34.92 -1.01 -10.12
C THR D 442 -34.91 -0.86 -8.62
N GLY D 443 -35.34 -1.89 -7.89
CA GLY D 443 -35.40 -1.88 -6.45
C GLY D 443 -36.78 -1.64 -5.87
N PHE D 444 -37.72 -1.15 -6.67
CA PHE D 444 -39.07 -0.90 -6.21
C PHE D 444 -40.08 -1.67 -7.06
N LYS D 445 -41.22 -1.94 -6.46
CA LYS D 445 -42.27 -2.69 -7.13
C LYS D 445 -42.98 -1.84 -8.17
N PHE D 446 -43.65 -2.51 -9.09
CA PHE D 446 -44.34 -1.87 -10.21
C PHE D 446 -45.83 -1.87 -9.93
N ASP D 447 -46.42 -0.69 -9.76
CA ASP D 447 -47.86 -0.55 -9.56
C ASP D 447 -48.47 0.00 -10.84
N ASP D 448 -49.46 -0.71 -11.37
CA ASP D 448 -50.02 -0.37 -12.67
C ASP D 448 -50.93 0.84 -12.61
N THR D 449 -51.61 1.07 -11.48
CA THR D 449 -52.60 2.14 -11.39
C THR D 449 -51.98 3.51 -11.61
N LYS D 450 -50.70 3.68 -11.26
CA LYS D 450 -50.01 4.95 -11.43
C LYS D 450 -49.29 5.05 -12.77
N PHE D 451 -49.34 4.00 -13.59
CA PHE D 451 -48.72 3.98 -14.91
C PHE D 451 -49.66 4.48 -16.00
N VAL D 452 -50.61 5.33 -15.66
CA VAL D 452 -51.63 5.78 -16.60
C VAL D 452 -51.13 6.99 -17.38
N GLU D 453 -51.74 7.21 -18.55
CA GLU D 453 -51.36 8.35 -19.39
C GLU D 453 -51.86 9.67 -18.83
N ASP D 454 -53.09 9.70 -18.32
CA ASP D 454 -53.71 10.93 -17.85
C ASP D 454 -53.78 10.93 -16.33
N SER D 455 -53.26 11.99 -15.72
CA SER D 455 -53.23 12.15 -14.28
C SER D 455 -52.73 13.57 -13.97
N PRO D 456 -53.13 14.15 -12.84
CA PRO D 456 -52.61 15.48 -12.49
C PRO D 456 -51.10 15.52 -12.41
N GLU D 457 -50.49 14.48 -11.86
CA GLU D 457 -49.03 14.42 -11.80
C GLU D 457 -48.42 14.46 -13.20
N MET D 458 -49.08 13.82 -14.17
CA MET D 458 -48.60 13.90 -15.55
C MET D 458 -48.67 15.34 -16.07
N GLU D 459 -49.72 16.07 -15.70
CA GLU D 459 -49.81 17.48 -16.11
C GLU D 459 -48.66 18.30 -15.53
N GLU D 460 -48.41 18.13 -14.24
CA GLU D 460 -47.30 18.85 -13.61
C GLU D 460 -45.98 18.48 -14.25
N LEU D 461 -45.75 17.19 -14.49
CA LEU D 461 -44.49 16.74 -15.07
C LEU D 461 -44.30 17.27 -16.48
N MET D 462 -45.37 17.26 -17.28
CA MET D 462 -45.27 17.80 -18.63
C MET D 462 -44.95 19.29 -18.60
N ASN D 463 -45.60 20.02 -17.69
CA ASN D 463 -45.28 21.44 -17.54
C ASN D 463 -43.81 21.64 -17.19
N ILE D 464 -43.30 20.83 -16.26
CA ILE D 464 -41.90 20.98 -15.82
C ILE D 464 -40.95 20.71 -16.97
N ILE D 465 -41.15 19.59 -17.68
CA ILE D 465 -40.24 19.22 -18.75
C ILE D 465 -40.32 20.20 -19.91
N ASN D 466 -41.51 20.76 -20.17
CA ASN D 466 -41.63 21.77 -21.21
C ASN D 466 -40.95 23.08 -20.81
N ASP D 467 -40.99 23.44 -19.53
CA ASP D 467 -40.27 24.62 -19.07
C ASP D 467 -38.76 24.43 -19.19
N ILE D 468 -38.26 23.25 -18.79
CA ILE D 468 -36.82 23.00 -18.84
C ILE D 468 -36.32 23.06 -20.28
N GLN D 469 -37.05 22.43 -21.20
CA GLN D 469 -36.70 22.46 -22.62
C GLN D 469 -37.94 22.82 -23.43
N PRO D 470 -38.02 24.02 -23.98
CA PRO D 470 -39.22 24.42 -24.72
C PRO D 470 -39.29 23.79 -26.10
N LEU D 471 -40.49 23.84 -26.67
CA LEU D 471 -40.81 23.19 -27.94
C LEU D 471 -40.76 24.16 -29.12
N THR D 472 -39.85 25.13 -29.11
CA THR D 472 -39.75 26.09 -30.19
C THR D 472 -39.20 25.40 -31.45
N ASP D 473 -39.25 26.13 -32.57
CA ASP D 473 -38.79 25.59 -33.84
C ASP D 473 -37.28 25.47 -33.91
N GLU D 474 -36.54 26.35 -33.25
CA GLU D 474 -35.08 26.20 -33.20
C GLU D 474 -34.64 25.21 -32.14
N ASN D 475 -35.42 25.05 -31.07
CA ASN D 475 -35.16 24.03 -30.06
C ASN D 475 -36.02 22.81 -30.31
N LYS D 476 -35.78 22.18 -31.47
CA LYS D 476 -36.45 20.92 -31.80
C LYS D 476 -35.39 19.87 -32.14
N LYS D 477 -34.26 20.33 -32.67
CA LYS D 477 -33.12 19.44 -32.85
C LYS D 477 -32.46 19.09 -31.53
N ASN D 478 -32.66 19.90 -30.50
CA ASN D 478 -32.11 19.64 -29.18
C ASN D 478 -33.04 18.81 -28.32
N ARG D 479 -34.36 19.07 -28.38
CA ARG D 479 -35.29 18.31 -27.58
C ARG D 479 -35.36 16.85 -28.03
N GLU D 480 -35.23 16.60 -29.33
CA GLU D 480 -35.23 15.22 -29.80
C GLU D 480 -34.01 14.46 -29.26
N LEU D 481 -32.84 15.10 -29.24
CA LEU D 481 -31.66 14.44 -28.68
C LEU D 481 -31.78 14.27 -27.17
N TYR D 482 -32.37 15.26 -26.50
CA TYR D 482 -32.66 15.16 -25.07
C TYR D 482 -33.50 13.92 -24.78
N GLU D 483 -34.61 13.77 -25.51
CA GLU D 483 -35.49 12.62 -25.30
C GLU D 483 -34.82 11.32 -25.70
N LYS D 484 -34.00 11.35 -26.76
CA LYS D 484 -33.30 10.14 -27.19
C LYS D 484 -32.37 9.63 -26.11
N THR D 485 -31.51 10.50 -25.58
CA THR D 485 -30.58 10.08 -24.54
C THR D 485 -31.27 9.79 -23.23
N LEU D 486 -32.44 10.40 -22.97
CA LEU D 486 -33.15 10.07 -21.74
C LEU D 486 -33.82 8.71 -21.83
N SER D 487 -34.39 8.37 -22.98
CA SER D 487 -35.05 7.07 -23.12
C SER D 487 -34.07 5.94 -23.41
N SER D 488 -32.85 6.25 -23.84
CA SER D 488 -31.86 5.19 -24.03
C SER D 488 -31.38 4.60 -22.71
N CYS D 489 -31.74 5.20 -21.58
CA CYS D 489 -31.34 4.70 -20.27
C CYS D 489 -32.14 3.48 -19.83
N LEU D 490 -33.17 3.09 -20.58
CA LEU D 490 -33.93 1.89 -20.28
C LEU D 490 -33.40 0.66 -21.01
N CYS D 491 -32.78 0.83 -22.17
CA CYS D 491 -32.32 -0.31 -22.95
C CYS D 491 -31.01 -0.83 -22.36
N GLY D 492 -31.02 -2.11 -21.97
CA GLY D 492 -29.84 -2.74 -21.41
C GLY D 492 -28.89 -3.29 -22.45
N ALA D 493 -28.13 -2.42 -23.11
CA ALA D 493 -27.13 -2.85 -24.07
C ALA D 493 -26.07 -1.77 -24.18
N THR D 494 -24.92 -2.14 -24.74
CA THR D 494 -23.80 -1.21 -24.83
C THR D 494 -24.13 -0.06 -25.77
N LYS D 495 -23.79 1.15 -25.37
CA LYS D 495 -23.96 2.34 -26.19
C LYS D 495 -22.61 2.77 -26.76
N GLY D 496 -22.62 3.82 -27.57
CA GLY D 496 -21.40 4.24 -28.23
C GLY D 496 -21.13 5.73 -28.17
N CYS D 497 -21.77 6.43 -27.24
CA CYS D 497 -21.61 7.88 -27.11
C CYS D 497 -21.52 8.25 -25.64
N LEU D 498 -21.03 9.46 -25.39
CA LEU D 498 -20.90 10.01 -24.04
C LEU D 498 -21.54 11.40 -24.06
N THR D 499 -22.68 11.54 -23.39
CA THR D 499 -23.45 12.76 -23.52
C THR D 499 -23.00 13.80 -22.49
N PHE D 500 -22.98 15.06 -22.92
CA PHE D 500 -22.66 16.19 -22.06
C PHE D 500 -23.89 17.07 -21.94
N PHE D 501 -24.38 17.24 -20.71
CA PHE D 501 -25.47 18.17 -20.40
C PHE D 501 -24.82 19.50 -20.07
N PHE D 502 -24.58 20.31 -21.08
CA PHE D 502 -23.87 21.57 -20.93
C PHE D 502 -24.86 22.72 -20.82
N GLY D 503 -24.65 23.59 -19.84
CA GLY D 503 -25.53 24.72 -19.65
C GLY D 503 -24.97 25.62 -18.56
N GLU D 504 -25.66 26.75 -18.37
CA GLU D 504 -25.26 27.73 -17.37
C GLU D 504 -25.83 27.34 -16.01
N THR D 505 -25.74 28.25 -15.05
CA THR D 505 -26.23 28.00 -13.71
C THR D 505 -27.74 28.11 -13.66
N ALA D 506 -28.37 27.25 -12.85
CA ALA D 506 -29.81 27.25 -12.65
C ALA D 506 -30.57 27.07 -13.96
N THR D 507 -30.17 26.06 -14.73
CA THR D 507 -30.83 25.74 -15.99
C THR D 507 -31.67 24.48 -15.95
N GLY D 508 -31.40 23.55 -15.05
CA GLY D 508 -32.25 22.40 -14.88
C GLY D 508 -31.59 21.05 -14.99
N LYS D 509 -30.27 21.02 -15.12
CA LYS D 509 -29.57 19.75 -15.34
C LYS D 509 -29.71 18.81 -14.14
N SER D 510 -29.49 19.34 -12.93
CA SER D 510 -29.63 18.52 -11.74
C SER D 510 -31.06 18.03 -11.55
N THR D 511 -32.04 18.84 -11.95
CA THR D 511 -33.43 18.43 -11.87
C THR D 511 -33.71 17.23 -12.77
N THR D 512 -33.18 17.25 -14.00
CA THR D 512 -33.31 16.11 -14.90
C THR D 512 -32.62 14.88 -14.31
N LYS D 513 -31.44 15.08 -13.72
CA LYS D 513 -30.72 13.97 -13.11
C LYS D 513 -31.53 13.33 -11.99
N ARG D 514 -32.13 14.16 -11.12
CA ARG D 514 -32.92 13.65 -10.01
C ARG D 514 -34.19 12.96 -10.51
N LEU D 515 -34.82 13.50 -11.55
CA LEU D 515 -36.00 12.86 -12.12
C LEU D 515 -35.65 11.47 -12.65
N LEU D 516 -34.57 11.37 -13.42
CA LEU D 516 -34.17 10.09 -13.97
C LEU D 516 -33.83 9.10 -12.86
N LYS D 517 -33.14 9.58 -11.81
CA LYS D 517 -32.81 8.70 -10.69
C LYS D 517 -34.07 8.17 -10.02
N SER D 518 -35.03 9.06 -9.72
CA SER D 518 -36.26 8.63 -9.08
C SER D 518 -37.09 7.72 -9.99
N ALA D 519 -36.88 7.79 -11.30
CA ALA D 519 -37.61 6.91 -12.20
C ALA D 519 -37.01 5.51 -12.27
N ILE D 520 -35.68 5.42 -12.43
CA ILE D 520 -35.07 4.11 -12.71
C ILE D 520 -34.40 3.48 -11.49
N GLY D 521 -34.45 4.12 -10.32
CA GLY D 521 -34.09 3.42 -9.10
C GLY D 521 -32.66 2.90 -9.08
N ASP D 522 -32.51 1.62 -8.74
CA ASP D 522 -31.21 1.00 -8.54
C ASP D 522 -30.43 0.81 -9.82
N LEU D 523 -31.04 1.01 -10.98
CA LEU D 523 -30.33 0.98 -12.26
C LEU D 523 -29.56 2.25 -12.52
N PHE D 524 -29.51 3.16 -11.56
CA PHE D 524 -28.85 4.45 -11.69
C PHE D 524 -27.68 4.49 -10.72
N VAL D 525 -26.48 4.76 -11.23
CA VAL D 525 -25.29 4.84 -10.39
C VAL D 525 -24.59 6.17 -10.67
N GLU D 526 -23.84 6.63 -9.68
CA GLU D 526 -23.16 7.91 -9.76
C GLU D 526 -21.71 7.70 -9.34
N THR D 527 -20.77 8.07 -10.20
CA THR D 527 -19.36 7.86 -9.94
C THR D 527 -18.62 9.19 -9.91
N GLY D 528 -17.29 9.11 -9.77
CA GLY D 528 -16.44 10.28 -9.75
C GLY D 528 -15.79 10.55 -11.09
N GLN D 529 -14.96 11.60 -11.10
CA GLN D 529 -14.29 12.00 -12.33
C GLN D 529 -12.99 11.23 -12.57
N THR D 530 -12.58 10.37 -11.64
CA THR D 530 -11.36 9.58 -11.84
C THR D 530 -11.47 8.64 -13.03
N ILE D 531 -12.69 8.28 -13.43
CA ILE D 531 -12.86 7.43 -14.60
C ILE D 531 -12.51 8.19 -15.88
N LEU D 532 -12.46 9.52 -15.83
CA LEU D 532 -12.11 10.32 -16.99
C LEU D 532 -10.66 10.82 -16.95
N THR D 533 -10.21 11.35 -15.83
CA THR D 533 -8.91 12.00 -15.75
C THR D 533 -7.80 11.10 -15.22
N ASP D 534 -8.10 9.85 -14.86
CA ASP D 534 -7.11 8.96 -14.29
C ASP D 534 -7.12 7.64 -15.03
N VAL D 535 -5.98 6.93 -14.99
CA VAL D 535 -5.89 5.63 -15.62
C VAL D 535 -6.64 4.61 -14.78
N LEU D 536 -7.57 3.90 -15.39
CA LEU D 536 -8.45 2.98 -14.67
C LEU D 536 -7.92 1.55 -14.66
N ASP D 537 -6.64 1.37 -14.36
CA ASP D 537 -6.05 0.04 -14.35
C ASP D 537 -5.05 -0.10 -13.21
N LYS D 538 -5.41 0.36 -12.01
CA LYS D 538 -4.51 0.31 -10.86
C LYS D 538 -5.24 -0.35 -9.69
N GLY D 539 -4.96 -1.63 -9.48
CA GLY D 539 -5.43 -2.34 -8.31
C GLY D 539 -6.94 -2.38 -8.18
N PRO D 540 -7.43 -2.38 -6.93
CA PRO D 540 -8.88 -2.26 -6.72
C PRO D 540 -9.37 -0.90 -7.19
N ASN D 541 -10.61 -0.89 -7.67
CA ASN D 541 -11.23 0.34 -8.16
C ASN D 541 -12.74 0.22 -8.11
N PRO D 542 -13.36 0.40 -6.93
CA PRO D 542 -14.83 0.29 -6.84
C PRO D 542 -15.56 1.41 -7.57
N PHE D 543 -14.88 2.48 -7.96
CA PHE D 543 -15.52 3.51 -8.77
C PHE D 543 -15.83 3.01 -10.18
N ILE D 544 -15.13 1.97 -10.65
CA ILE D 544 -15.37 1.41 -11.97
C ILE D 544 -16.15 0.11 -11.84
N ALA D 545 -15.89 -0.63 -10.76
CA ALA D 545 -16.61 -1.88 -10.54
C ALA D 545 -18.06 -1.68 -10.15
N ASN D 546 -18.45 -0.47 -9.73
CA ASN D 546 -19.82 -0.23 -9.33
C ASN D 546 -20.77 -0.09 -10.51
N MET D 547 -20.26 0.25 -11.69
CA MET D 547 -21.09 0.39 -12.89
C MET D 547 -21.11 -0.89 -13.72
N HIS D 548 -21.44 -2.01 -13.09
CA HIS D 548 -21.58 -3.30 -13.76
C HIS D 548 -23.06 -3.56 -13.99
N LEU D 549 -23.46 -3.63 -15.26
CA LEU D 549 -24.84 -3.85 -15.68
C LEU D 549 -25.78 -2.70 -15.31
N LYS D 550 -25.23 -1.58 -14.87
CA LYS D 550 -26.03 -0.38 -14.67
C LYS D 550 -26.33 0.27 -16.02
N ARG D 551 -27.52 0.84 -16.14
CA ARG D 551 -27.95 1.42 -17.40
C ARG D 551 -27.81 2.93 -17.47
N SER D 552 -27.31 3.56 -16.41
CA SER D 552 -27.07 5.00 -16.42
C SER D 552 -25.95 5.34 -15.45
N VAL D 553 -25.05 6.22 -15.87
CA VAL D 553 -23.92 6.67 -15.06
C VAL D 553 -23.82 8.18 -15.18
N PHE D 554 -23.62 8.86 -14.04
CA PHE D 554 -23.46 10.30 -14.02
C PHE D 554 -22.12 10.67 -13.39
N CYS D 555 -21.50 11.73 -13.91
CA CYS D 555 -20.18 12.21 -13.52
C CYS D 555 -20.20 13.71 -13.33
N SER D 556 -21.15 14.19 -12.52
CA SER D 556 -21.50 15.60 -12.44
C SER D 556 -20.30 16.47 -12.01
N GLU D 557 -20.36 17.74 -12.41
CA GLU D 557 -19.47 18.81 -11.96
C GLU D 557 -18.00 18.52 -12.29
N LEU D 558 -17.70 18.53 -13.57
CA LEU D 558 -16.30 18.56 -14.00
C LEU D 558 -15.69 19.93 -13.75
N PRO D 559 -14.42 20.01 -13.40
CA PRO D 559 -13.77 21.30 -13.19
C PRO D 559 -13.40 21.97 -14.51
N ASP D 560 -12.97 23.22 -14.40
CA ASP D 560 -12.50 23.99 -15.56
C ASP D 560 -11.02 23.72 -15.78
N PHE D 561 -10.68 23.31 -17.01
CA PHE D 561 -9.34 22.83 -17.31
C PHE D 561 -8.39 23.93 -17.77
N ALA D 562 -8.87 25.15 -17.95
CA ALA D 562 -8.01 26.28 -18.32
C ALA D 562 -7.58 27.05 -17.07
N CYS D 563 -6.88 26.35 -16.17
CA CYS D 563 -6.48 26.93 -14.90
C CYS D 563 -5.00 26.67 -14.60
N SER D 564 -4.56 27.06 -13.40
CA SER D 564 -3.16 26.94 -13.00
C SER D 564 -2.89 25.54 -12.49
N GLY D 565 -2.76 24.61 -13.44
CA GLY D 565 -2.51 23.23 -13.11
C GLY D 565 -3.80 22.43 -13.09
N SER D 566 -4.04 21.65 -14.14
CA SER D 566 -5.29 20.92 -14.28
C SER D 566 -5.04 19.66 -15.08
N LYS D 567 -5.96 18.71 -14.94
CA LYS D 567 -5.92 17.48 -15.71
C LYS D 567 -6.69 17.67 -17.02
N LYS D 568 -6.69 16.63 -17.85
CA LYS D 568 -7.47 16.59 -19.06
C LYS D 568 -8.30 15.31 -19.07
N ILE D 569 -9.23 15.23 -20.04
CA ILE D 569 -10.20 14.13 -20.04
C ILE D 569 -9.60 12.82 -20.55
N ARG D 570 -8.37 12.83 -21.05
CA ARG D 570 -7.63 11.60 -21.31
C ARG D 570 -8.40 10.68 -22.27
N SER D 571 -8.50 11.15 -23.52
CA SER D 571 -9.32 10.52 -24.56
C SER D 571 -9.21 9.01 -24.63
N ASP D 572 -8.08 8.44 -24.20
CA ASP D 572 -7.96 6.98 -24.17
C ASP D 572 -8.97 6.38 -23.21
N ASN D 573 -9.26 7.06 -22.10
CA ASN D 573 -10.34 6.63 -21.23
C ASN D 573 -11.68 6.68 -21.95
N ILE D 574 -11.86 7.70 -22.80
CA ILE D 574 -13.09 7.80 -23.59
C ILE D 574 -13.22 6.61 -24.54
N LYS D 575 -12.10 6.15 -25.10
CA LYS D 575 -12.14 4.93 -25.90
C LYS D 575 -12.49 3.71 -25.04
N LYS D 576 -11.89 3.61 -23.85
CA LYS D 576 -12.14 2.44 -23.01
C LYS D 576 -13.55 2.42 -22.46
N LEU D 577 -14.20 3.58 -22.34
CA LEU D 577 -15.53 3.67 -21.75
C LEU D 577 -16.66 3.41 -22.74
N THR D 578 -16.33 3.05 -23.98
CA THR D 578 -17.33 2.64 -24.95
C THR D 578 -17.30 1.15 -25.26
N GLU D 579 -16.22 0.46 -24.90
CA GLU D 579 -16.16 -0.98 -25.09
C GLU D 579 -17.10 -1.69 -24.11
N PRO D 580 -17.52 -2.90 -24.43
CA PRO D 580 -18.47 -3.61 -23.56
C PRO D 580 -17.86 -4.42 -22.42
N CYS D 581 -16.54 -4.33 -22.21
CA CYS D 581 -15.88 -5.09 -21.14
C CYS D 581 -14.87 -4.23 -20.39
N VAL D 582 -15.33 -3.07 -19.90
CA VAL D 582 -14.47 -2.19 -19.11
C VAL D 582 -13.87 -2.96 -17.94
N ILE D 583 -12.61 -2.66 -17.63
CA ILE D 583 -11.79 -3.46 -16.72
C ILE D 583 -11.64 -2.72 -15.40
N GLY D 584 -11.91 -3.41 -14.29
CA GLY D 584 -11.78 -2.86 -12.95
C GLY D 584 -12.38 -3.79 -11.91
N ARG D 585 -11.76 -3.87 -10.74
CA ARG D 585 -12.20 -4.83 -9.73
C ARG D 585 -12.38 -4.17 -8.38
N PRO D 586 -13.28 -4.68 -7.55
CA PRO D 586 -13.44 -4.15 -6.19
C PRO D 586 -12.53 -4.80 -5.18
N CYS D 587 -12.55 -4.33 -3.95
CA CYS D 587 -11.71 -4.89 -2.90
C CYS D 587 -12.16 -6.30 -2.54
N PHE D 588 -11.19 -7.14 -2.20
CA PHE D 588 -11.44 -8.51 -1.73
C PHE D 588 -12.20 -9.34 -2.77
N SER D 589 -11.97 -9.08 -4.05
CA SER D 589 -12.61 -9.85 -5.10
C SER D 589 -11.69 -9.95 -6.30
N ASN D 590 -11.88 -10.99 -7.09
CA ASN D 590 -11.08 -11.24 -8.28
C ASN D 590 -11.85 -11.10 -9.58
N LYS D 591 -13.02 -10.45 -9.56
CA LYS D 591 -13.77 -10.21 -10.78
C LYS D 591 -13.32 -8.91 -11.41
N ILE D 592 -12.67 -9.01 -12.58
CA ILE D 592 -12.07 -7.85 -13.21
C ILE D 592 -12.90 -7.31 -14.38
N ASN D 593 -13.69 -8.15 -15.05
CA ASN D 593 -14.43 -7.74 -16.23
C ASN D 593 -15.84 -7.30 -15.84
N ASN D 594 -16.21 -6.08 -16.23
CA ASN D 594 -17.54 -5.55 -16.01
C ASN D 594 -18.22 -5.37 -17.36
N ARG D 595 -19.51 -5.68 -17.43
CA ARG D 595 -20.27 -5.55 -18.66
C ARG D 595 -20.82 -4.13 -18.78
N ASN D 596 -20.55 -3.49 -19.90
CA ASN D 596 -20.91 -2.10 -20.13
C ASN D 596 -22.30 -2.04 -20.74
N HIS D 597 -23.28 -1.57 -19.95
CA HIS D 597 -24.64 -1.34 -20.42
C HIS D 597 -25.09 0.08 -20.16
N ALA D 598 -24.17 0.98 -19.83
CA ALA D 598 -24.52 2.26 -19.23
C ALA D 598 -24.54 3.38 -20.27
N THR D 599 -25.31 4.41 -19.96
CA THR D 599 -25.35 5.65 -20.71
C THR D 599 -24.65 6.71 -19.87
N ILE D 600 -23.46 7.11 -20.30
CA ILE D 600 -22.63 8.02 -19.51
C ILE D 600 -23.01 9.46 -19.85
N ILE D 601 -23.39 10.21 -18.82
CA ILE D 601 -23.81 11.61 -18.95
C ILE D 601 -23.00 12.43 -17.96
N ILE D 602 -22.49 13.57 -18.41
CA ILE D 602 -21.71 14.48 -17.57
C ILE D 602 -22.37 15.86 -17.65
N ASP D 603 -22.84 16.35 -16.50
CA ASP D 603 -23.46 17.70 -16.44
C ASP D 603 -22.36 18.72 -16.14
N THR D 604 -21.69 19.23 -17.18
CA THR D 604 -20.65 20.22 -16.98
C THR D 604 -21.23 21.63 -16.90
N ASN D 605 -20.36 22.60 -16.60
CA ASN D 605 -20.68 24.01 -16.71
C ASN D 605 -19.79 24.74 -17.70
N TYR D 606 -18.70 24.13 -18.14
CA TYR D 606 -17.81 24.65 -19.15
C TYR D 606 -17.61 23.61 -20.24
N LYS D 607 -17.10 24.05 -21.38
CA LYS D 607 -16.85 23.15 -22.48
C LYS D 607 -15.69 22.21 -22.13
N PRO D 608 -15.83 20.91 -22.36
CA PRO D 608 -14.74 19.98 -22.07
C PRO D 608 -13.57 20.15 -23.01
N VAL D 609 -12.37 19.88 -22.48
CA VAL D 609 -11.13 19.90 -23.25
C VAL D 609 -10.34 18.65 -22.93
N PHE D 610 -9.78 18.03 -23.97
CA PHE D 610 -9.08 16.75 -23.87
C PHE D 610 -7.58 16.96 -24.04
N ASP D 611 -6.81 15.91 -23.77
CA ASP D 611 -5.37 15.99 -23.94
C ASP D 611 -4.98 16.10 -25.41
N ARG D 612 -5.64 15.33 -26.27
CA ARG D 612 -5.37 15.38 -27.71
C ARG D 612 -6.66 15.08 -28.46
N ILE D 613 -6.81 15.70 -29.62
CA ILE D 613 -8.04 15.63 -30.39
C ILE D 613 -7.78 14.88 -31.68
N ASP D 614 -8.66 13.91 -31.97
CA ASP D 614 -8.61 13.16 -33.23
C ASP D 614 -10.02 13.07 -33.79
N ASN D 615 -10.14 12.47 -34.96
CA ASN D 615 -11.43 12.29 -35.60
C ASN D 615 -12.19 11.08 -35.06
N ALA D 616 -11.52 10.23 -34.26
CA ALA D 616 -12.22 9.14 -33.60
C ALA D 616 -13.01 9.64 -32.40
N LEU D 617 -12.54 10.70 -31.74
CA LEU D 617 -13.21 11.22 -30.54
C LEU D 617 -14.60 11.76 -30.86
N MET D 618 -14.70 12.62 -31.87
CA MET D 618 -15.95 13.31 -32.14
C MET D 618 -17.01 12.37 -32.70
N ARG D 619 -16.62 11.15 -33.03
CA ARG D 619 -17.59 10.15 -33.44
C ARG D 619 -18.32 9.51 -32.26
N ARG D 620 -17.91 9.80 -31.02
CA ARG D 620 -18.52 9.20 -29.84
C ARG D 620 -18.74 10.25 -28.76
N ILE D 621 -19.18 11.44 -29.15
CA ILE D 621 -19.43 12.53 -28.21
C ILE D 621 -20.66 13.30 -28.66
N ALA D 622 -21.59 13.54 -27.74
CA ALA D 622 -22.82 14.28 -28.03
C ALA D 622 -23.06 15.32 -26.95
N VAL D 623 -23.66 16.44 -27.36
CA VAL D 623 -23.89 17.59 -26.47
C VAL D 623 -25.33 18.06 -26.62
N VAL D 624 -25.97 18.34 -25.49
CA VAL D 624 -27.30 18.93 -25.46
C VAL D 624 -27.27 20.15 -24.54
N ARG D 625 -27.96 21.21 -24.95
CA ARG D 625 -27.86 22.52 -24.33
C ARG D 625 -29.08 22.83 -23.47
N PHE D 626 -28.86 23.62 -22.42
CA PHE D 626 -29.90 24.06 -21.50
C PHE D 626 -29.90 25.58 -21.47
N ARG D 627 -31.06 26.20 -21.70
CA ARG D 627 -31.14 27.65 -21.86
C ARG D 627 -32.05 28.34 -20.87
N THR D 628 -33.20 27.75 -20.53
CA THR D 628 -34.12 28.40 -19.61
C THR D 628 -33.49 28.58 -18.24
N HIS D 629 -33.64 29.78 -17.67
CA HIS D 629 -33.04 30.13 -16.40
C HIS D 629 -34.15 30.30 -15.37
N PHE D 630 -34.02 29.59 -14.25
CA PHE D 630 -35.01 29.63 -13.17
C PHE D 630 -34.45 30.51 -12.06
N SER D 631 -34.98 31.73 -11.95
CA SER D 631 -34.44 32.75 -11.05
C SER D 631 -35.48 33.14 -10.01
N GLN D 632 -34.99 33.80 -8.99
CA GLN D 632 -35.68 34.46 -7.90
C GLN D 632 -36.12 35.85 -8.33
N PRO D 633 -37.18 36.40 -7.73
CA PRO D 633 -37.59 37.76 -8.08
C PRO D 633 -36.55 38.81 -7.75
N SER D 634 -35.60 38.50 -6.86
CA SER D 634 -34.56 39.47 -6.52
C SER D 634 -33.61 39.73 -7.68
N GLY D 635 -33.35 38.72 -8.51
CA GLY D 635 -32.41 38.88 -9.61
C GLY D 635 -32.99 38.54 -10.96
N ARG D 636 -34.29 38.74 -11.13
CA ARG D 636 -34.93 38.46 -12.42
C ARG D 636 -34.45 39.41 -13.50
N GLU D 637 -34.24 40.69 -13.15
CA GLU D 637 -33.92 41.69 -14.16
C GLU D 637 -32.55 41.46 -14.78
N ALA D 638 -31.57 41.03 -13.98
CA ALA D 638 -30.21 40.89 -14.49
C ALA D 638 -30.06 39.72 -15.44
N ALA D 639 -30.93 38.72 -15.35
CA ALA D 639 -30.85 37.54 -16.21
C ALA D 639 -31.44 37.77 -17.59
N GLU D 640 -32.38 38.70 -17.72
CA GLU D 640 -32.96 39.00 -19.03
C GLU D 640 -31.96 39.68 -19.96
N ASN D 641 -30.83 40.16 -19.44
CA ASN D 641 -29.78 40.75 -20.25
C ASN D 641 -28.64 39.80 -20.53
N ASN D 642 -28.60 38.64 -19.88
CA ASN D 642 -27.55 37.67 -20.14
C ASN D 642 -27.75 37.01 -21.50
N ASP D 643 -26.66 36.82 -22.23
CA ASP D 643 -26.76 36.29 -23.59
C ASP D 643 -27.04 34.79 -23.60
N ALA D 644 -26.44 34.03 -22.68
CA ALA D 644 -26.59 32.59 -22.69
C ALA D 644 -27.86 32.14 -21.98
N TYR D 645 -28.99 32.77 -22.33
CA TYR D 645 -30.28 32.40 -21.77
C TYR D 645 -31.34 32.66 -22.83
N ASP D 646 -32.47 31.98 -22.68
CA ASP D 646 -33.64 32.21 -23.52
C ASP D 646 -34.92 32.49 -22.75
N LYS D 647 -34.98 32.10 -21.48
CA LYS D 647 -36.14 32.36 -20.64
C LYS D 647 -35.65 32.68 -19.24
N VAL D 648 -36.46 33.43 -18.50
CA VAL D 648 -36.12 33.81 -17.13
C VAL D 648 -37.23 33.36 -16.20
N LYS D 649 -37.82 32.19 -16.49
CA LYS D 649 -38.93 31.65 -15.70
C LYS D 649 -38.64 31.72 -14.21
N LEU D 650 -39.71 31.86 -13.43
CA LEU D 650 -39.59 31.98 -11.98
C LEU D 650 -39.27 30.63 -11.34
N LEU D 651 -38.45 30.67 -10.29
CA LEU D 651 -38.02 29.48 -9.57
C LEU D 651 -39.12 28.95 -8.65
N ASP D 652 -39.08 27.64 -8.42
CA ASP D 652 -39.99 26.97 -7.50
C ASP D 652 -39.17 26.34 -6.37
N GLU D 653 -39.63 26.53 -5.14
CA GLU D 653 -38.86 26.09 -3.98
C GLU D 653 -39.24 24.70 -3.50
N GLY D 654 -40.53 24.37 -3.49
CA GLY D 654 -40.98 23.09 -2.98
C GLY D 654 -40.92 21.99 -4.01
N LEU D 655 -40.29 22.27 -5.15
CA LEU D 655 -40.21 21.27 -6.21
C LEU D 655 -39.31 20.11 -5.83
N ASP D 656 -38.10 20.42 -5.38
CA ASP D 656 -37.12 19.35 -5.06
C ASP D 656 -37.74 18.41 -4.01
N GLY D 657 -38.33 18.96 -2.96
CA GLY D 657 -38.91 18.11 -1.93
C GLY D 657 -39.91 17.12 -2.49
N LYS D 658 -40.72 17.55 -3.46
CA LYS D 658 -41.66 16.64 -4.11
C LYS D 658 -40.94 15.62 -4.97
N ILE D 659 -39.91 16.03 -5.70
CA ILE D 659 -39.18 15.08 -6.54
C ILE D 659 -38.48 14.04 -5.67
N GLN D 660 -37.90 14.47 -4.55
CA GLN D 660 -37.22 13.54 -3.65
C GLN D 660 -38.18 12.56 -3.00
N ASN D 661 -39.48 12.84 -3.02
CA ASN D 661 -40.49 11.96 -2.45
C ASN D 661 -41.08 11.03 -3.49
N ASN D 662 -40.42 10.86 -4.63
CA ASN D 662 -40.84 9.95 -5.69
C ASN D 662 -42.28 10.25 -6.14
N ARG D 663 -42.56 11.55 -6.28
CA ARG D 663 -43.90 11.96 -6.70
C ARG D 663 -44.13 11.66 -8.18
N TYR D 664 -43.15 11.99 -9.03
CA TYR D 664 -43.26 11.79 -10.47
C TYR D 664 -42.48 10.57 -10.92
N ARG D 665 -42.47 9.51 -10.12
CA ARG D 665 -41.74 8.30 -10.48
C ARG D 665 -42.39 7.59 -11.67
N PHE D 666 -43.64 7.19 -11.51
CA PHE D 666 -44.32 6.43 -12.56
C PHE D 666 -44.73 7.31 -13.72
N ALA D 667 -45.01 8.59 -13.49
CA ALA D 667 -45.29 9.50 -14.60
C ALA D 667 -44.08 9.65 -15.52
N PHE D 668 -42.91 9.88 -14.93
CA PHE D 668 -41.69 9.96 -15.73
C PHE D 668 -41.34 8.62 -16.36
N LEU D 669 -41.63 7.51 -15.68
CA LEU D 669 -41.41 6.20 -16.27
C LEU D 669 -42.27 6.01 -17.51
N TYR D 670 -43.55 6.40 -17.42
CA TYR D 670 -44.45 6.29 -18.56
C TYR D 670 -43.98 7.16 -19.72
N LEU D 671 -43.58 8.39 -19.42
CA LEU D 671 -43.08 9.28 -20.46
C LEU D 671 -41.82 8.71 -21.11
N LEU D 672 -40.93 8.13 -20.30
CA LEU D 672 -39.71 7.55 -20.84
C LEU D 672 -40.01 6.36 -21.75
N VAL D 673 -40.96 5.51 -21.36
CA VAL D 673 -41.33 4.38 -22.22
C VAL D 673 -41.95 4.87 -23.52
N LYS D 674 -42.81 5.90 -23.45
CA LYS D 674 -43.41 6.45 -24.65
C LYS D 674 -42.35 7.01 -25.59
N TRP D 675 -41.36 7.71 -25.04
CA TRP D 675 -40.25 8.17 -25.87
C TRP D 675 -39.44 7.01 -26.43
N TYR D 676 -39.26 5.95 -25.64
CA TYR D 676 -38.44 4.81 -26.07
C TYR D 676 -39.06 4.14 -27.28
N LYS D 677 -40.37 3.91 -27.26
CA LYS D 677 -40.98 3.29 -28.42
C LYS D 677 -41.27 4.33 -29.49
N LYS D 678 -40.29 5.19 -29.75
CA LYS D 678 -40.36 6.16 -30.84
C LYS D 678 -39.03 6.37 -31.56
N TYR D 679 -37.90 5.98 -30.98
CA TYR D 679 -36.60 6.24 -31.59
C TYR D 679 -35.74 4.98 -31.65
N HIS D 680 -35.94 4.06 -30.71
CA HIS D 680 -35.07 2.89 -30.57
C HIS D 680 -35.79 1.62 -30.94
N ILE D 681 -36.90 1.75 -31.65
CA ILE D 681 -37.74 0.55 -31.98
C ILE D 681 -37.03 -0.29 -33.06
N PRO D 682 -36.61 0.26 -34.23
CA PRO D 682 -35.87 -0.53 -35.20
C PRO D 682 -34.56 -1.02 -34.57
N ILE D 683 -33.74 -0.08 -34.07
CA ILE D 683 -32.43 -0.45 -33.46
C ILE D 683 -32.02 0.64 -32.47
N MET D 684 -31.43 0.26 -31.33
CA MET D 684 -30.94 1.26 -30.40
C MET D 684 -29.55 1.69 -30.85
N LYS D 685 -29.46 2.89 -31.43
CA LYS D 685 -28.17 3.48 -31.74
C LYS D 685 -28.17 4.94 -31.30
N LEU D 686 -27.05 5.36 -30.72
CA LEU D 686 -26.86 6.74 -30.30
C LEU D 686 -25.80 7.37 -31.19
N TYR D 687 -26.14 8.50 -31.80
CA TYR D 687 -25.29 9.16 -32.78
C TYR D 687 -24.63 10.39 -32.16
N PRO D 688 -23.44 10.76 -32.65
CA PRO D 688 -22.73 11.92 -32.08
C PRO D 688 -23.20 13.23 -32.70
N THR D 689 -22.70 14.32 -32.12
CA THR D 689 -22.97 15.67 -32.61
C THR D 689 -21.67 16.47 -32.53
N PRO D 690 -20.94 16.60 -33.64
CA PRO D 690 -19.64 17.28 -33.62
C PRO D 690 -19.71 18.79 -33.74
N GLU D 691 -20.90 19.35 -33.95
CA GLU D 691 -21.05 20.79 -34.10
C GLU D 691 -20.65 21.54 -32.83
N GLY E 323 -2.92 -50.22 3.87
CA GLY E 323 -4.04 -49.65 3.12
C GLY E 323 -4.23 -48.17 3.40
N ASN E 324 -5.52 -47.77 3.44
CA ASN E 324 -6.07 -46.44 3.73
C ASN E 324 -6.78 -45.89 2.50
N LYS E 325 -8.10 -46.01 2.46
CA LYS E 325 -8.87 -45.39 1.40
C LYS E 325 -8.90 -43.88 1.61
N LEU E 326 -9.45 -43.18 0.61
CA LEU E 326 -9.37 -41.74 0.45
C LEU E 326 -7.95 -41.35 0.04
N PHE E 327 -7.05 -42.32 0.02
CA PHE E 327 -5.74 -42.20 -0.60
C PHE E 327 -5.61 -43.05 -1.85
N ASN E 328 -6.24 -44.22 -1.87
CA ASN E 328 -6.33 -44.99 -3.11
C ASN E 328 -7.21 -44.28 -4.12
N ILE E 329 -8.28 -43.63 -3.66
CA ILE E 329 -9.12 -42.83 -4.55
C ILE E 329 -8.29 -41.71 -5.17
N ALA E 330 -7.51 -41.02 -4.35
CA ALA E 330 -6.73 -39.89 -4.84
C ALA E 330 -5.60 -40.36 -5.76
N GLN E 331 -5.06 -41.56 -5.51
CA GLN E 331 -4.06 -42.11 -6.41
C GLN E 331 -4.68 -42.50 -7.75
N ARG E 332 -5.89 -43.07 -7.72
CA ARG E 332 -6.57 -43.41 -8.96
C ARG E 332 -6.91 -42.17 -9.78
N ILE E 333 -7.31 -41.08 -9.12
CA ILE E 333 -7.56 -39.84 -9.83
C ILE E 333 -6.29 -39.30 -10.47
N LEU E 334 -5.16 -39.42 -9.78
CA LEU E 334 -3.89 -38.92 -10.31
C LEU E 334 -3.42 -39.68 -11.55
N ASP E 335 -3.97 -40.87 -11.81
CA ASP E 335 -3.60 -41.64 -12.99
C ASP E 335 -4.25 -41.08 -14.25
N THR E 336 -5.48 -40.55 -14.12
CA THR E 336 -6.21 -40.04 -15.28
C THR E 336 -5.62 -38.76 -15.84
N ASN E 337 -4.66 -38.15 -15.14
CA ASN E 337 -3.98 -36.94 -15.61
C ASN E 337 -4.97 -35.82 -15.91
N SER E 338 -5.96 -35.68 -15.03
CA SER E 338 -6.91 -34.58 -15.13
C SER E 338 -6.43 -33.34 -14.39
N VAL E 339 -5.57 -33.50 -13.39
CA VAL E 339 -4.98 -32.39 -12.65
C VAL E 339 -3.49 -32.34 -12.97
N LEU E 340 -3.00 -31.14 -13.27
CA LEU E 340 -1.59 -30.97 -13.57
C LEU E 340 -1.07 -29.70 -12.91
N LEU E 341 0.21 -29.70 -12.57
CA LEU E 341 0.87 -28.55 -11.97
C LEU E 341 1.70 -27.83 -13.02
N THR E 342 1.57 -26.51 -13.06
CA THR E 342 2.31 -25.67 -13.99
C THR E 342 3.44 -24.95 -13.27
N GLU E 343 4.29 -24.29 -14.06
CA GLU E 343 5.47 -23.63 -13.50
C GLU E 343 5.10 -22.49 -12.57
N ARG E 344 3.93 -21.88 -12.76
CA ARG E 344 3.50 -20.76 -11.94
C ARG E 344 2.85 -21.20 -10.62
N GLY E 345 2.93 -22.49 -10.29
CA GLY E 345 2.41 -22.98 -9.03
C GLY E 345 0.92 -23.22 -8.99
N ASP E 346 0.21 -22.99 -10.09
CA ASP E 346 -1.24 -23.14 -10.15
C ASP E 346 -1.61 -24.45 -10.84
N HIS E 347 -2.69 -25.06 -10.36
CA HIS E 347 -3.14 -26.35 -10.85
C HIS E 347 -4.16 -26.16 -11.97
N ILE E 348 -3.99 -26.89 -13.06
CA ILE E 348 -4.95 -26.91 -14.16
C ILE E 348 -5.75 -28.20 -14.08
N VAL E 349 -7.06 -28.08 -14.23
CA VAL E 349 -7.97 -29.21 -14.13
C VAL E 349 -8.65 -29.42 -15.47
N TRP E 350 -9.09 -30.66 -15.71
CA TRP E 350 -9.71 -31.05 -16.97
C TRP E 350 -11.14 -31.48 -16.70
N ILE E 351 -12.06 -30.52 -16.79
CA ILE E 351 -13.49 -30.82 -16.80
C ILE E 351 -14.12 -29.99 -17.91
N ASN E 352 -15.23 -30.49 -18.45
CA ASN E 352 -15.98 -29.80 -19.51
C ASN E 352 -15.11 -29.57 -20.74
N ASN E 353 -14.25 -30.54 -21.05
CA ASN E 353 -13.47 -30.56 -22.28
C ASN E 353 -12.62 -29.31 -22.45
N SER E 354 -12.04 -28.82 -21.35
CA SER E 354 -11.14 -27.69 -21.41
C SER E 354 -10.30 -27.66 -20.14
N TRP E 355 -9.18 -26.94 -20.21
CA TRP E 355 -8.27 -26.82 -19.08
C TRP E 355 -8.54 -25.50 -18.37
N LYS E 356 -8.93 -25.59 -17.10
CA LYS E 356 -9.29 -24.43 -16.30
C LYS E 356 -8.27 -24.19 -15.20
N PHE E 357 -8.14 -22.93 -14.79
CA PHE E 357 -7.19 -22.56 -13.76
C PHE E 357 -7.80 -22.75 -12.36
N ASN E 358 -6.93 -22.67 -11.35
CA ASN E 358 -7.31 -22.95 -9.97
C ASN E 358 -7.34 -21.73 -9.07
N SER E 359 -6.57 -20.68 -9.37
CA SER E 359 -6.45 -19.54 -8.46
C SER E 359 -7.73 -18.72 -8.35
N GLU E 360 -8.80 -19.09 -9.05
CA GLU E 360 -10.04 -18.33 -9.03
C GLU E 360 -11.17 -19.09 -8.34
N GLU E 361 -11.31 -20.39 -8.60
CA GLU E 361 -12.40 -21.18 -8.10
C GLU E 361 -11.88 -22.50 -7.54
N PRO E 362 -12.39 -23.04 -6.39
CA PRO E 362 -11.95 -24.37 -5.94
C PRO E 362 -12.60 -25.45 -6.82
N LEU E 363 -11.98 -25.77 -7.95
CA LEU E 363 -12.61 -26.74 -8.88
C LEU E 363 -11.90 -28.11 -8.83
N ILE E 364 -10.83 -28.24 -8.05
CA ILE E 364 -10.23 -29.59 -7.88
C ILE E 364 -11.31 -30.43 -7.19
N THR E 365 -11.86 -29.93 -6.08
CA THR E 365 -12.95 -30.61 -5.41
C THR E 365 -14.17 -30.77 -6.33
N LYS E 366 -14.32 -29.90 -7.32
CA LYS E 366 -15.35 -30.04 -8.33
C LYS E 366 -15.06 -31.17 -9.33
N LEU E 367 -13.80 -31.55 -9.50
CA LEU E 367 -13.45 -32.68 -10.34
C LEU E 367 -13.66 -34.01 -9.65
N ILE E 368 -13.41 -34.08 -8.34
CA ILE E 368 -13.57 -35.31 -7.57
C ILE E 368 -15.01 -35.77 -7.62
N LEU E 369 -15.94 -34.83 -7.76
CA LEU E 369 -17.35 -35.17 -7.92
C LEU E 369 -17.73 -35.48 -9.36
N SER E 370 -17.01 -34.92 -10.33
CA SER E 370 -17.28 -35.19 -11.75
C SER E 370 -16.77 -36.58 -12.15
N ILE E 371 -15.61 -36.97 -11.62
CA ILE E 371 -15.01 -38.26 -11.94
C ILE E 371 -15.60 -39.40 -11.11
N ARG E 372 -16.60 -39.10 -10.27
CA ARG E 372 -17.08 -40.07 -9.29
C ARG E 372 -17.59 -41.35 -9.92
N HIS E 373 -18.18 -41.26 -11.11
CA HIS E 373 -18.86 -42.42 -11.70
C HIS E 373 -17.91 -43.45 -12.30
N GLN E 374 -16.76 -43.02 -12.81
CA GLN E 374 -15.78 -43.96 -13.36
C GLN E 374 -14.89 -44.51 -12.26
N LEU E 375 -15.49 -44.98 -11.17
CA LEU E 375 -14.78 -45.54 -10.02
C LEU E 375 -15.60 -46.71 -9.49
N PRO E 376 -14.97 -47.64 -8.76
CA PRO E 376 -15.72 -48.74 -8.16
C PRO E 376 -16.80 -48.23 -7.22
N LYS E 377 -17.78 -49.10 -6.97
CA LYS E 377 -18.99 -48.68 -6.26
C LYS E 377 -18.71 -48.37 -4.79
N GLU E 378 -17.75 -49.06 -4.18
CA GLU E 378 -17.42 -48.76 -2.79
C GLU E 378 -16.61 -47.47 -2.66
N TYR E 379 -15.87 -47.10 -3.70
CA TYR E 379 -15.14 -45.84 -3.70
C TYR E 379 -15.99 -44.66 -4.14
N SER E 380 -17.15 -44.91 -4.73
CA SER E 380 -17.95 -43.85 -5.31
C SER E 380 -18.97 -43.25 -4.34
N SER E 381 -19.40 -44.01 -3.34
CA SER E 381 -20.37 -43.49 -2.38
C SER E 381 -19.73 -42.65 -1.29
N GLU E 382 -18.41 -42.71 -1.14
CA GLU E 382 -17.69 -41.89 -0.17
C GLU E 382 -17.48 -40.46 -0.64
N LEU E 383 -17.72 -40.18 -1.91
CA LEU E 383 -17.52 -38.85 -2.47
C LEU E 383 -18.80 -38.01 -2.47
N LEU E 384 -19.87 -38.51 -1.87
CA LEU E 384 -21.11 -37.77 -1.73
C LEU E 384 -21.13 -36.87 -0.51
N CYS E 385 -20.00 -36.75 0.19
CA CYS E 385 -19.91 -35.99 1.43
C CYS E 385 -18.81 -34.95 1.30
N PRO E 386 -19.06 -33.70 1.66
CA PRO E 386 -17.96 -32.76 1.85
C PRO E 386 -17.14 -33.16 3.07
N ARG E 387 -15.99 -32.51 3.22
CA ARG E 387 -15.02 -32.79 4.28
C ARG E 387 -14.32 -34.10 4.00
N LYS E 388 -14.83 -34.85 3.02
CA LYS E 388 -14.17 -36.03 2.48
C LYS E 388 -13.61 -35.78 1.10
N ARG E 389 -14.24 -34.93 0.30
CA ARG E 389 -13.62 -34.47 -0.94
C ARG E 389 -12.44 -33.56 -0.66
N LYS E 390 -12.48 -32.83 0.46
CA LYS E 390 -11.36 -31.98 0.83
C LYS E 390 -10.14 -32.77 1.27
N THR E 391 -10.35 -33.92 1.92
CA THR E 391 -9.23 -34.81 2.24
C THR E 391 -8.57 -35.32 0.96
N VAL E 392 -9.37 -35.74 -0.02
CA VAL E 392 -8.83 -36.21 -1.28
C VAL E 392 -8.08 -35.09 -1.99
N GLU E 393 -8.63 -33.87 -1.95
CA GLU E 393 -7.95 -32.73 -2.56
C GLU E 393 -6.62 -32.45 -1.88
N ALA E 394 -6.57 -32.55 -0.54
CA ALA E 394 -5.32 -32.34 0.17
C ALA E 394 -4.28 -33.38 -0.24
N ASN E 395 -4.68 -34.65 -0.31
CA ASN E 395 -3.76 -35.69 -0.75
C ASN E 395 -3.25 -35.41 -2.15
N ILE E 396 -4.15 -35.03 -3.06
CA ILE E 396 -3.77 -34.76 -4.45
C ILE E 396 -2.78 -33.61 -4.51
N ARG E 397 -3.05 -32.54 -3.76
CA ARG E 397 -2.11 -31.42 -3.73
C ARG E 397 -0.76 -31.84 -3.19
N ASP E 398 -0.73 -32.80 -2.27
CA ASP E 398 0.55 -33.24 -1.72
C ASP E 398 1.33 -34.13 -2.68
N MET E 399 0.66 -34.97 -3.48
CA MET E 399 1.41 -35.85 -4.36
C MET E 399 1.97 -35.15 -5.60
N LEU E 400 1.47 -33.98 -5.96
CA LEU E 400 1.93 -33.30 -7.17
C LEU E 400 3.24 -32.57 -6.85
N VAL E 401 4.36 -33.18 -7.23
CA VAL E 401 5.68 -32.63 -6.95
C VAL E 401 6.37 -32.10 -8.20
N ASP E 402 6.01 -32.59 -9.39
CA ASP E 402 6.69 -32.22 -10.62
C ASP E 402 5.75 -31.42 -11.52
N SER E 403 6.25 -30.33 -12.07
CA SER E 403 5.46 -29.43 -12.90
C SER E 403 5.40 -29.92 -14.34
N VAL E 404 4.75 -29.13 -15.19
CA VAL E 404 4.59 -29.45 -16.61
C VAL E 404 4.50 -28.15 -17.38
N GLU E 405 4.74 -28.23 -18.68
CA GLU E 405 4.69 -27.07 -19.57
C GLU E 405 3.49 -27.18 -20.50
N THR E 406 2.82 -26.05 -20.74
CA THR E 406 1.58 -26.00 -21.48
C THR E 406 1.75 -25.17 -22.75
N ASP E 407 0.88 -25.45 -23.72
CA ASP E 407 0.83 -24.72 -25.00
C ASP E 407 2.19 -24.81 -25.72
N THR E 408 2.53 -26.04 -26.13
CA THR E 408 3.77 -26.31 -26.83
C THR E 408 3.58 -26.70 -28.27
N TYR E 409 2.35 -26.64 -28.80
CA TYR E 409 2.07 -27.05 -30.17
C TYR E 409 1.58 -25.85 -30.96
N PRO E 410 2.44 -25.20 -31.76
CA PRO E 410 2.02 -24.00 -32.49
C PRO E 410 1.10 -24.26 -33.67
N ASP E 411 0.94 -25.52 -34.09
CA ASP E 411 0.13 -25.86 -35.24
C ASP E 411 -1.29 -26.25 -34.87
N LYS E 412 -1.77 -25.78 -33.72
CA LYS E 412 -3.09 -26.12 -33.21
C LYS E 412 -3.88 -24.84 -32.95
N LEU E 413 -5.19 -24.92 -33.15
CA LEU E 413 -6.07 -23.77 -32.93
C LEU E 413 -7.19 -24.21 -31.98
N PRO E 414 -7.18 -23.77 -30.72
CA PRO E 414 -8.15 -24.29 -29.74
C PRO E 414 -9.45 -23.50 -29.76
N PHE E 415 -10.54 -24.18 -30.10
CA PHE E 415 -11.90 -23.71 -29.87
C PHE E 415 -12.43 -24.29 -28.58
N LYS E 416 -13.53 -23.71 -28.09
CA LYS E 416 -14.07 -24.05 -26.78
C LYS E 416 -14.54 -25.50 -26.68
N ASN E 417 -14.72 -26.21 -27.80
CA ASN E 417 -15.13 -27.60 -27.76
C ASN E 417 -14.03 -28.56 -28.22
N GLY E 418 -12.83 -28.05 -28.49
CA GLY E 418 -11.75 -28.92 -28.90
C GLY E 418 -10.75 -28.15 -29.74
N VAL E 419 -9.69 -28.85 -30.11
CA VAL E 419 -8.58 -28.23 -30.83
C VAL E 419 -8.64 -28.66 -32.29
N LEU E 420 -8.52 -27.69 -33.19
CA LEU E 420 -8.50 -27.92 -34.62
C LEU E 420 -7.06 -28.01 -35.09
N ASP E 421 -6.78 -29.02 -35.91
CA ASP E 421 -5.44 -29.25 -36.44
C ASP E 421 -5.27 -28.53 -37.76
N LEU E 422 -4.10 -27.91 -37.94
CA LEU E 422 -3.82 -27.11 -39.12
C LEU E 422 -3.08 -27.86 -40.21
N VAL E 423 -2.61 -29.08 -39.95
CA VAL E 423 -1.89 -29.83 -40.97
C VAL E 423 -2.84 -30.26 -42.09
N ASP E 424 -4.01 -30.77 -41.74
CA ASP E 424 -4.99 -31.21 -42.73
C ASP E 424 -6.35 -30.55 -42.55
N GLY E 425 -6.76 -30.30 -41.32
CA GLY E 425 -8.06 -29.71 -41.06
C GLY E 425 -8.94 -30.58 -40.19
N MET E 426 -8.34 -31.56 -39.54
CA MET E 426 -9.08 -32.42 -38.61
C MET E 426 -9.38 -31.67 -37.33
N PHE E 427 -10.60 -31.84 -36.82
CA PHE E 427 -11.04 -31.20 -35.59
C PHE E 427 -11.15 -32.25 -34.50
N TYR E 428 -10.49 -32.00 -33.37
CA TYR E 428 -10.44 -32.96 -32.28
C TYR E 428 -11.44 -32.56 -31.19
N SER E 429 -12.31 -33.50 -30.82
CA SER E 429 -13.25 -33.29 -29.73
C SER E 429 -13.22 -34.51 -28.82
N GLY E 430 -13.28 -34.26 -27.52
CA GLY E 430 -13.18 -35.31 -26.54
C GLY E 430 -11.79 -35.37 -25.93
N ASP E 431 -11.40 -36.60 -25.56
CA ASP E 431 -10.09 -36.80 -24.94
C ASP E 431 -8.95 -36.53 -25.91
N ASP E 432 -9.20 -36.71 -27.22
CA ASP E 432 -8.16 -36.46 -28.22
C ASP E 432 -7.67 -35.01 -28.15
N ALA E 433 -8.56 -34.09 -27.81
CA ALA E 433 -8.15 -32.70 -27.56
C ALA E 433 -7.74 -32.52 -26.11
N LYS E 434 -6.87 -33.40 -25.63
CA LYS E 434 -6.37 -33.35 -24.28
C LYS E 434 -4.85 -33.34 -24.21
N LYS E 435 -4.18 -34.05 -25.12
CA LYS E 435 -2.72 -34.11 -25.09
C LYS E 435 -2.10 -32.74 -25.32
N TYR E 436 -2.64 -31.97 -26.26
CA TYR E 436 -2.21 -30.58 -26.46
C TYR E 436 -2.87 -29.74 -25.38
N THR E 437 -2.16 -29.53 -24.28
CA THR E 437 -2.70 -28.77 -23.15
C THR E 437 -2.73 -27.29 -23.53
N CYS E 438 -3.82 -26.91 -24.20
CA CYS E 438 -4.03 -25.53 -24.64
C CYS E 438 -4.92 -24.84 -23.61
N THR E 439 -4.29 -24.09 -22.71
CA THR E 439 -5.04 -23.41 -21.65
C THR E 439 -5.84 -22.22 -22.16
N VAL E 440 -5.53 -21.71 -23.34
CA VAL E 440 -6.26 -20.60 -23.93
C VAL E 440 -7.14 -21.13 -25.06
N SER E 441 -8.10 -20.32 -25.49
CA SER E 441 -9.00 -20.70 -26.56
C SER E 441 -9.52 -19.44 -27.23
N THR E 442 -10.11 -19.65 -28.42
CA THR E 442 -10.66 -18.53 -29.17
C THR E 442 -11.88 -17.93 -28.49
N GLY E 443 -12.56 -18.68 -27.62
CA GLY E 443 -13.67 -18.21 -26.84
C GLY E 443 -15.02 -18.58 -27.40
N PHE E 444 -15.12 -18.81 -28.71
CA PHE E 444 -16.38 -19.16 -29.34
C PHE E 444 -16.38 -20.62 -29.78
N LYS E 445 -17.59 -21.14 -30.00
CA LYS E 445 -17.81 -22.52 -30.34
C LYS E 445 -17.45 -22.78 -31.80
N PHE E 446 -17.23 -24.04 -32.12
CA PHE E 446 -16.95 -24.47 -33.48
C PHE E 446 -18.20 -25.08 -34.11
N ASP E 447 -18.28 -24.99 -35.43
CA ASP E 447 -19.43 -25.48 -36.19
C ASP E 447 -18.95 -26.05 -37.51
N ASP E 448 -19.53 -27.18 -37.92
CA ASP E 448 -19.11 -27.88 -39.12
C ASP E 448 -20.05 -27.67 -40.30
N THR E 449 -21.34 -27.45 -40.05
CA THR E 449 -22.27 -27.21 -41.15
C THR E 449 -22.01 -25.87 -41.84
N LYS E 450 -21.22 -24.99 -41.24
CA LYS E 450 -20.85 -23.72 -41.86
C LYS E 450 -19.42 -23.67 -42.32
N PHE E 451 -18.57 -24.62 -41.89
CA PHE E 451 -17.17 -24.67 -42.30
C PHE E 451 -17.07 -25.39 -43.65
N VAL E 452 -17.52 -24.70 -44.69
CA VAL E 452 -17.56 -25.25 -46.05
C VAL E 452 -17.00 -24.21 -47.01
N GLU E 453 -16.25 -24.68 -48.01
CA GLU E 453 -15.69 -23.78 -49.02
C GLU E 453 -16.80 -23.13 -49.84
N ASP E 454 -17.62 -23.93 -50.50
CA ASP E 454 -18.71 -23.41 -51.32
C ASP E 454 -19.86 -23.00 -50.39
N SER E 455 -20.12 -21.70 -50.33
CA SER E 455 -21.16 -21.17 -49.46
C SER E 455 -21.64 -19.84 -50.04
N PRO E 456 -22.89 -19.47 -49.78
CA PRO E 456 -23.37 -18.15 -50.25
C PRO E 456 -22.68 -16.97 -49.60
N GLU E 457 -22.01 -17.17 -48.46
CA GLU E 457 -21.30 -16.10 -47.76
C GLU E 457 -19.89 -15.87 -48.27
N MET E 458 -19.19 -16.93 -48.66
CA MET E 458 -17.84 -16.76 -49.17
C MET E 458 -17.82 -15.93 -50.45
N GLU E 459 -18.78 -16.17 -51.35
CA GLU E 459 -18.84 -15.41 -52.59
C GLU E 459 -19.09 -13.92 -52.33
N GLU E 460 -20.02 -13.60 -51.42
CA GLU E 460 -20.25 -12.20 -51.09
C GLU E 460 -19.14 -11.62 -50.23
N LEU E 461 -18.25 -12.45 -49.69
CA LEU E 461 -17.03 -11.98 -49.04
C LEU E 461 -15.81 -12.07 -49.94
N MET E 462 -15.91 -12.79 -51.05
CA MET E 462 -14.80 -12.95 -51.98
C MET E 462 -14.47 -11.66 -52.71
N ASN E 463 -15.36 -10.67 -52.66
CA ASN E 463 -15.15 -9.41 -53.35
C ASN E 463 -14.55 -8.31 -52.47
N ILE E 464 -14.79 -8.35 -51.17
CA ILE E 464 -14.15 -7.40 -50.27
C ILE E 464 -12.63 -7.55 -50.26
N ILE E 465 -12.13 -8.78 -50.33
CA ILE E 465 -10.69 -8.97 -50.40
C ILE E 465 -10.14 -8.51 -51.74
N ASN E 466 -10.95 -8.56 -52.80
CA ASN E 466 -10.47 -8.23 -54.14
C ASN E 466 -10.44 -6.74 -54.42
N ASP E 467 -11.10 -5.91 -53.60
CA ASP E 467 -10.99 -4.47 -53.80
C ASP E 467 -9.85 -3.89 -52.99
N ILE E 468 -9.68 -4.35 -51.74
CA ILE E 468 -8.56 -3.88 -50.93
C ILE E 468 -7.24 -4.27 -51.56
N GLN E 469 -7.15 -5.51 -52.06
CA GLN E 469 -5.96 -6.01 -52.75
C GLN E 469 -6.39 -6.62 -54.08
N PRO E 470 -6.49 -5.80 -55.13
CA PRO E 470 -6.82 -6.35 -56.45
C PRO E 470 -5.77 -7.35 -56.91
N LEU E 471 -6.24 -8.41 -57.56
CA LEU E 471 -5.38 -9.49 -58.03
C LEU E 471 -4.85 -9.24 -59.44
N THR E 472 -4.29 -8.05 -59.66
CA THR E 472 -3.69 -7.72 -60.93
C THR E 472 -2.21 -8.06 -60.92
N ASP E 473 -1.59 -7.96 -62.09
CA ASP E 473 -0.20 -8.42 -62.23
C ASP E 473 0.76 -7.64 -61.34
N GLU E 474 0.60 -6.32 -61.26
CA GLU E 474 1.47 -5.52 -60.41
C GLU E 474 1.13 -5.63 -58.94
N ASN E 475 -0.15 -5.73 -58.59
CA ASN E 475 -0.58 -5.82 -57.19
C ASN E 475 -0.73 -7.27 -56.75
N LYS E 476 0.30 -8.07 -56.96
CA LYS E 476 0.32 -9.46 -56.54
C LYS E 476 1.22 -9.71 -55.34
N LYS E 477 2.37 -9.05 -55.27
CA LYS E 477 3.25 -9.21 -54.11
C LYS E 477 2.62 -8.58 -52.87
N ASN E 478 1.94 -7.44 -53.03
CA ASN E 478 1.25 -6.83 -51.90
C ASN E 478 0.17 -7.75 -51.36
N ARG E 479 -0.62 -8.36 -52.26
CA ARG E 479 -1.62 -9.32 -51.82
C ARG E 479 -0.97 -10.54 -51.18
N GLU E 480 0.18 -10.97 -51.71
CA GLU E 480 0.88 -12.11 -51.11
C GLU E 480 1.31 -11.79 -49.68
N LEU E 481 1.86 -10.59 -49.45
CA LEU E 481 2.25 -10.21 -48.09
C LEU E 481 1.03 -10.10 -47.18
N TYR E 482 -0.07 -9.54 -47.70
CA TYR E 482 -1.33 -9.50 -46.97
C TYR E 482 -1.73 -10.90 -46.52
N GLU E 483 -1.73 -11.85 -47.45
CA GLU E 483 -2.09 -13.23 -47.13
C GLU E 483 -1.15 -13.82 -46.10
N LYS E 484 0.17 -13.61 -46.30
CA LYS E 484 1.16 -14.23 -45.43
C LYS E 484 1.03 -13.75 -44.00
N THR E 485 0.87 -12.43 -43.80
CA THR E 485 0.77 -11.93 -42.43
C THR E 485 -0.57 -12.30 -41.81
N LEU E 486 -1.68 -12.17 -42.55
CA LEU E 486 -2.97 -12.52 -41.98
C LEU E 486 -3.08 -14.00 -41.67
N SER E 487 -2.31 -14.85 -42.34
CA SER E 487 -2.27 -16.27 -42.00
C SER E 487 -1.27 -16.57 -40.90
N SER E 488 -0.17 -15.81 -40.82
CA SER E 488 0.77 -15.97 -39.72
C SER E 488 0.19 -15.51 -38.40
N CYS E 489 -0.86 -14.70 -38.42
CA CYS E 489 -1.55 -14.35 -37.19
C CYS E 489 -2.26 -15.55 -36.54
N LEU E 490 -2.14 -16.76 -37.11
CA LEU E 490 -2.83 -17.93 -36.59
C LEU E 490 -1.93 -18.89 -35.81
N CYS E 491 -0.62 -18.80 -35.97
CA CYS E 491 0.28 -19.80 -35.41
C CYS E 491 0.72 -19.42 -34.00
N GLY E 492 0.85 -20.43 -33.14
CA GLY E 492 1.21 -20.21 -31.76
C GLY E 492 2.70 -20.32 -31.46
N ALA E 493 3.51 -19.51 -32.13
CA ALA E 493 4.94 -19.46 -31.88
C ALA E 493 5.40 -18.01 -32.02
N THR E 494 6.69 -17.78 -31.84
CA THR E 494 7.25 -16.43 -31.84
C THR E 494 7.68 -16.06 -33.26
N LYS E 495 7.15 -14.95 -33.75
CA LYS E 495 7.37 -14.52 -35.13
C LYS E 495 8.26 -13.28 -35.13
N GLY E 496 9.30 -13.30 -35.95
CA GLY E 496 10.13 -12.11 -36.10
C GLY E 496 9.74 -11.27 -37.31
N CYS E 497 8.89 -10.26 -37.07
CA CYS E 497 8.53 -9.23 -38.04
C CYS E 497 7.56 -8.29 -37.34
N LEU E 498 7.46 -7.07 -37.86
CA LEU E 498 6.54 -6.07 -37.35
C LEU E 498 5.86 -5.35 -38.52
N THR E 499 5.31 -6.14 -39.46
CA THR E 499 4.75 -5.59 -40.69
C THR E 499 3.74 -4.48 -40.40
N PHE E 500 3.92 -3.36 -41.10
CA PHE E 500 3.10 -2.17 -40.92
C PHE E 500 1.95 -2.15 -41.91
N PHE E 501 0.94 -1.34 -41.59
CA PHE E 501 -0.20 -1.10 -42.47
C PHE E 501 -0.17 0.37 -42.84
N PHE E 502 0.29 0.67 -44.05
CA PHE E 502 0.49 2.04 -44.50
C PHE E 502 -0.71 2.51 -45.33
N GLY E 503 -1.24 3.67 -44.97
CA GLY E 503 -2.38 4.23 -45.65
C GLY E 503 -3.13 5.19 -44.76
N GLU E 504 -3.85 6.11 -45.41
CA GLU E 504 -4.63 7.11 -44.70
C GLU E 504 -6.06 6.62 -44.49
N THR E 505 -6.96 7.54 -44.14
CA THR E 505 -8.31 7.19 -43.73
C THR E 505 -9.06 6.49 -44.87
N ALA E 506 -9.91 5.53 -44.49
CA ALA E 506 -10.82 4.84 -45.41
C ALA E 506 -10.06 4.05 -46.46
N THR E 507 -8.99 3.37 -46.05
CA THR E 507 -8.24 2.46 -46.90
C THR E 507 -8.50 1.00 -46.57
N GLY E 508 -9.39 0.71 -45.63
CA GLY E 508 -9.70 -0.65 -45.27
C GLY E 508 -8.71 -1.30 -44.33
N LYS E 509 -8.10 -0.53 -43.43
CA LYS E 509 -7.18 -1.06 -42.44
C LYS E 509 -7.92 -1.59 -41.21
N SER E 510 -8.73 -0.72 -40.59
CA SER E 510 -9.60 -1.17 -39.52
C SER E 510 -10.57 -2.24 -40.00
N THR E 511 -10.91 -2.25 -41.29
CA THR E 511 -11.71 -3.33 -41.84
C THR E 511 -10.99 -4.67 -41.67
N THR E 512 -9.70 -4.72 -42.01
CA THR E 512 -8.94 -5.94 -41.81
C THR E 512 -8.81 -6.30 -40.34
N LYS E 513 -8.58 -5.30 -39.48
CA LYS E 513 -8.44 -5.63 -38.05
C LYS E 513 -9.74 -6.20 -37.48
N ARG E 514 -10.89 -5.63 -37.85
CA ARG E 514 -12.15 -6.19 -37.36
C ARG E 514 -12.44 -7.54 -37.99
N LEU E 515 -12.04 -7.75 -39.25
CA LEU E 515 -12.22 -9.05 -39.89
C LEU E 515 -11.45 -10.13 -39.14
N LEU E 516 -10.17 -9.89 -38.87
CA LEU E 516 -9.38 -10.91 -38.19
C LEU E 516 -9.73 -11.01 -36.70
N LYS E 517 -10.28 -9.96 -36.09
CA LYS E 517 -10.80 -10.08 -34.74
C LYS E 517 -12.03 -10.97 -34.70
N SER E 518 -12.94 -10.83 -35.67
CA SER E 518 -14.04 -11.76 -35.81
C SER E 518 -13.57 -13.16 -36.14
N ALA E 519 -12.41 -13.28 -36.79
CA ALA E 519 -11.87 -14.59 -37.13
C ALA E 519 -11.31 -15.32 -35.91
N ILE E 520 -10.29 -14.74 -35.27
CA ILE E 520 -9.54 -15.47 -34.26
C ILE E 520 -10.18 -15.39 -32.86
N GLY E 521 -10.96 -14.34 -32.58
CA GLY E 521 -11.67 -14.26 -31.32
C GLY E 521 -10.83 -13.79 -30.14
N ASP E 522 -10.79 -14.61 -29.08
CA ASP E 522 -10.15 -14.21 -27.83
C ASP E 522 -8.63 -14.13 -27.93
N LEU E 523 -8.01 -14.78 -28.92
CA LEU E 523 -6.58 -14.68 -29.08
C LEU E 523 -6.21 -13.38 -29.79
N PHE E 524 -6.73 -12.27 -29.29
CA PHE E 524 -6.55 -10.96 -29.92
C PHE E 524 -6.62 -9.90 -28.83
N VAL E 525 -5.98 -8.76 -29.09
CA VAL E 525 -5.94 -7.67 -28.12
C VAL E 525 -5.67 -6.37 -28.86
N GLU E 526 -5.96 -5.25 -28.19
CA GLU E 526 -5.86 -3.93 -28.79
C GLU E 526 -5.18 -2.98 -27.81
N THR E 527 -4.25 -2.18 -28.31
CA THR E 527 -3.53 -1.21 -27.49
C THR E 527 -3.34 0.08 -28.27
N GLY E 528 -2.49 0.96 -27.74
CA GLY E 528 -2.22 2.25 -28.34
C GLY E 528 -0.73 2.50 -28.47
N GLN E 529 -0.35 3.76 -28.27
CA GLN E 529 1.03 4.19 -28.50
C GLN E 529 1.97 3.76 -27.37
N THR E 530 1.48 3.61 -26.15
CA THR E 530 2.32 3.41 -24.97
C THR E 530 3.24 2.19 -25.06
N ILE E 531 3.04 1.30 -26.03
CA ILE E 531 3.86 0.10 -26.14
C ILE E 531 5.03 0.26 -27.10
N LEU E 532 5.12 1.36 -27.84
CA LEU E 532 6.17 1.50 -28.84
C LEU E 532 7.04 2.73 -28.62
N THR E 533 6.45 3.83 -28.15
CA THR E 533 7.21 5.05 -27.93
C THR E 533 7.71 5.19 -26.50
N ASP E 534 7.12 4.47 -25.55
CA ASP E 534 7.57 4.48 -24.16
C ASP E 534 8.36 3.21 -23.87
N VAL E 535 9.60 3.38 -23.41
CA VAL E 535 10.46 2.24 -23.13
C VAL E 535 9.96 1.54 -21.86
N LEU E 536 9.89 0.21 -21.92
CA LEU E 536 9.25 -0.59 -20.88
C LEU E 536 10.07 -0.71 -19.60
N ASP E 537 11.18 0.00 -19.40
CA ASP E 537 11.94 -0.09 -18.16
C ASP E 537 11.70 1.09 -17.23
N LYS E 538 10.66 1.89 -17.50
CA LYS E 538 10.31 3.05 -16.68
C LYS E 538 9.00 2.75 -15.97
N GLY E 539 9.09 2.36 -14.70
CA GLY E 539 7.93 2.09 -13.89
C GLY E 539 7.18 0.84 -14.32
N PRO E 540 5.98 0.66 -13.81
CA PRO E 540 5.17 -0.50 -14.21
C PRO E 540 4.61 -0.33 -15.62
N ASN E 541 4.47 -1.47 -16.29
CA ASN E 541 3.86 -1.53 -17.61
C ASN E 541 2.55 -2.29 -17.51
N PRO E 542 1.40 -1.62 -17.58
CA PRO E 542 0.14 -2.36 -17.42
C PRO E 542 -0.12 -3.34 -18.56
N PHE E 543 0.13 -2.93 -19.80
CA PHE E 543 -0.15 -3.78 -20.95
C PHE E 543 1.12 -4.54 -21.35
N ILE E 544 1.69 -5.30 -20.42
CA ILE E 544 2.73 -6.27 -20.73
C ILE E 544 2.35 -7.67 -20.26
N ALA E 545 1.70 -7.76 -19.10
CA ALA E 545 1.20 -9.04 -18.62
C ALA E 545 0.04 -9.55 -19.45
N ASN E 546 -0.51 -8.75 -20.36
CA ASN E 546 -1.66 -9.13 -21.15
C ASN E 546 -1.30 -9.67 -22.53
N MET E 547 -0.01 -9.89 -22.80
CA MET E 547 0.41 -10.51 -24.04
C MET E 547 0.53 -12.02 -23.94
N HIS E 548 0.25 -12.61 -22.79
CA HIS E 548 0.60 -14.00 -22.55
C HIS E 548 -0.27 -14.93 -23.38
N LEU E 549 0.36 -15.63 -24.33
CA LEU E 549 -0.18 -16.71 -25.14
C LEU E 549 -1.16 -16.25 -26.22
N LYS E 550 -1.44 -14.96 -26.34
CA LYS E 550 -2.29 -14.49 -27.43
C LYS E 550 -1.49 -14.34 -28.71
N ARG E 551 -2.12 -14.65 -29.83
CA ARG E 551 -1.41 -14.86 -31.09
C ARG E 551 -1.46 -13.65 -32.03
N SER E 552 -2.07 -12.55 -31.63
CA SER E 552 -2.11 -11.37 -32.48
C SER E 552 -2.27 -10.11 -31.63
N VAL E 553 -1.53 -9.07 -31.99
CA VAL E 553 -1.55 -7.80 -31.28
C VAL E 553 -1.70 -6.68 -32.30
N PHE E 554 -2.65 -5.78 -32.06
CA PHE E 554 -2.81 -4.57 -32.84
C PHE E 554 -2.62 -3.36 -31.95
N CYS E 555 -2.00 -2.31 -32.50
CA CYS E 555 -1.65 -1.09 -31.78
C CYS E 555 -2.09 0.14 -32.56
N SER E 556 -3.35 0.13 -33.01
CA SER E 556 -3.87 1.21 -33.83
C SER E 556 -4.01 2.50 -33.02
N GLU E 557 -4.57 3.52 -33.68
CA GLU E 557 -4.69 4.87 -33.12
C GLU E 557 -3.31 5.50 -32.89
N LEU E 558 -2.50 5.50 -33.94
CA LEU E 558 -1.21 6.18 -33.88
C LEU E 558 -1.38 7.64 -34.33
N PRO E 559 -0.82 8.60 -33.59
CA PRO E 559 -1.01 10.01 -33.95
C PRO E 559 -0.25 10.40 -35.20
N ASP E 560 -0.35 11.67 -35.58
CA ASP E 560 0.30 12.15 -36.79
C ASP E 560 1.78 12.43 -36.55
N PHE E 561 2.56 12.37 -37.63
CA PHE E 561 3.98 12.66 -37.59
C PHE E 561 4.41 13.64 -38.67
N ALA E 562 3.47 14.27 -39.37
CA ALA E 562 3.81 15.24 -40.40
C ALA E 562 4.04 16.63 -39.80
N CYS E 563 3.11 17.09 -38.97
CA CYS E 563 3.22 18.40 -38.37
C CYS E 563 4.44 18.46 -37.44
N SER E 564 5.05 19.64 -37.38
CA SER E 564 6.26 19.81 -36.60
C SER E 564 5.98 19.60 -35.11
N GLY E 565 7.05 19.38 -34.35
CA GLY E 565 6.89 18.99 -32.96
C GLY E 565 6.28 17.62 -32.80
N SER E 566 6.71 16.65 -33.59
CA SER E 566 6.19 15.29 -33.55
C SER E 566 7.17 14.39 -32.82
N LYS E 567 6.66 13.60 -31.88
CA LYS E 567 7.51 12.71 -31.11
C LYS E 567 8.07 11.59 -31.99
N LYS E 568 9.23 11.08 -31.61
CA LYS E 568 9.93 10.05 -32.36
C LYS E 568 9.42 8.67 -31.98
N ILE E 569 9.65 7.71 -32.88
CA ILE E 569 9.35 6.30 -32.64
C ILE E 569 10.67 5.58 -32.44
N ARG E 570 10.83 4.94 -31.30
CA ARG E 570 12.08 4.26 -30.96
C ARG E 570 12.22 2.98 -31.77
N SER E 571 13.41 2.39 -31.71
CA SER E 571 13.74 1.23 -32.52
C SER E 571 14.11 -0.01 -31.73
N ASP E 572 14.47 0.10 -30.45
CA ASP E 572 14.87 -1.07 -29.69
C ASP E 572 13.74 -2.05 -29.48
N ASN E 573 12.56 -1.55 -29.11
CA ASN E 573 11.41 -2.42 -28.91
C ASN E 573 11.13 -3.24 -30.16
N ILE E 574 11.38 -2.67 -31.34
CA ILE E 574 11.12 -3.37 -32.59
C ILE E 574 11.90 -4.67 -32.67
N LYS E 575 13.10 -4.72 -32.08
CA LYS E 575 13.88 -5.95 -32.13
C LYS E 575 13.83 -6.76 -30.84
N LYS E 576 13.47 -6.16 -29.70
CA LYS E 576 13.36 -6.98 -28.50
C LYS E 576 11.97 -7.56 -28.29
N LEU E 577 10.98 -7.15 -29.08
CA LEU E 577 9.68 -7.81 -29.08
C LEU E 577 9.60 -8.97 -30.06
N THR E 578 10.76 -9.52 -30.45
CA THR E 578 10.84 -10.59 -31.44
C THR E 578 11.28 -11.91 -30.80
N GLU E 579 11.89 -11.85 -29.63
CA GLU E 579 12.36 -13.02 -28.91
C GLU E 579 11.22 -13.70 -28.15
N PRO E 580 11.32 -15.01 -27.88
CA PRO E 580 10.30 -15.71 -27.10
C PRO E 580 10.26 -15.24 -25.65
N ASN E 594 6.78 -13.48 -19.64
CA ASN E 594 5.62 -13.86 -20.43
C ASN E 594 6.04 -14.51 -21.74
N ARG E 595 5.20 -15.39 -22.26
CA ARG E 595 5.51 -16.13 -23.49
C ARG E 595 4.92 -15.37 -24.67
N ASN E 596 5.77 -14.99 -25.62
CA ASN E 596 5.34 -14.25 -26.80
C ASN E 596 4.96 -15.22 -27.91
N HIS E 597 3.72 -15.11 -28.40
CA HIS E 597 3.21 -15.94 -29.47
C HIS E 597 2.50 -15.12 -30.53
N ALA E 598 2.64 -13.81 -30.51
CA ALA E 598 1.79 -12.90 -31.28
C ALA E 598 2.49 -12.38 -32.52
N THR E 599 1.67 -11.94 -33.48
CA THR E 599 2.13 -11.25 -34.68
C THR E 599 1.77 -9.77 -34.49
N ILE E 600 2.77 -8.97 -34.15
CA ILE E 600 2.53 -7.56 -33.84
C ILE E 600 2.39 -6.79 -35.16
N ILE E 601 1.27 -6.09 -35.31
CA ILE E 601 1.01 -5.24 -36.46
C ILE E 601 0.76 -3.83 -35.96
N ILE E 602 1.52 -2.87 -36.46
CA ILE E 602 1.38 -1.47 -36.09
C ILE E 602 0.64 -0.76 -37.21
N ASP E 603 -0.56 -0.28 -36.91
CA ASP E 603 -1.44 0.36 -37.89
C ASP E 603 -1.33 1.87 -37.71
N THR E 604 -0.65 2.52 -38.65
CA THR E 604 -0.48 3.96 -38.66
C THR E 604 -1.17 4.59 -39.85
N ASN E 605 -1.52 5.87 -39.71
CA ASN E 605 -2.15 6.62 -40.79
C ASN E 605 -1.15 7.41 -41.62
N TYR E 606 0.05 7.66 -41.09
CA TYR E 606 1.09 8.38 -41.82
C TYR E 606 2.33 7.50 -41.90
N LYS E 607 3.40 8.01 -42.51
CA LYS E 607 4.68 7.32 -42.53
C LYS E 607 5.45 7.67 -41.27
N PRO E 608 5.69 6.72 -40.37
CA PRO E 608 6.39 7.04 -39.12
C PRO E 608 7.87 7.31 -39.36
N VAL E 609 8.48 7.96 -38.38
CA VAL E 609 9.91 8.26 -38.40
C VAL E 609 10.54 7.62 -37.18
N PHE E 610 11.64 6.90 -37.40
CA PHE E 610 12.29 6.16 -36.33
C PHE E 610 13.55 6.88 -35.87
N ASP E 611 14.17 6.33 -34.82
CA ASP E 611 15.35 6.96 -34.23
C ASP E 611 16.60 6.64 -35.06
N ARG E 612 16.96 5.37 -35.15
CA ARG E 612 18.10 4.94 -35.95
C ARG E 612 17.77 3.61 -36.62
N ILE E 613 18.12 3.50 -37.90
CA ILE E 613 17.75 2.38 -38.74
C ILE E 613 19.01 1.65 -39.19
N ASP E 614 19.00 0.32 -39.07
CA ASP E 614 20.14 -0.49 -39.46
C ASP E 614 19.63 -1.80 -40.06
N ASN E 615 20.58 -2.64 -40.48
CA ASN E 615 20.22 -3.90 -41.12
C ASN E 615 19.46 -4.82 -40.18
N ALA E 616 19.84 -4.83 -38.89
CA ALA E 616 19.17 -5.69 -37.93
C ALA E 616 17.68 -5.37 -37.85
N LEU E 617 17.34 -4.08 -37.81
CA LEU E 617 15.94 -3.68 -37.88
C LEU E 617 15.37 -3.95 -39.27
N MET E 618 16.17 -3.72 -40.32
CA MET E 618 15.68 -3.89 -41.69
C MET E 618 15.23 -5.32 -41.95
N ARG E 619 15.80 -6.29 -41.23
CA ARG E 619 15.34 -7.66 -41.31
C ARG E 619 14.28 -7.97 -40.25
N ARG E 620 13.62 -6.94 -39.71
CA ARG E 620 12.57 -7.15 -38.71
C ARG E 620 11.36 -6.27 -38.99
N ILE E 621 11.22 -5.75 -40.21
CA ILE E 621 10.14 -4.81 -40.53
C ILE E 621 9.64 -5.12 -41.93
N ALA E 622 8.34 -4.93 -42.13
CA ALA E 622 7.72 -5.06 -43.44
C ALA E 622 6.56 -4.08 -43.52
N VAL E 623 5.90 -4.05 -44.67
CA VAL E 623 4.80 -3.10 -44.89
C VAL E 623 3.86 -3.70 -45.93
N VAL E 624 2.56 -3.51 -45.70
CA VAL E 624 1.52 -3.91 -46.64
C VAL E 624 0.65 -2.67 -46.88
N ARG E 625 0.79 -2.06 -48.06
CA ARG E 625 0.05 -0.86 -48.39
C ARG E 625 -1.33 -1.21 -48.93
N PHE E 626 -2.29 -0.32 -48.67
CA PHE E 626 -3.64 -0.43 -49.21
C PHE E 626 -3.89 0.78 -50.10
N ARG E 627 -4.02 0.54 -51.40
CA ARG E 627 -4.06 1.62 -52.38
C ARG E 627 -5.37 1.62 -53.16
N THR E 628 -6.46 1.26 -52.50
CA THR E 628 -7.80 1.36 -53.09
C THR E 628 -8.74 1.98 -52.07
N HIS E 629 -9.37 3.09 -52.45
CA HIS E 629 -10.15 3.90 -51.52
C HIS E 629 -11.64 3.65 -51.70
N PHE E 630 -12.37 3.67 -50.59
CA PHE E 630 -13.83 3.59 -50.60
C PHE E 630 -14.40 4.97 -50.29
N SER E 631 -15.20 5.50 -51.21
CA SER E 631 -15.76 6.83 -51.09
C SER E 631 -17.27 6.78 -51.34
N GLN E 632 -17.97 7.69 -50.68
CA GLN E 632 -19.40 7.91 -50.88
C GLN E 632 -19.63 8.73 -52.14
N PRO E 633 -20.73 8.50 -52.87
CA PRO E 633 -20.99 9.29 -54.08
C PRO E 633 -21.07 10.78 -53.79
N SER E 634 -21.47 11.14 -52.57
CA SER E 634 -21.48 12.55 -52.17
C SER E 634 -20.06 13.10 -52.11
N GLY E 635 -19.07 12.27 -51.80
CA GLY E 635 -17.69 12.70 -51.78
C GLY E 635 -16.82 11.91 -52.73
N ARG E 636 -17.44 11.34 -53.77
CA ARG E 636 -16.73 10.50 -54.72
C ARG E 636 -15.65 11.29 -55.45
N GLU E 637 -16.06 12.29 -56.23
CA GLU E 637 -15.12 13.03 -57.07
C GLU E 637 -14.23 13.98 -56.29
N ALA E 638 -14.53 14.22 -55.01
CA ALA E 638 -13.62 15.01 -54.18
C ALA E 638 -12.30 14.27 -53.97
N ALA E 639 -12.40 13.00 -53.55
CA ALA E 639 -11.21 12.17 -53.39
C ALA E 639 -10.77 11.51 -54.68
N GLU E 640 -11.61 11.54 -55.73
CA GLU E 640 -11.17 11.04 -57.03
C GLU E 640 -10.09 11.90 -57.64
N ASN E 641 -10.05 13.20 -57.30
CA ASN E 641 -8.98 14.05 -57.81
C ASN E 641 -7.64 13.72 -57.17
N ASN E 642 -7.65 13.07 -56.00
CA ASN E 642 -6.41 12.70 -55.33
C ASN E 642 -5.65 11.66 -56.14
N ASP E 643 -4.32 11.71 -56.02
CA ASP E 643 -3.44 10.85 -56.81
C ASP E 643 -2.87 9.68 -56.02
N ALA E 644 -2.97 9.68 -54.69
CA ALA E 644 -2.42 8.58 -53.89
C ALA E 644 -3.19 7.28 -54.09
N TYR E 645 -4.49 7.36 -54.35
CA TYR E 645 -5.30 6.16 -54.56
C TYR E 645 -5.12 5.64 -55.98
N ASP E 646 -5.56 4.41 -56.19
CA ASP E 646 -5.52 3.79 -57.51
C ASP E 646 -6.87 3.29 -58.01
N LYS E 647 -7.85 3.09 -57.13
CA LYS E 647 -9.19 2.68 -57.54
C LYS E 647 -10.20 2.99 -56.45
N VAL E 648 -11.31 3.63 -56.83
CA VAL E 648 -12.31 4.09 -55.88
C VAL E 648 -13.55 3.22 -56.00
N LYS E 649 -14.12 2.86 -54.85
CA LYS E 649 -15.31 2.01 -54.82
C LYS E 649 -16.35 2.61 -53.88
N LEU E 650 -17.61 2.29 -54.17
CA LEU E 650 -18.74 2.85 -53.42
C LEU E 650 -18.65 2.45 -51.95
N LEU E 651 -18.90 3.43 -51.08
CA LEU E 651 -18.91 3.20 -49.64
C LEU E 651 -20.22 2.54 -49.22
N ASP E 652 -20.14 1.29 -48.79
CA ASP E 652 -21.28 0.57 -48.24
C ASP E 652 -21.12 0.56 -46.72
N GLU E 653 -21.84 1.45 -46.04
CA GLU E 653 -21.75 1.53 -44.59
C GLU E 653 -22.27 0.27 -43.91
N GLY E 654 -23.06 -0.54 -44.61
CA GLY E 654 -23.56 -1.78 -44.03
C GLY E 654 -22.49 -2.81 -43.73
N LEU E 655 -21.30 -2.67 -44.33
CA LEU E 655 -20.25 -3.65 -44.10
C LEU E 655 -19.91 -3.78 -42.63
N ASP E 656 -19.71 -2.64 -41.94
CA ASP E 656 -19.45 -2.66 -40.51
C ASP E 656 -20.56 -3.40 -39.77
N GLY E 657 -21.80 -3.25 -40.25
CA GLY E 657 -22.91 -3.97 -39.64
C GLY E 657 -22.85 -5.46 -39.84
N LYS E 658 -22.40 -5.91 -41.02
CA LYS E 658 -22.48 -7.33 -41.32
C LYS E 658 -21.24 -8.10 -40.85
N ILE E 659 -20.08 -7.45 -40.81
CA ILE E 659 -18.90 -8.15 -40.32
C ILE E 659 -18.88 -8.18 -38.79
N GLN E 660 -19.43 -7.16 -38.13
CA GLN E 660 -19.54 -7.21 -36.68
C GLN E 660 -20.52 -8.28 -36.23
N ASN E 661 -21.50 -8.62 -37.07
CA ASN E 661 -22.46 -9.67 -36.77
C ASN E 661 -21.86 -11.06 -36.81
N ASN E 662 -20.59 -11.18 -37.22
CA ASN E 662 -19.87 -12.46 -37.25
C ASN E 662 -20.48 -13.42 -38.26
N ARG E 663 -21.20 -12.89 -39.25
CA ARG E 663 -21.76 -13.73 -40.30
C ARG E 663 -20.67 -14.27 -41.22
N TYR E 664 -19.57 -13.54 -41.35
CA TYR E 664 -18.44 -13.94 -42.18
C TYR E 664 -17.31 -14.56 -41.38
N ARG E 665 -17.63 -15.15 -40.23
CA ARG E 665 -16.60 -15.71 -39.37
C ARG E 665 -15.97 -16.95 -40.01
N PHE E 666 -16.78 -17.95 -40.33
CA PHE E 666 -16.22 -19.24 -40.74
C PHE E 666 -15.67 -19.21 -42.16
N ALA E 667 -16.21 -18.35 -43.03
CA ALA E 667 -15.60 -18.18 -44.35
C ALA E 667 -14.19 -17.63 -44.22
N PHE E 668 -14.00 -16.64 -43.35
CA PHE E 668 -12.67 -16.11 -43.13
C PHE E 668 -11.78 -17.13 -42.45
N LEU E 669 -12.33 -17.94 -41.55
CA LEU E 669 -11.53 -19.02 -40.95
C LEU E 669 -11.04 -19.99 -42.01
N TYR E 670 -11.93 -20.39 -42.93
CA TYR E 670 -11.54 -21.30 -44.00
C TYR E 670 -10.47 -20.68 -44.88
N LEU E 671 -10.63 -19.39 -45.21
CA LEU E 671 -9.63 -18.72 -46.03
C LEU E 671 -8.27 -18.66 -45.32
N LEU E 672 -8.28 -18.38 -44.02
CA LEU E 672 -7.04 -18.32 -43.25
C LEU E 672 -6.37 -19.69 -43.18
N VAL E 673 -7.17 -20.74 -42.97
CA VAL E 673 -6.60 -22.09 -42.91
C VAL E 673 -6.01 -22.47 -44.27
N LYS E 674 -6.70 -22.14 -45.35
CA LYS E 674 -6.16 -22.43 -46.68
C LYS E 674 -4.88 -21.65 -46.94
N TRP E 675 -4.84 -20.39 -46.53
CA TRP E 675 -3.63 -19.58 -46.70
C TRP E 675 -2.46 -20.17 -45.91
N TYR E 676 -2.74 -20.63 -44.69
CA TYR E 676 -1.72 -21.30 -43.89
C TYR E 676 -1.23 -22.56 -44.57
N LYS E 677 -2.16 -23.36 -45.10
CA LYS E 677 -1.82 -24.56 -45.87
C LYS E 677 -1.03 -24.24 -47.12
N LYS E 678 -1.20 -23.04 -47.68
CA LYS E 678 -0.55 -22.66 -48.92
C LYS E 678 0.81 -21.99 -48.72
N TYR E 679 1.07 -21.39 -47.57
CA TYR E 679 2.31 -20.64 -47.41
C TYR E 679 3.18 -21.10 -46.24
N HIS E 680 2.56 -21.42 -45.11
CA HIS E 680 3.30 -21.56 -43.86
C HIS E 680 3.50 -22.98 -43.38
N ILE E 681 2.81 -23.96 -43.96
CA ILE E 681 2.91 -25.35 -43.51
C ILE E 681 4.34 -25.89 -43.61
N PRO E 682 5.08 -25.70 -44.73
CA PRO E 682 6.45 -26.24 -44.78
C PRO E 682 7.28 -25.78 -43.61
N ILE E 683 7.47 -24.48 -43.47
CA ILE E 683 8.06 -23.88 -42.27
C ILE E 683 7.28 -22.60 -41.97
N MET E 684 7.04 -22.36 -40.68
CA MET E 684 6.34 -21.16 -40.22
C MET E 684 7.39 -20.10 -39.88
N LYS E 685 7.46 -19.06 -40.71
CA LYS E 685 8.12 -17.81 -40.36
C LYS E 685 7.80 -16.79 -41.44
N LEU E 686 7.32 -15.61 -41.06
CA LEU E 686 6.96 -14.61 -42.03
C LEU E 686 8.16 -13.73 -42.36
N TYR E 687 8.38 -13.52 -43.65
CA TYR E 687 9.54 -12.77 -44.13
C TYR E 687 9.16 -11.31 -44.37
N GLY F 323 6.70 -43.93 22.97
CA GLY F 323 5.72 -43.33 23.85
C GLY F 323 4.84 -42.31 23.15
N ASN F 324 5.41 -41.67 22.13
CA ASN F 324 4.68 -40.68 21.33
C ASN F 324 5.27 -40.69 19.93
N LYS F 325 4.62 -41.40 19.02
CA LYS F 325 5.01 -41.31 17.62
C LYS F 325 4.37 -40.06 17.01
N LEU F 326 4.73 -39.79 15.75
CA LEU F 326 4.53 -38.51 15.07
C LEU F 326 5.53 -37.50 15.62
N PHE F 327 6.24 -37.88 16.69
CA PHE F 327 7.41 -37.15 17.16
C PHE F 327 8.71 -37.88 16.88
N ASN F 328 8.69 -39.22 16.92
CA ASN F 328 9.82 -39.99 16.43
C ASN F 328 9.94 -39.92 14.91
N ILE F 329 8.80 -39.81 14.22
CA ILE F 329 8.83 -39.62 12.77
C ILE F 329 9.48 -38.28 12.44
N ALA F 330 9.09 -37.22 13.15
CA ALA F 330 9.69 -35.91 12.93
C ALA F 330 11.16 -35.91 13.31
N GLN F 331 11.52 -36.59 14.40
CA GLN F 331 12.92 -36.69 14.78
C GLN F 331 13.74 -37.42 13.73
N ARG F 332 13.19 -38.47 13.13
CA ARG F 332 13.91 -39.19 12.09
C ARG F 332 14.03 -38.35 10.81
N ILE F 333 13.00 -37.58 10.48
CA ILE F 333 13.07 -36.70 9.32
C ILE F 333 14.13 -35.63 9.52
N LEU F 334 14.20 -35.08 10.73
CA LEU F 334 15.17 -34.02 11.00
C LEU F 334 16.61 -34.51 10.97
N ASP F 335 16.85 -35.82 10.96
CA ASP F 335 18.20 -36.35 10.89
C ASP F 335 18.76 -36.40 9.48
N THR F 336 17.91 -36.27 8.46
CA THR F 336 18.36 -36.29 7.07
C THR F 336 18.71 -34.90 6.55
N ASN F 337 18.47 -33.86 7.35
CA ASN F 337 18.81 -32.48 6.99
C ASN F 337 18.17 -32.08 5.65
N SER F 338 16.90 -32.43 5.48
CA SER F 338 16.15 -32.06 4.29
C SER F 338 15.35 -30.79 4.44
N VAL F 339 15.27 -30.23 5.65
CA VAL F 339 14.63 -28.94 5.90
C VAL F 339 15.62 -28.06 6.64
N LEU F 340 15.79 -26.83 6.18
CA LEU F 340 16.74 -25.90 6.79
C LEU F 340 16.08 -24.56 7.04
N LEU F 341 16.55 -23.87 8.07
CA LEU F 341 16.08 -22.53 8.40
C LEU F 341 17.13 -21.51 7.95
N THR F 342 16.72 -20.56 7.11
CA THR F 342 17.66 -19.62 6.51
C THR F 342 17.79 -18.36 7.37
N GLU F 343 18.61 -17.42 6.88
CA GLU F 343 18.82 -16.17 7.59
C GLU F 343 17.61 -15.24 7.49
N ARG F 344 16.76 -15.42 6.48
CA ARG F 344 15.61 -14.57 6.26
C ARG F 344 14.39 -15.02 7.05
N GLY F 345 14.49 -16.10 7.81
CA GLY F 345 13.39 -16.55 8.64
C GLY F 345 12.40 -17.47 7.96
N ASP F 346 12.76 -18.04 6.82
CA ASP F 346 11.88 -18.96 6.11
C ASP F 346 12.64 -20.23 5.76
N HIS F 347 11.91 -21.34 5.77
CA HIS F 347 12.53 -22.66 5.60
C HIS F 347 12.71 -22.99 4.13
N ILE F 348 13.74 -23.80 3.85
CA ILE F 348 14.00 -24.34 2.53
C ILE F 348 13.97 -25.85 2.60
N VAL F 349 13.40 -26.45 1.57
CA VAL F 349 13.15 -27.89 1.51
C VAL F 349 13.93 -28.48 0.35
N TRP F 350 14.49 -29.67 0.57
CA TRP F 350 15.28 -30.38 -0.43
C TRP F 350 14.41 -31.47 -1.03
N ILE F 351 13.89 -31.20 -2.22
CA ILE F 351 13.12 -32.20 -2.96
C ILE F 351 13.44 -32.04 -4.44
N ASN F 352 13.23 -33.10 -5.20
CA ASN F 352 13.54 -33.13 -6.63
C ASN F 352 14.99 -32.76 -6.90
N ASN F 353 15.88 -33.13 -5.97
CA ASN F 353 17.30 -32.81 -6.06
C ASN F 353 17.55 -31.31 -6.14
N SER F 354 16.75 -30.54 -5.40
CA SER F 354 16.95 -29.09 -5.38
C SER F 354 16.43 -28.52 -4.07
N TRP F 355 17.02 -27.39 -3.68
CA TRP F 355 16.57 -26.60 -2.54
C TRP F 355 15.57 -25.56 -3.02
N LYS F 356 14.40 -25.52 -2.41
CA LYS F 356 13.35 -24.59 -2.79
C LYS F 356 12.75 -23.92 -1.56
N PHE F 357 12.16 -22.74 -1.78
CA PHE F 357 11.71 -21.87 -0.71
C PHE F 357 10.26 -22.17 -0.33
N ASN F 358 9.98 -22.13 0.97
CA ASN F 358 8.66 -22.46 1.50
C ASN F 358 7.67 -21.31 1.46
N SER F 359 8.16 -20.07 1.38
CA SER F 359 7.26 -18.91 1.44
C SER F 359 6.28 -18.87 0.28
N GLU F 360 6.62 -19.48 -0.86
CA GLU F 360 5.75 -19.41 -2.03
C GLU F 360 4.63 -20.43 -1.94
N GLU F 361 4.98 -21.72 -1.92
CA GLU F 361 4.03 -22.80 -1.75
C GLU F 361 4.40 -23.62 -0.53
N PRO F 362 3.43 -23.96 0.31
CA PRO F 362 3.76 -24.77 1.50
C PRO F 362 4.21 -26.17 1.12
N LEU F 363 5.49 -26.49 1.32
CA LEU F 363 6.00 -27.78 0.85
C LEU F 363 6.92 -28.45 1.88
N ILE F 364 6.76 -28.13 3.17
CA ILE F 364 7.35 -29.00 4.18
C ILE F 364 6.61 -30.33 4.20
N THR F 365 5.29 -30.29 4.19
CA THR F 365 4.54 -31.47 3.76
C THR F 365 4.81 -31.73 2.29
N LYS F 366 4.48 -32.94 1.84
CA LYS F 366 4.77 -33.38 0.49
C LYS F 366 6.27 -33.67 0.34
N LEU F 367 7.04 -33.29 1.36
CA LEU F 367 8.34 -33.93 1.61
C LEU F 367 8.19 -35.11 2.55
N ILE F 368 7.28 -35.00 3.51
CA ILE F 368 6.95 -36.13 4.37
C ILE F 368 6.40 -37.28 3.54
N LEU F 369 5.48 -36.96 2.61
CA LEU F 369 4.95 -37.98 1.72
C LEU F 369 6.03 -38.58 0.83
N SER F 370 7.09 -37.81 0.55
CA SER F 370 8.17 -38.31 -0.29
C SER F 370 9.15 -39.15 0.52
N ILE F 371 9.52 -38.67 1.71
CA ILE F 371 10.43 -39.43 2.58
C ILE F 371 9.74 -40.58 3.29
N ARG F 372 8.44 -40.77 3.04
CA ARG F 372 7.68 -41.85 3.64
C ARG F 372 8.32 -43.22 3.42
N HIS F 373 8.93 -43.42 2.26
CA HIS F 373 9.45 -44.74 1.90
C HIS F 373 10.75 -45.09 2.61
N GLN F 374 11.50 -44.11 3.11
CA GLN F 374 12.74 -44.36 3.84
C GLN F 374 12.51 -44.53 5.33
N LEU F 375 11.34 -44.99 5.72
CA LEU F 375 10.93 -45.10 7.12
C LEU F 375 10.44 -46.52 7.37
N PRO F 376 10.44 -46.96 8.64
CA PRO F 376 9.91 -48.28 8.95
C PRO F 376 8.46 -48.44 8.49
N LYS F 377 8.04 -49.69 8.36
CA LYS F 377 6.72 -49.98 7.80
C LYS F 377 5.60 -49.43 8.68
N GLU F 378 5.71 -49.64 9.99
CA GLU F 378 4.69 -49.13 10.91
C GLU F 378 4.74 -47.63 11.07
N TYR F 379 5.82 -46.98 10.62
CA TYR F 379 5.90 -45.52 10.64
C TYR F 379 5.39 -44.90 9.35
N SER F 380 5.49 -45.61 8.23
CA SER F 380 5.11 -45.05 6.94
C SER F 380 3.61 -45.14 6.68
N SER F 381 2.87 -45.96 7.44
CA SER F 381 1.44 -46.06 7.24
C SER F 381 0.69 -44.86 7.80
N GLU F 382 1.23 -44.25 8.86
CA GLU F 382 0.58 -43.08 9.46
C GLU F 382 0.66 -41.85 8.57
N LEU F 383 1.59 -41.83 7.62
CA LEU F 383 1.79 -40.67 6.76
C LEU F 383 0.90 -40.69 5.53
N LEU F 384 0.02 -41.67 5.39
CA LEU F 384 -0.98 -41.67 4.32
C LEU F 384 -2.27 -41.03 4.79
N CYS F 385 -2.15 -39.86 5.42
CA CYS F 385 -3.32 -39.23 6.01
C CYS F 385 -3.01 -37.77 6.34
N PRO F 386 -3.81 -36.82 5.85
CA PRO F 386 -3.66 -35.43 6.31
C PRO F 386 -4.14 -35.30 7.74
N ARG F 387 -3.84 -34.15 8.33
CA ARG F 387 -4.13 -33.83 9.73
C ARG F 387 -3.17 -34.60 10.63
N LYS F 388 -2.42 -35.54 10.06
CA LYS F 388 -1.30 -36.17 10.73
C LYS F 388 0.04 -35.72 10.17
N ARG F 389 0.10 -35.38 8.88
CA ARG F 389 1.29 -34.73 8.33
C ARG F 389 1.41 -33.30 8.84
N LYS F 390 0.29 -32.65 9.17
CA LYS F 390 0.34 -31.32 9.74
C LYS F 390 0.92 -31.35 11.16
N THR F 391 0.58 -32.39 11.93
CA THR F 391 1.17 -32.56 13.25
C THR F 391 2.68 -32.77 13.16
N VAL F 392 3.11 -33.61 12.23
CA VAL F 392 4.54 -33.84 12.01
C VAL F 392 5.22 -32.55 11.61
N GLU F 393 4.58 -31.77 10.73
CA GLU F 393 5.17 -30.51 10.30
C GLU F 393 5.28 -29.52 11.46
N ALA F 394 4.27 -29.49 12.33
CA ALA F 394 4.34 -28.61 13.51
C ALA F 394 5.50 -29.00 14.41
N ASN F 395 5.66 -30.30 14.67
CA ASN F 395 6.78 -30.76 15.48
C ASN F 395 8.11 -30.42 14.84
N ILE F 396 8.20 -30.57 13.52
CA ILE F 396 9.43 -30.24 12.80
C ILE F 396 9.74 -28.75 12.92
N ARG F 397 8.73 -27.90 12.77
CA ARG F 397 8.95 -26.46 12.86
C ARG F 397 9.36 -26.04 14.26
N ASP F 398 8.83 -26.71 15.29
CA ASP F 398 9.20 -26.36 16.66
C ASP F 398 10.60 -26.84 17.04
N MET F 399 11.34 -27.47 16.12
CA MET F 399 12.65 -28.00 16.43
C MET F 399 13.80 -27.23 15.80
N LEU F 400 13.55 -26.46 14.75
CA LEU F 400 14.62 -25.74 14.05
C LEU F 400 14.81 -24.39 14.71
N VAL F 401 15.87 -24.26 15.49
CA VAL F 401 16.12 -23.03 16.25
C VAL F 401 17.21 -22.20 15.57
N ASP F 402 18.38 -22.80 15.35
CA ASP F 402 19.50 -22.09 14.75
C ASP F 402 19.38 -22.11 13.24
N SER F 403 19.86 -21.04 12.60
CA SER F 403 19.79 -20.91 11.16
C SER F 403 21.13 -21.27 10.52
N VAL F 404 21.13 -21.35 9.19
CA VAL F 404 22.31 -21.69 8.42
C VAL F 404 22.49 -20.67 7.31
N GLU F 405 23.70 -20.60 6.77
CA GLU F 405 24.03 -19.71 5.68
C GLU F 405 24.10 -20.48 4.37
N THR F 406 23.67 -19.83 3.30
CA THR F 406 23.55 -20.45 1.99
C THR F 406 24.49 -19.78 0.98
N ASP F 407 24.79 -20.53 -0.09
CA ASP F 407 25.61 -20.04 -1.20
C ASP F 407 26.99 -19.60 -0.72
N THR F 408 27.73 -20.55 -0.16
CA THR F 408 29.06 -20.29 0.37
C THR F 408 30.20 -20.78 -0.50
N TYR F 409 29.92 -21.67 -1.46
CA TYR F 409 30.97 -22.24 -2.31
C TYR F 409 30.98 -21.51 -3.65
N PRO F 410 32.04 -20.78 -3.98
CA PRO F 410 32.04 -20.02 -5.24
C PRO F 410 32.43 -20.83 -6.46
N ASP F 411 33.05 -21.99 -6.29
CA ASP F 411 33.55 -22.78 -7.41
C ASP F 411 32.63 -23.95 -7.76
N LYS F 412 31.32 -23.78 -7.59
CA LYS F 412 30.34 -24.78 -7.97
C LYS F 412 29.28 -24.14 -8.83
N LEU F 413 28.85 -24.85 -9.86
CA LEU F 413 27.83 -24.35 -10.79
C LEU F 413 26.56 -25.16 -10.60
N PRO F 414 25.50 -24.59 -10.04
CA PRO F 414 24.27 -25.37 -9.80
C PRO F 414 23.35 -25.43 -11.01
N PHE F 415 22.97 -26.64 -11.40
CA PHE F 415 22.01 -26.86 -12.46
C PHE F 415 20.66 -27.20 -11.86
N LYS F 416 19.71 -27.58 -12.72
CA LYS F 416 18.38 -27.95 -12.24
C LYS F 416 18.32 -29.39 -11.74
N ASN F 417 19.36 -30.19 -11.96
CA ASN F 417 19.35 -31.58 -11.52
C ASN F 417 20.70 -32.00 -10.96
N GLY F 418 21.46 -31.07 -10.39
CA GLY F 418 22.74 -31.41 -9.81
C GLY F 418 23.63 -30.20 -9.74
N VAL F 419 24.88 -30.46 -9.34
CA VAL F 419 25.89 -29.42 -9.17
C VAL F 419 27.17 -29.86 -9.88
N LEU F 420 27.71 -28.99 -10.72
CA LEU F 420 28.94 -29.25 -11.45
C LEU F 420 30.12 -28.63 -10.70
N ASP F 421 31.16 -29.42 -10.50
CA ASP F 421 32.37 -28.96 -9.82
C ASP F 421 33.31 -28.36 -10.87
N LEU F 422 33.69 -27.10 -10.68
CA LEU F 422 34.53 -26.41 -11.65
C LEU F 422 36.00 -26.72 -11.50
N VAL F 423 36.41 -27.36 -10.41
CA VAL F 423 37.82 -27.67 -10.22
C VAL F 423 38.20 -28.95 -10.94
N ASP F 424 37.37 -29.99 -10.81
CA ASP F 424 37.63 -31.28 -11.44
C ASP F 424 36.81 -31.51 -12.70
N GLY F 425 35.61 -30.95 -12.77
CA GLY F 425 34.70 -31.20 -13.88
C GLY F 425 33.67 -32.27 -13.62
N MET F 426 33.74 -32.96 -12.47
CA MET F 426 32.78 -34.00 -12.15
C MET F 426 31.43 -33.38 -11.80
N PHE F 427 30.36 -34.07 -12.18
CA PHE F 427 29.00 -33.60 -11.97
C PHE F 427 28.37 -34.44 -10.86
N TYR F 428 27.92 -33.79 -9.79
CA TYR F 428 27.34 -34.45 -8.64
C TYR F 428 25.82 -34.40 -8.71
N SER F 429 25.18 -35.50 -8.37
CA SER F 429 23.74 -35.61 -8.32
C SER F 429 23.34 -36.30 -7.03
N GLY F 430 22.07 -36.12 -6.65
CA GLY F 430 21.62 -36.73 -5.42
C GLY F 430 22.21 -36.03 -4.20
N ASP F 431 22.31 -36.79 -3.11
CA ASP F 431 22.78 -36.24 -1.86
C ASP F 431 24.24 -35.80 -1.92
N ASP F 432 24.98 -36.19 -2.97
CA ASP F 432 26.31 -35.65 -3.17
C ASP F 432 26.26 -34.15 -3.43
N ALA F 433 25.28 -33.70 -4.20
CA ALA F 433 25.10 -32.27 -4.48
C ALA F 433 24.14 -31.63 -3.49
N LYS F 434 24.39 -31.82 -2.21
CA LYS F 434 23.49 -31.35 -1.16
C LYS F 434 24.24 -30.55 -0.11
N LYS F 435 25.51 -30.90 0.11
CA LYS F 435 26.31 -30.20 1.10
C LYS F 435 26.51 -28.74 0.73
N TYR F 436 26.41 -28.41 -0.55
CA TYR F 436 26.47 -27.03 -1.01
C TYR F 436 25.05 -26.50 -1.09
N THR F 437 24.70 -25.61 -0.16
CA THR F 437 23.34 -25.06 -0.08
C THR F 437 23.18 -24.03 -1.19
N CYS F 438 22.99 -24.52 -2.41
CA CYS F 438 22.85 -23.68 -3.59
C CYS F 438 21.38 -23.39 -3.84
N THR F 439 20.98 -22.13 -3.69
CA THR F 439 19.60 -21.71 -3.89
C THR F 439 19.34 -21.11 -5.26
N VAL F 440 20.34 -21.07 -6.12
CA VAL F 440 20.19 -20.56 -7.47
C VAL F 440 20.46 -21.70 -8.45
N SER F 441 20.06 -21.50 -9.69
CA SER F 441 20.21 -22.54 -10.70
C SER F 441 20.29 -21.89 -12.08
N THR F 442 20.80 -22.68 -13.04
CA THR F 442 20.81 -22.23 -14.43
C THR F 442 19.41 -22.25 -15.02
N GLY F 443 18.52 -23.09 -14.49
CA GLY F 443 17.16 -23.20 -14.97
C GLY F 443 16.91 -24.39 -15.89
N PHE F 444 17.97 -24.98 -16.44
CA PHE F 444 17.84 -26.14 -17.31
C PHE F 444 18.66 -27.29 -16.76
N LYS F 445 18.29 -28.50 -17.19
CA LYS F 445 18.92 -29.72 -16.73
C LYS F 445 20.23 -29.97 -17.46
N PHE F 446 21.08 -30.78 -16.85
CA PHE F 446 22.39 -31.10 -17.40
C PHE F 446 22.28 -32.21 -18.45
N ASP F 447 23.38 -32.42 -19.18
CA ASP F 447 23.43 -33.45 -20.21
C ASP F 447 24.90 -33.85 -20.36
N ASP F 448 25.25 -35.01 -19.82
CA ASP F 448 26.63 -35.49 -19.92
C ASP F 448 26.97 -36.01 -21.31
N THR F 449 25.98 -36.54 -22.04
CA THR F 449 26.23 -37.00 -23.40
C THR F 449 26.60 -35.86 -24.33
N LYS F 450 26.14 -34.64 -24.07
CA LYS F 450 26.50 -33.49 -24.85
C LYS F 450 27.69 -32.72 -24.29
N PHE F 451 28.13 -33.03 -23.08
CA PHE F 451 29.26 -32.36 -22.45
C PHE F 451 30.58 -33.03 -22.83
N VAL F 452 30.81 -33.18 -24.13
CA VAL F 452 32.00 -33.85 -24.64
C VAL F 452 32.65 -32.96 -25.69
N GLU F 453 33.94 -33.19 -25.92
CA GLU F 453 34.72 -32.30 -26.79
C GLU F 453 34.32 -32.46 -28.26
N ASP F 454 34.51 -33.63 -28.86
CA ASP F 454 34.29 -33.79 -30.31
C ASP F 454 32.81 -34.03 -30.67
N SER F 455 32.22 -33.35 -31.71
CA SER F 455 30.77 -33.40 -32.09
C SER F 455 30.56 -32.56 -33.46
N PRO F 456 29.46 -32.70 -34.23
CA PRO F 456 29.25 -31.86 -35.40
C PRO F 456 28.77 -30.50 -34.87
N GLU F 457 29.19 -30.11 -33.66
CA GLU F 457 28.70 -28.87 -33.14
C GLU F 457 29.77 -28.09 -32.40
N MET F 458 30.81 -28.76 -31.89
CA MET F 458 31.89 -28.05 -31.22
C MET F 458 32.80 -27.34 -32.21
N GLU F 459 33.11 -27.97 -33.34
CA GLU F 459 33.93 -27.32 -34.36
C GLU F 459 33.20 -26.18 -35.06
N GLU F 460 31.88 -26.29 -35.22
CA GLU F 460 31.10 -25.13 -35.65
C GLU F 460 31.28 -23.98 -34.70
N LEU F 461 31.19 -24.24 -33.38
CA LEU F 461 31.35 -23.18 -32.39
C LEU F 461 32.76 -22.61 -32.43
N MET F 462 33.77 -23.47 -32.59
CA MET F 462 35.15 -22.98 -32.65
C MET F 462 35.37 -22.09 -33.87
N ASN F 463 34.76 -22.44 -35.01
CA ASN F 463 34.83 -21.58 -36.18
C ASN F 463 34.07 -20.26 -35.94
N ILE F 464 32.94 -20.33 -35.23
CA ILE F 464 32.18 -19.14 -34.89
C ILE F 464 33.00 -18.20 -34.01
N ILE F 465 33.78 -18.76 -33.10
CA ILE F 465 34.56 -17.95 -32.17
C ILE F 465 35.82 -17.41 -32.83
N ASN F 466 36.50 -18.24 -33.63
CA ASN F 466 37.82 -17.90 -34.14
C ASN F 466 37.81 -16.75 -35.14
N ASP F 467 36.66 -16.44 -35.75
CA ASP F 467 36.59 -15.29 -36.64
C ASP F 467 36.06 -14.04 -35.96
N ILE F 468 35.68 -14.13 -34.68
CA ILE F 468 35.37 -12.94 -33.90
C ILE F 468 36.61 -12.42 -33.18
N GLN F 469 37.44 -13.32 -32.67
CA GLN F 469 38.73 -12.98 -32.07
C GLN F 469 39.78 -13.87 -32.71
N PRO F 470 40.41 -13.42 -33.80
CA PRO F 470 41.39 -14.27 -34.50
C PRO F 470 42.56 -14.65 -33.60
N LEU F 471 43.10 -15.84 -33.85
CA LEU F 471 44.14 -16.43 -33.02
C LEU F 471 45.53 -15.94 -33.39
N THR F 472 45.64 -14.80 -34.07
CA THR F 472 46.94 -14.29 -34.46
C THR F 472 47.68 -13.73 -33.24
N ASP F 473 48.98 -13.49 -33.42
CA ASP F 473 49.78 -12.88 -32.37
C ASP F 473 49.55 -11.39 -32.22
N GLU F 474 49.00 -10.72 -33.24
CA GLU F 474 48.58 -9.33 -33.07
C GLU F 474 47.39 -9.24 -32.13
N ASN F 475 46.36 -10.07 -32.35
CA ASN F 475 45.20 -10.15 -31.47
C ASN F 475 45.38 -11.29 -30.46
N LYS F 476 46.43 -11.19 -29.66
CA LYS F 476 46.76 -12.22 -28.69
C LYS F 476 46.30 -11.89 -27.28
N LYS F 477 46.69 -10.71 -26.76
CA LYS F 477 46.28 -10.33 -25.41
C LYS F 477 44.79 -10.00 -25.35
N ASN F 478 44.24 -9.45 -26.43
CA ASN F 478 42.81 -9.21 -26.49
C ASN F 478 42.03 -10.52 -26.39
N ARG F 479 42.48 -11.55 -27.10
CA ARG F 479 41.86 -12.86 -26.99
C ARG F 479 41.97 -13.42 -25.57
N GLU F 480 43.13 -13.19 -24.94
CA GLU F 480 43.32 -13.64 -23.56
C GLU F 480 42.34 -12.98 -22.61
N LEU F 481 42.18 -11.65 -22.72
CA LEU F 481 41.24 -10.94 -21.87
C LEU F 481 39.81 -11.40 -22.13
N TYR F 482 39.47 -11.60 -23.41
CA TYR F 482 38.16 -12.13 -23.78
C TYR F 482 37.89 -13.45 -23.08
N GLU F 483 38.83 -14.39 -23.18
CA GLU F 483 38.67 -15.69 -22.55
C GLU F 483 38.56 -15.58 -21.04
N LYS F 484 39.39 -14.71 -20.44
CA LYS F 484 39.39 -14.58 -18.98
C LYS F 484 38.05 -14.07 -18.48
N THR F 485 37.50 -13.04 -19.13
CA THR F 485 36.21 -12.50 -18.71
C THR F 485 35.10 -13.53 -18.91
N LEU F 486 35.09 -14.20 -20.07
CA LEU F 486 34.02 -15.15 -20.34
C LEU F 486 34.05 -16.31 -19.36
N SER F 487 35.25 -16.79 -19.00
CA SER F 487 35.34 -17.87 -18.02
C SER F 487 35.04 -17.40 -16.61
N SER F 488 35.39 -16.15 -16.27
CA SER F 488 35.08 -15.62 -14.96
C SER F 488 33.59 -15.44 -14.75
N CYS F 489 32.82 -15.33 -15.83
CA CYS F 489 31.36 -15.29 -15.59
C CYS F 489 30.80 -16.61 -14.97
N LEU F 490 31.60 -17.62 -14.61
CA LEU F 490 31.12 -18.81 -13.93
C LEU F 490 31.30 -18.76 -12.42
N CYS F 491 32.26 -17.98 -11.94
CA CYS F 491 32.58 -17.96 -10.51
C CYS F 491 31.56 -17.15 -9.73
N GLY F 492 31.08 -17.71 -8.63
CA GLY F 492 30.16 -17.02 -7.75
C GLY F 492 30.86 -16.25 -6.65
N ALA F 493 31.54 -15.17 -7.01
CA ALA F 493 32.26 -14.36 -6.05
C ALA F 493 32.37 -12.94 -6.58
N THR F 494 32.67 -12.01 -5.68
CA THR F 494 32.71 -10.60 -6.04
C THR F 494 33.94 -10.30 -6.88
N LYS F 495 33.72 -9.64 -8.01
CA LYS F 495 34.78 -9.27 -8.94
C LYS F 495 34.83 -7.76 -9.05
N GLY F 496 36.00 -7.18 -8.79
CA GLY F 496 36.17 -5.76 -9.04
C GLY F 496 36.79 -5.47 -10.39
N CYS F 497 35.95 -5.22 -11.39
CA CYS F 497 36.35 -4.83 -12.73
C CYS F 497 35.09 -4.59 -13.55
N LEU F 498 35.22 -3.74 -14.57
CA LEU F 498 34.11 -3.23 -15.36
C LEU F 498 34.43 -3.33 -16.84
N THR F 499 34.81 -4.51 -17.29
CA THR F 499 35.24 -4.75 -18.66
C THR F 499 34.27 -4.17 -19.68
N PHE F 500 34.82 -3.49 -20.68
CA PHE F 500 34.07 -2.92 -21.79
C PHE F 500 34.23 -3.81 -23.02
N PHE F 501 33.17 -3.86 -23.83
CA PHE F 501 33.17 -4.60 -25.09
C PHE F 501 33.05 -3.58 -26.22
N PHE F 502 34.19 -3.05 -26.67
CA PHE F 502 34.19 -1.93 -27.60
C PHE F 502 34.43 -2.41 -29.02
N GLY F 503 33.51 -2.04 -29.91
CA GLY F 503 33.66 -2.36 -31.33
C GLY F 503 32.56 -1.70 -32.12
N GLU F 504 32.82 -1.55 -33.42
CA GLU F 504 31.85 -0.94 -34.30
C GLU F 504 30.66 -1.90 -34.50
N THR F 505 29.68 -1.44 -35.27
CA THR F 505 28.47 -2.24 -35.47
C THR F 505 28.77 -3.48 -36.33
N ALA F 506 27.96 -4.51 -36.12
CA ALA F 506 28.10 -5.79 -36.82
C ALA F 506 29.50 -6.39 -36.60
N THR F 507 29.90 -6.47 -35.33
CA THR F 507 31.20 -7.02 -34.97
C THR F 507 31.14 -8.31 -34.19
N GLY F 508 29.96 -8.73 -33.73
CA GLY F 508 29.80 -9.99 -33.04
C GLY F 508 29.63 -9.91 -31.54
N LYS F 509 29.46 -8.72 -30.97
CA LYS F 509 29.30 -8.60 -29.53
C LYS F 509 28.02 -9.27 -29.06
N SER F 510 26.90 -9.00 -29.76
CA SER F 510 25.64 -9.64 -29.40
C SER F 510 25.70 -11.15 -29.63
N THR F 511 26.53 -11.60 -30.56
CA THR F 511 26.70 -13.04 -30.76
C THR F 511 27.27 -13.68 -29.50
N THR F 512 28.32 -13.08 -28.93
CA THR F 512 28.87 -13.57 -27.67
C THR F 512 27.86 -13.45 -26.55
N LYS F 513 27.10 -12.36 -26.51
CA LYS F 513 26.11 -12.19 -25.45
C LYS F 513 25.07 -13.29 -25.49
N ARG F 514 24.55 -13.60 -26.68
CA ARG F 514 23.54 -14.65 -26.80
C ARG F 514 24.12 -16.03 -26.56
N LEU F 515 25.38 -16.26 -26.96
CA LEU F 515 26.03 -17.52 -26.64
C LEU F 515 26.14 -17.71 -25.13
N LEU F 516 26.56 -16.68 -24.43
CA LEU F 516 26.70 -16.76 -22.97
C LEU F 516 25.34 -16.96 -22.31
N LYS F 517 24.31 -16.26 -22.81
CA LYS F 517 22.98 -16.42 -22.25
C LYS F 517 22.47 -17.84 -22.45
N SER F 518 22.73 -18.43 -23.62
CA SER F 518 22.37 -19.82 -23.83
C SER F 518 23.17 -20.76 -22.94
N ALA F 519 24.42 -20.39 -22.61
CA ALA F 519 25.26 -21.27 -21.81
C ALA F 519 24.86 -21.28 -20.34
N ILE F 520 24.93 -20.13 -19.67
CA ILE F 520 24.71 -20.11 -18.23
C ILE F 520 23.26 -19.89 -17.82
N GLY F 521 22.38 -19.57 -18.77
CA GLY F 521 20.95 -19.61 -18.48
C GLY F 521 20.49 -18.54 -17.51
N ASP F 522 19.80 -18.96 -16.45
CA ASP F 522 19.12 -18.05 -15.55
C ASP F 522 20.06 -17.19 -14.72
N LEU F 523 21.33 -17.57 -14.58
CA LEU F 523 22.27 -16.73 -13.85
C LEU F 523 22.80 -15.64 -14.77
N PHE F 524 21.90 -14.94 -15.46
CA PHE F 524 22.26 -13.97 -16.47
C PHE F 524 21.22 -12.86 -16.47
N VAL F 525 21.67 -11.63 -16.67
CA VAL F 525 20.80 -10.46 -16.59
C VAL F 525 21.23 -9.45 -17.63
N GLU F 526 20.26 -8.86 -18.34
CA GLU F 526 20.49 -7.81 -19.30
C GLU F 526 19.73 -6.57 -18.82
N THR F 527 20.46 -5.56 -18.34
CA THR F 527 19.87 -4.36 -17.78
C THR F 527 20.02 -3.19 -18.75
N GLY F 528 19.57 -2.02 -18.30
CA GLY F 528 19.66 -0.81 -19.10
C GLY F 528 20.75 0.13 -18.63
N GLN F 529 20.78 1.30 -19.26
CA GLN F 529 21.80 2.31 -18.98
C GLN F 529 21.71 2.89 -17.58
N THR F 530 20.56 2.79 -16.91
CA THR F 530 20.29 3.57 -15.72
C THR F 530 21.23 3.25 -14.56
N ILE F 531 21.92 2.11 -14.56
CA ILE F 531 22.85 1.80 -13.48
C ILE F 531 24.20 2.49 -13.65
N LEU F 532 24.46 3.11 -14.79
CA LEU F 532 25.72 3.79 -15.04
C LEU F 532 25.60 5.31 -15.10
N THR F 533 24.38 5.84 -15.13
CA THR F 533 24.17 7.27 -15.30
C THR F 533 23.35 7.90 -14.18
N ASP F 534 22.47 7.13 -13.54
CA ASP F 534 21.59 7.67 -12.51
C ASP F 534 22.16 7.38 -11.12
N VAL F 535 21.46 7.89 -10.11
CA VAL F 535 21.84 7.66 -8.71
C VAL F 535 21.24 6.33 -8.27
N LEU F 536 21.94 5.65 -7.36
CA LEU F 536 21.61 4.28 -7.01
C LEU F 536 20.70 4.15 -5.78
N ASP F 537 20.69 5.14 -4.89
CA ASP F 537 19.92 5.01 -3.66
C ASP F 537 19.04 6.25 -3.42
N LYS F 538 18.39 6.73 -4.47
CA LYS F 538 17.38 7.78 -4.34
C LYS F 538 16.02 7.11 -4.53
N GLY F 539 15.41 6.72 -3.41
CA GLY F 539 14.20 5.95 -3.45
C GLY F 539 14.47 4.50 -3.80
N PRO F 540 13.44 3.79 -4.26
CA PRO F 540 13.63 2.41 -4.67
C PRO F 540 14.40 2.30 -5.98
N ASN F 541 15.04 1.15 -6.16
CA ASN F 541 15.80 0.86 -7.37
C ASN F 541 15.42 -0.54 -7.86
N PRO F 542 14.57 -0.63 -8.88
CA PRO F 542 14.15 -1.96 -9.36
C PRO F 542 15.28 -2.83 -9.86
N PHE F 543 16.29 -2.26 -10.52
CA PHE F 543 17.36 -3.08 -11.06
C PHE F 543 18.52 -3.21 -10.07
N ILE F 544 18.20 -3.50 -8.82
CA ILE F 544 19.21 -3.81 -7.81
C ILE F 544 18.84 -5.13 -7.16
N ALA F 545 17.55 -5.33 -6.89
CA ALA F 545 17.10 -6.52 -6.19
C ALA F 545 17.17 -7.76 -7.07
N ASN F 546 16.92 -7.62 -8.37
CA ASN F 546 17.04 -8.72 -9.31
C ASN F 546 18.49 -9.01 -9.68
N MET F 547 19.42 -8.16 -9.24
CA MET F 547 20.84 -8.35 -9.44
C MET F 547 21.47 -9.15 -8.31
N HIS F 548 20.65 -9.69 -7.41
CA HIS F 548 21.09 -10.46 -6.27
C HIS F 548 21.50 -11.86 -6.71
N LEU F 549 22.75 -12.24 -6.42
CA LEU F 549 23.31 -13.56 -6.66
C LEU F 549 23.42 -13.94 -8.13
N LYS F 550 23.21 -12.99 -9.04
CA LYS F 550 23.47 -13.26 -10.45
C LYS F 550 24.99 -13.31 -10.68
N ARG F 551 25.38 -14.03 -11.73
CA ARG F 551 26.79 -14.23 -12.02
C ARG F 551 27.27 -13.49 -13.27
N SER F 552 26.38 -12.85 -14.01
CA SER F 552 26.79 -12.08 -15.17
C SER F 552 25.73 -11.04 -15.47
N VAL F 553 26.17 -9.82 -15.75
CA VAL F 553 25.27 -8.70 -16.03
C VAL F 553 25.76 -8.01 -17.30
N PHE F 554 24.87 -7.87 -18.28
CA PHE F 554 25.16 -7.14 -19.51
C PHE F 554 24.42 -5.82 -19.51
N CYS F 555 25.07 -4.78 -20.04
CA CYS F 555 24.61 -3.40 -19.96
C CYS F 555 24.59 -2.76 -21.34
N SER F 556 23.98 -3.44 -22.31
CA SER F 556 23.96 -2.95 -23.68
C SER F 556 23.02 -1.76 -23.80
N GLU F 557 22.78 -1.33 -25.04
CA GLU F 557 21.97 -0.14 -25.36
C GLU F 557 22.63 1.14 -24.83
N LEU F 558 23.89 1.32 -25.19
CA LEU F 558 24.63 2.50 -24.76
C LEU F 558 24.46 3.63 -25.77
N PRO F 559 24.04 4.81 -25.36
CA PRO F 559 23.85 5.93 -26.29
C PRO F 559 25.19 6.55 -26.67
N ASP F 560 25.11 7.66 -27.39
CA ASP F 560 26.30 8.42 -27.77
C ASP F 560 26.62 9.44 -26.69
N PHE F 561 27.89 9.46 -26.27
CA PHE F 561 28.34 10.40 -25.26
C PHE F 561 29.15 11.56 -25.83
N ALA F 562 29.56 11.47 -27.09
CA ALA F 562 30.17 12.62 -27.76
C ALA F 562 29.14 13.67 -28.15
N CYS F 563 27.85 13.36 -28.01
CA CYS F 563 26.78 14.30 -28.36
C CYS F 563 26.72 15.42 -27.32
N SER F 564 25.90 16.43 -27.62
CA SER F 564 25.79 17.61 -26.77
C SER F 564 24.79 17.38 -25.64
N GLY F 565 25.21 17.69 -24.42
CA GLY F 565 24.34 17.64 -23.26
C GLY F 565 23.94 16.24 -22.83
N SER F 566 24.63 15.23 -23.37
CA SER F 566 24.31 13.85 -23.06
C SER F 566 24.78 13.50 -21.65
N LYS F 567 24.09 12.53 -21.04
CA LYS F 567 24.48 12.07 -19.71
C LYS F 567 25.81 11.34 -19.76
N LYS F 568 26.64 11.56 -18.75
CA LYS F 568 27.94 10.93 -18.65
C LYS F 568 27.91 9.79 -17.66
N ILE F 569 28.86 8.87 -17.81
CA ILE F 569 28.93 7.70 -16.95
C ILE F 569 29.40 8.14 -15.56
N ARG F 570 28.60 7.85 -14.55
CA ARG F 570 28.92 8.27 -13.18
C ARG F 570 30.06 7.42 -12.62
N SER F 571 31.17 8.08 -12.28
CA SER F 571 32.31 7.36 -11.73
C SER F 571 32.00 6.74 -10.38
N ASP F 572 31.19 7.43 -9.55
CA ASP F 572 30.79 6.85 -8.28
C ASP F 572 29.97 5.58 -8.48
N ASN F 573 29.18 5.52 -9.55
CA ASN F 573 28.47 4.29 -9.89
C ASN F 573 29.45 3.15 -10.17
N ILE F 574 30.53 3.45 -10.89
CA ILE F 574 31.56 2.45 -11.14
C ILE F 574 32.18 1.99 -9.82
N LYS F 575 32.44 2.94 -8.92
CA LYS F 575 33.05 2.59 -7.65
C LYS F 575 32.11 1.78 -6.77
N LYS F 576 30.80 1.95 -6.93
CA LYS F 576 29.84 1.26 -6.06
C LYS F 576 29.53 -0.15 -6.55
N LEU F 577 29.75 -0.42 -7.84
CA LEU F 577 29.32 -1.68 -8.45
C LEU F 577 30.40 -2.77 -8.39
N THR F 578 31.50 -2.53 -7.67
CA THR F 578 32.53 -3.55 -7.49
C THR F 578 32.61 -4.01 -6.03
N GLU F 579 31.82 -3.43 -5.14
CA GLU F 579 31.86 -3.83 -3.74
C GLU F 579 31.17 -5.18 -3.54
N PRO F 580 31.55 -5.92 -2.49
CA PRO F 580 30.87 -7.18 -2.19
C PRO F 580 29.41 -7.01 -1.82
N CYS F 581 28.98 -5.81 -1.43
CA CYS F 581 27.60 -5.57 -1.01
C CYS F 581 27.14 -4.25 -1.60
N VAL F 582 26.09 -4.29 -2.42
CA VAL F 582 25.52 -3.11 -3.06
C VAL F 582 24.33 -2.64 -2.25
N ILE F 583 24.27 -1.33 -2.01
CA ILE F 583 23.23 -0.73 -1.16
C ILE F 583 22.10 -0.24 -2.04
N GLY F 584 20.89 -0.71 -1.76
CA GLY F 584 19.70 -0.35 -2.51
C GLY F 584 18.56 -1.26 -2.17
N ARG F 585 17.35 -0.78 -2.44
CA ARG F 585 16.15 -1.50 -2.07
C ARG F 585 15.16 -1.50 -3.22
N PRO F 586 14.35 -2.54 -3.35
CA PRO F 586 13.27 -2.55 -4.33
C PRO F 586 12.04 -1.87 -3.77
N CYS F 587 10.98 -1.87 -4.56
CA CYS F 587 9.75 -1.20 -4.17
C CYS F 587 9.07 -1.94 -3.02
N PHE F 588 8.55 -1.17 -2.06
CA PHE F 588 7.78 -1.70 -0.93
C PHE F 588 8.58 -2.74 -0.14
N SER F 589 9.88 -2.48 0.04
CA SER F 589 10.75 -3.43 0.72
C SER F 589 11.61 -2.70 1.75
N ASN F 590 11.84 -3.36 2.87
CA ASN F 590 12.69 -2.85 3.94
C ASN F 590 14.11 -3.39 3.90
N LYS F 591 14.40 -4.30 2.98
CA LYS F 591 15.70 -4.95 2.92
C LYS F 591 16.66 -4.13 2.07
N ILE F 592 17.75 -3.66 2.68
CA ILE F 592 18.75 -2.91 1.93
C ILE F 592 20.12 -3.60 2.02
N ASN F 593 20.34 -4.58 1.17
CA ASN F 593 21.63 -5.23 1.00
C ASN F 593 21.55 -6.28 -0.10
N ASN F 594 22.64 -6.46 -0.84
CA ASN F 594 22.66 -7.45 -1.91
C ASN F 594 24.05 -8.06 -1.98
N ARG F 595 24.11 -9.35 -2.29
CA ARG F 595 25.37 -10.04 -2.48
C ARG F 595 25.77 -9.94 -3.94
N ASN F 596 26.94 -9.37 -4.19
CA ASN F 596 27.40 -9.07 -5.54
C ASN F 596 28.29 -10.21 -6.03
N HIS F 597 27.78 -11.00 -6.97
CA HIS F 597 28.53 -12.08 -7.60
C HIS F 597 28.69 -11.89 -9.09
N ALA F 598 28.38 -10.71 -9.62
CA ALA F 598 28.20 -10.52 -11.05
C ALA F 598 29.50 -10.08 -11.72
N THR F 599 29.57 -10.37 -13.02
CA THR F 599 30.65 -9.90 -13.90
C THR F 599 30.01 -8.90 -14.85
N ILE F 600 30.06 -7.62 -14.49
CA ILE F 600 29.37 -6.59 -15.26
C ILE F 600 30.17 -6.31 -16.52
N ILE F 601 29.50 -6.39 -17.67
CA ILE F 601 30.10 -6.10 -18.97
C ILE F 601 29.27 -5.00 -19.64
N ILE F 602 29.94 -3.95 -20.10
CA ILE F 602 29.29 -2.83 -20.75
C ILE F 602 29.50 -2.97 -22.26
N ASP F 603 28.39 -3.09 -22.99
CA ASP F 603 28.42 -3.26 -24.44
C ASP F 603 28.23 -1.87 -25.07
N THR F 604 29.35 -1.22 -25.38
CA THR F 604 29.35 0.12 -25.93
C THR F 604 29.65 0.09 -27.43
N ASN F 605 29.20 1.15 -28.11
CA ASN F 605 29.51 1.34 -29.52
C ASN F 605 30.46 2.50 -29.78
N TYR F 606 30.57 3.43 -28.85
CA TYR F 606 31.50 4.55 -28.95
C TYR F 606 32.46 4.49 -27.77
N LYS F 607 33.56 5.22 -27.88
CA LYS F 607 34.55 5.25 -26.81
C LYS F 607 33.93 5.89 -25.56
N PRO F 608 33.97 5.21 -24.41
CA PRO F 608 33.31 5.75 -23.22
C PRO F 608 34.03 6.94 -22.65
N VAL F 609 33.26 7.92 -22.19
CA VAL F 609 33.77 9.08 -21.47
C VAL F 609 32.97 9.22 -20.18
N PHE F 610 33.65 9.62 -19.11
CA PHE F 610 33.10 9.57 -17.77
C PHE F 610 32.86 10.96 -17.20
N ASP F 611 32.19 11.00 -16.05
CA ASP F 611 32.03 12.25 -15.31
C ASP F 611 33.37 12.87 -15.01
N ARG F 612 34.18 12.20 -14.20
CA ARG F 612 35.53 12.65 -13.86
C ARG F 612 36.46 11.46 -13.94
N ILE F 613 37.76 11.76 -14.08
CA ILE F 613 38.79 10.74 -14.15
C ILE F 613 39.71 10.92 -12.94
N ASP F 614 39.94 9.82 -12.23
CA ASP F 614 40.87 9.82 -11.10
C ASP F 614 41.56 8.47 -11.05
N ASN F 615 42.46 8.32 -10.08
CA ASN F 615 43.19 7.06 -9.93
C ASN F 615 42.29 5.93 -9.47
N ALA F 616 41.15 6.24 -8.85
CA ALA F 616 40.23 5.22 -8.39
C ALA F 616 39.32 4.69 -9.49
N LEU F 617 39.26 5.37 -10.63
CA LEU F 617 38.48 4.91 -11.77
C LEU F 617 39.29 4.08 -12.75
N MET F 618 40.54 4.48 -13.02
CA MET F 618 41.41 3.69 -13.90
C MET F 618 41.74 2.34 -13.28
N ARG F 619 41.45 2.16 -12.00
CA ARG F 619 41.74 0.94 -11.26
C ARG F 619 40.66 -0.13 -11.41
N ARG F 620 39.54 0.18 -12.09
CA ARG F 620 38.42 -0.74 -12.18
C ARG F 620 37.88 -0.82 -13.60
N ILE F 621 38.75 -0.71 -14.61
CA ILE F 621 38.30 -0.69 -15.99
C ILE F 621 39.22 -1.54 -16.85
N ALA F 622 38.63 -2.36 -17.72
CA ALA F 622 39.34 -3.06 -18.78
C ALA F 622 38.53 -2.93 -20.07
N VAL F 623 39.22 -3.05 -21.21
CA VAL F 623 38.60 -2.91 -22.51
C VAL F 623 38.99 -4.09 -23.39
N VAL F 624 38.02 -4.61 -24.16
CA VAL F 624 38.26 -5.62 -25.16
C VAL F 624 37.76 -5.09 -26.50
N ARG F 625 38.64 -5.13 -27.50
CA ARG F 625 38.35 -4.56 -28.82
C ARG F 625 37.84 -5.63 -29.77
N PHE F 626 36.83 -5.27 -30.55
CA PHE F 626 36.23 -6.14 -31.55
C PHE F 626 36.48 -5.52 -32.91
N ARG F 627 37.36 -6.12 -33.71
CA ARG F 627 37.85 -5.52 -34.94
C ARG F 627 37.64 -6.45 -36.13
N THR F 628 36.42 -6.96 -36.27
CA THR F 628 36.08 -7.81 -37.41
C THR F 628 34.63 -7.56 -37.78
N HIS F 629 34.39 -7.23 -39.05
CA HIS F 629 33.06 -6.89 -39.55
C HIS F 629 32.46 -8.07 -40.30
N PHE F 630 31.13 -8.18 -40.22
CA PHE F 630 30.38 -9.21 -40.92
C PHE F 630 29.29 -8.53 -41.74
N SER F 631 29.45 -8.53 -43.06
CA SER F 631 28.56 -7.79 -43.95
C SER F 631 28.10 -8.67 -45.09
N GLN F 632 26.90 -8.37 -45.58
CA GLN F 632 26.35 -9.02 -46.76
C GLN F 632 27.09 -8.52 -48.00
N PRO F 633 27.00 -9.24 -49.12
CA PRO F 633 27.69 -8.78 -50.34
C PRO F 633 27.25 -7.43 -50.85
N SER F 634 26.17 -6.85 -50.30
CA SER F 634 25.72 -5.53 -50.73
C SER F 634 26.78 -4.47 -50.44
N GLY F 635 27.13 -4.29 -49.17
CA GLY F 635 28.09 -3.27 -48.79
C GLY F 635 29.45 -3.83 -48.41
N ARG F 636 29.88 -4.88 -49.10
CA ARG F 636 31.15 -5.52 -48.78
C ARG F 636 32.33 -4.61 -49.05
N GLU F 637 32.40 -4.04 -50.26
CA GLU F 637 33.55 -3.23 -50.62
C GLU F 637 33.53 -1.87 -49.94
N ALA F 638 32.34 -1.35 -49.60
CA ALA F 638 32.26 -0.12 -48.84
C ALA F 638 32.89 -0.27 -47.47
N ALA F 639 32.66 -1.41 -46.81
CA ALA F 639 33.30 -1.69 -45.53
C ALA F 639 34.75 -2.16 -45.70
N GLU F 640 35.13 -2.62 -46.90
CA GLU F 640 36.50 -3.05 -47.13
C GLU F 640 37.48 -1.90 -46.97
N ASN F 641 37.14 -0.72 -47.49
CA ASN F 641 38.03 0.43 -47.41
C ASN F 641 37.94 1.16 -46.08
N ASN F 642 37.02 0.75 -45.20
CA ASN F 642 36.97 1.29 -43.86
C ASN F 642 38.19 0.84 -43.05
N ASP F 643 38.66 1.73 -42.18
CA ASP F 643 39.85 1.46 -41.38
C ASP F 643 39.54 1.18 -39.92
N ALA F 644 38.27 1.01 -39.56
CA ALA F 644 37.92 0.64 -38.20
C ALA F 644 37.96 -0.87 -37.97
N TYR F 645 38.18 -1.66 -39.01
CA TYR F 645 38.19 -3.11 -38.92
C TYR F 645 39.57 -3.67 -39.27
N ASP F 646 39.71 -4.97 -39.06
CA ASP F 646 40.90 -5.70 -39.46
C ASP F 646 40.59 -6.91 -40.33
N LYS F 647 39.31 -7.21 -40.56
CA LYS F 647 38.88 -8.36 -41.33
C LYS F 647 37.40 -8.22 -41.62
N VAL F 648 36.99 -8.55 -42.84
CA VAL F 648 35.59 -8.49 -43.23
C VAL F 648 35.18 -9.87 -43.75
N LYS F 649 34.03 -10.35 -43.26
CA LYS F 649 33.51 -11.66 -43.64
C LYS F 649 32.05 -11.51 -44.03
N LEU F 650 31.46 -12.63 -44.45
CA LEU F 650 30.09 -12.65 -44.94
C LEU F 650 29.13 -13.00 -43.81
N LEU F 651 28.04 -12.26 -43.71
CA LEU F 651 27.07 -12.44 -42.64
C LEU F 651 26.25 -13.70 -42.89
N ASP F 652 26.07 -14.50 -41.85
CA ASP F 652 25.23 -15.69 -41.88
C ASP F 652 23.88 -15.36 -41.24
N GLU F 653 22.80 -15.76 -41.91
CA GLU F 653 21.46 -15.42 -41.46
C GLU F 653 20.85 -16.46 -40.53
N GLY F 654 21.20 -17.73 -40.67
CA GLY F 654 20.70 -18.73 -39.76
C GLY F 654 21.43 -18.82 -38.44
N LEU F 655 22.45 -17.99 -38.26
CA LEU F 655 23.27 -18.06 -37.05
C LEU F 655 22.45 -17.75 -35.80
N ASP F 656 21.69 -16.66 -35.83
CA ASP F 656 20.88 -16.29 -34.67
C ASP F 656 19.81 -17.33 -34.40
N GLY F 657 19.19 -17.87 -35.45
CA GLY F 657 18.19 -18.90 -35.26
C GLY F 657 18.77 -20.14 -34.62
N LYS F 658 19.96 -20.55 -35.05
CA LYS F 658 20.61 -21.71 -34.42
C LYS F 658 20.96 -21.42 -32.96
N ILE F 659 21.46 -20.21 -32.69
CA ILE F 659 21.85 -19.87 -31.32
C ILE F 659 20.63 -19.87 -30.39
N GLN F 660 19.54 -19.26 -30.84
CA GLN F 660 18.34 -19.18 -30.02
C GLN F 660 17.68 -20.53 -29.79
N ASN F 661 18.06 -21.56 -30.55
CA ASN F 661 17.53 -22.91 -30.35
C ASN F 661 18.44 -23.75 -29.47
N ASN F 662 19.25 -23.11 -28.63
CA ASN F 662 20.12 -23.79 -27.66
C ASN F 662 21.04 -24.79 -28.34
N ARG F 663 21.56 -24.41 -29.51
CA ARG F 663 22.45 -25.29 -30.25
C ARG F 663 23.79 -25.44 -29.54
N TYR F 664 24.53 -24.35 -29.38
CA TYR F 664 25.89 -24.39 -28.86
C TYR F 664 25.94 -24.19 -27.36
N ARG F 665 24.92 -24.67 -26.65
CA ARG F 665 24.86 -24.51 -25.21
C ARG F 665 25.96 -25.29 -24.51
N PHE F 666 25.99 -26.61 -24.69
CA PHE F 666 26.93 -27.43 -23.95
C PHE F 666 28.35 -27.34 -24.52
N ALA F 667 28.49 -27.07 -25.82
CA ALA F 667 29.82 -26.82 -26.37
C ALA F 667 30.43 -25.57 -25.74
N PHE F 668 29.64 -24.50 -25.65
CA PHE F 668 30.14 -23.29 -25.02
C PHE F 668 30.41 -23.51 -23.53
N LEU F 669 29.57 -24.30 -22.87
CA LEU F 669 29.81 -24.61 -21.46
C LEU F 669 31.14 -25.33 -21.29
N TYR F 670 31.42 -26.31 -22.16
CA TYR F 670 32.68 -27.02 -22.09
C TYR F 670 33.87 -26.09 -22.32
N LEU F 671 33.75 -25.19 -23.31
CA LEU F 671 34.82 -24.24 -23.57
C LEU F 671 35.06 -23.32 -22.38
N LEU F 672 33.98 -22.84 -21.76
CA LEU F 672 34.11 -21.96 -20.60
C LEU F 672 34.78 -22.68 -19.44
N VAL F 673 34.40 -23.93 -19.19
CA VAL F 673 35.03 -24.68 -18.11
C VAL F 673 36.51 -24.90 -18.40
N LYS F 674 36.85 -25.18 -19.65
CA LYS F 674 38.24 -25.38 -20.03
C LYS F 674 39.07 -24.11 -19.76
N TRP F 675 38.53 -22.95 -20.15
CA TRP F 675 39.25 -21.70 -19.87
C TRP F 675 39.32 -21.41 -18.38
N TYR F 676 38.26 -21.73 -17.64
CA TYR F 676 38.25 -21.47 -16.20
C TYR F 676 39.34 -22.26 -15.50
N LYS F 677 39.43 -23.56 -15.77
CA LYS F 677 40.57 -24.30 -15.22
C LYS F 677 41.80 -24.13 -16.09
N LYS F 678 42.05 -22.91 -16.55
CA LYS F 678 43.32 -22.46 -17.10
C LYS F 678 43.73 -21.08 -16.62
N TYR F 679 42.77 -20.20 -16.28
CA TYR F 679 43.10 -18.84 -15.86
C TYR F 679 42.86 -18.57 -14.39
N HIS F 680 41.85 -19.19 -13.77
CA HIS F 680 41.45 -18.83 -12.41
C HIS F 680 41.60 -19.98 -11.42
N ILE F 681 42.19 -21.11 -11.82
CA ILE F 681 42.20 -22.29 -10.96
C ILE F 681 43.11 -22.14 -9.73
N PRO F 682 44.22 -21.37 -9.76
CA PRO F 682 44.92 -21.12 -8.50
C PRO F 682 44.20 -20.09 -7.64
N ILE F 683 43.73 -19.02 -8.28
CA ILE F 683 43.08 -17.91 -7.60
C ILE F 683 42.34 -17.09 -8.64
N MET F 684 41.15 -16.63 -8.27
CA MET F 684 40.25 -15.94 -9.20
C MET F 684 40.34 -14.44 -8.95
N LYS F 685 40.75 -13.69 -9.99
CA LYS F 685 40.87 -12.25 -9.89
C LYS F 685 40.81 -11.65 -11.29
N LEU F 686 40.45 -10.36 -11.35
CA LEU F 686 40.39 -9.61 -12.59
C LEU F 686 41.31 -8.40 -12.50
N TYR F 687 41.92 -8.04 -13.62
CA TYR F 687 42.91 -6.96 -13.62
C TYR F 687 42.52 -5.87 -14.61
N PRO F 688 42.81 -4.61 -14.29
CA PRO F 688 42.45 -3.52 -15.19
C PRO F 688 43.49 -3.27 -16.27
N THR F 689 43.02 -2.69 -17.39
CA THR F 689 43.94 -2.36 -18.50
C THR F 689 43.68 -0.89 -18.90
N PRO F 690 44.05 0.10 -18.07
CA PRO F 690 43.73 1.50 -18.37
C PRO F 690 44.66 2.08 -19.44
N GLU F 691 44.63 1.50 -20.65
CA GLU F 691 45.53 1.91 -21.75
C GLU F 691 44.69 2.16 -23.01
#